data_4FGA
# 
_entry.id   4FGA 
# 
_audit_conform.dict_name       mmcif_pdbx.dic 
_audit_conform.dict_version    5.397 
_audit_conform.dict_location   http://mmcif.pdb.org/dictionaries/ascii/mmcif_pdbx.dic 
# 
loop_
_database_2.database_id 
_database_2.database_code 
_database_2.pdbx_database_accession 
_database_2.pdbx_DOI 
PDB   4FGA         pdb_00004fga 10.2210/pdb4fga/pdb 
RCSB  RCSB072864   ?            ?                   
WWPDB D_1000072864 ?            ?                   
# 
loop_
_pdbx_audit_revision_history.ordinal 
_pdbx_audit_revision_history.data_content_type 
_pdbx_audit_revision_history.major_revision 
_pdbx_audit_revision_history.minor_revision 
_pdbx_audit_revision_history.revision_date 
1 'Structure model' 1 0 2012-06-27 
2 'Structure model' 1 1 2023-11-08 
3 'Structure model' 1 2 2024-10-16 
# 
_pdbx_audit_revision_details.ordinal             1 
_pdbx_audit_revision_details.revision_ordinal    1 
_pdbx_audit_revision_details.data_content_type   'Structure model' 
_pdbx_audit_revision_details.provider            repository 
_pdbx_audit_revision_details.type                'Initial release' 
_pdbx_audit_revision_details.description         ? 
_pdbx_audit_revision_details.details             ? 
# 
loop_
_pdbx_audit_revision_group.ordinal 
_pdbx_audit_revision_group.revision_ordinal 
_pdbx_audit_revision_group.data_content_type 
_pdbx_audit_revision_group.group 
1 2 'Structure model' 'Data collection'        
2 2 'Structure model' 'Database references'    
3 2 'Structure model' 'Refinement description' 
4 3 'Structure model' 'Structure summary'      
# 
loop_
_pdbx_audit_revision_category.ordinal 
_pdbx_audit_revision_category.revision_ordinal 
_pdbx_audit_revision_category.data_content_type 
_pdbx_audit_revision_category.category 
1 2 'Structure model' chem_comp_atom                
2 2 'Structure model' chem_comp_bond                
3 2 'Structure model' database_2                    
4 2 'Structure model' pdbx_initial_refinement_model 
5 3 'Structure model' pdbx_entry_details            
6 3 'Structure model' pdbx_modification_feature     
# 
loop_
_pdbx_audit_revision_item.ordinal 
_pdbx_audit_revision_item.revision_ordinal 
_pdbx_audit_revision_item.data_content_type 
_pdbx_audit_revision_item.item 
1 2 'Structure model' '_database_2.pdbx_DOI'                
2 2 'Structure model' '_database_2.pdbx_database_accession' 
# 
_pdbx_database_status.status_code                     REL 
_pdbx_database_status.entry_id                        4FGA 
_pdbx_database_status.recvd_initial_deposition_date   2012-06-04 
_pdbx_database_status.deposit_site                    RCSB 
_pdbx_database_status.process_site                    PDBJ 
_pdbx_database_status.methods_development_category    ? 
_pdbx_database_status.status_code_sf                  REL 
_pdbx_database_status.status_code_mr                  ? 
_pdbx_database_status.SG_entry                        ? 
_pdbx_database_status.status_code_cs                  ? 
_pdbx_database_status.pdb_format_compatible           Y 
_pdbx_database_status.status_code_nmr_data            ? 
# 
_pdbx_database_related.db_name        PDB 
_pdbx_database_related.db_id          4EIX 
_pdbx_database_related.details        . 
_pdbx_database_related.content_type   unspecified 
# 
loop_
_audit_author.name 
_audit_author.pdbx_ordinal 
'Shukla, P.K.' 1 
'Sinha, M.'    2 
'Dey, S.'      3 
'Kaur, P.'     4 
'Sharma, S.'   5 
'Singh, T.P.'  6 
# 
_citation.id                        primary 
_citation.title                     
;Design of peptide inhibitors of group II phospholipase A2: Crystal structure of the complex of phospholipsae A2 with a designed tripeptide, Ala- Tyr- Lys at 2.3 A resolution
;
_citation.journal_abbrev            'To be Published' 
_citation.journal_volume            ? 
_citation.page_first                ? 
_citation.page_last                 ? 
_citation.year                      ? 
_citation.journal_id_ASTM           ? 
_citation.country                   ? 
_citation.journal_id_ISSN           ? 
_citation.journal_id_CSD            0353 
_citation.book_publisher            ? 
_citation.pdbx_database_id_PubMed   ? 
_citation.pdbx_database_id_DOI      ? 
# 
loop_
_citation_author.citation_id 
_citation_author.name 
_citation_author.ordinal 
_citation_author.identifier_ORCID 
primary 'Shukla, P.K.' 1 ? 
primary 'Sinha, M.'    2 ? 
primary 'Dey, S.'      3 ? 
primary 'Kaur, P.'     4 ? 
primary 'Sharma, S.'   5 ? 
primary 'Singh, T.P.'  6 ? 
# 
loop_
_entity.id 
_entity.type 
_entity.src_method 
_entity.pdbx_description 
_entity.formula_weight 
_entity.pdbx_number_of_molecules 
_entity.pdbx_ec 
_entity.pdbx_mutation 
_entity.pdbx_fragment 
_entity.details 
1 polymer nat 'Phospholipase A2 VRV-PL-VIIIa' 13629.767 1  3.1.1.4 ? ? ? 
2 polymer syn AYK                             381.447   1  ?       ? ? ? 
3 water   nat water                           18.015    98 ?       ? ? ? 
# 
loop_
_entity_poly.entity_id 
_entity_poly.type 
_entity_poly.nstd_linkage 
_entity_poly.nstd_monomer 
_entity_poly.pdbx_seq_one_letter_code 
_entity_poly.pdbx_seq_one_letter_code_can 
_entity_poly.pdbx_strand_id 
_entity_poly.pdbx_target_identifier 
1 'polypeptide(L)' no no 
;SLLEFGKMILEETGKLAIPSYSSYGCYCGWGGKGTPKDATDRCCFVHDCCYGNLPDCNPKSDRYKYKRVNGAIVCEKGTS
CENRICECDKAAAICFRQNLNTYSKKYMLYPDFLCKGELKC
;
;SLLEFGKMILEETGKLAIPSYSSYGCYCGWGGKGTPKDATDRCCFVHDCCYGNLPDCNPKSDRYKYKRVNGAIVCEKGTS
CENRICECDKAAAICFRQNLNTYSKKYMLYPDFLCKGELKC
;
A ? 
2 'polypeptide(L)' no no AYK AYK P ? 
# 
_pdbx_entity_nonpoly.entity_id   3 
_pdbx_entity_nonpoly.name        water 
_pdbx_entity_nonpoly.comp_id     HOH 
# 
loop_
_entity_poly_seq.entity_id 
_entity_poly_seq.num 
_entity_poly_seq.mon_id 
_entity_poly_seq.hetero 
1 1   SER n 
1 2   LEU n 
1 3   LEU n 
1 4   GLU n 
1 5   PHE n 
1 6   GLY n 
1 7   LYS n 
1 8   MET n 
1 9   ILE n 
1 10  LEU n 
1 11  GLU n 
1 12  GLU n 
1 13  THR n 
1 14  GLY n 
1 15  LYS n 
1 16  LEU n 
1 17  ALA n 
1 18  ILE n 
1 19  PRO n 
1 20  SER n 
1 21  TYR n 
1 22  SER n 
1 23  SER n 
1 24  TYR n 
1 25  GLY n 
1 26  CYS n 
1 27  TYR n 
1 28  CYS n 
1 29  GLY n 
1 30  TRP n 
1 31  GLY n 
1 32  GLY n 
1 33  LYS n 
1 34  GLY n 
1 35  THR n 
1 36  PRO n 
1 37  LYS n 
1 38  ASP n 
1 39  ALA n 
1 40  THR n 
1 41  ASP n 
1 42  ARG n 
1 43  CYS n 
1 44  CYS n 
1 45  PHE n 
1 46  VAL n 
1 47  HIS n 
1 48  ASP n 
1 49  CYS n 
1 50  CYS n 
1 51  TYR n 
1 52  GLY n 
1 53  ASN n 
1 54  LEU n 
1 55  PRO n 
1 56  ASP n 
1 57  CYS n 
1 58  ASN n 
1 59  PRO n 
1 60  LYS n 
1 61  SER n 
1 62  ASP n 
1 63  ARG n 
1 64  TYR n 
1 65  LYS n 
1 66  TYR n 
1 67  LYS n 
1 68  ARG n 
1 69  VAL n 
1 70  ASN n 
1 71  GLY n 
1 72  ALA n 
1 73  ILE n 
1 74  VAL n 
1 75  CYS n 
1 76  GLU n 
1 77  LYS n 
1 78  GLY n 
1 79  THR n 
1 80  SER n 
1 81  CYS n 
1 82  GLU n 
1 83  ASN n 
1 84  ARG n 
1 85  ILE n 
1 86  CYS n 
1 87  GLU n 
1 88  CYS n 
1 89  ASP n 
1 90  LYS n 
1 91  ALA n 
1 92  ALA n 
1 93  ALA n 
1 94  ILE n 
1 95  CYS n 
1 96  PHE n 
1 97  ARG n 
1 98  GLN n 
1 99  ASN n 
1 100 LEU n 
1 101 ASN n 
1 102 THR n 
1 103 TYR n 
1 104 SER n 
1 105 LYS n 
1 106 LYS n 
1 107 TYR n 
1 108 MET n 
1 109 LEU n 
1 110 TYR n 
1 111 PRO n 
1 112 ASP n 
1 113 PHE n 
1 114 LEU n 
1 115 CYS n 
1 116 LYS n 
1 117 GLY n 
1 118 GLU n 
1 119 LEU n 
1 120 LYS n 
1 121 CYS n 
2 1   ALA n 
2 2   TYR n 
2 3   LYS n 
# 
_entity_src_nat.entity_id                  1 
_entity_src_nat.pdbx_src_id                1 
_entity_src_nat.pdbx_alt_source_flag       sample 
_entity_src_nat.pdbx_beg_seq_num           ? 
_entity_src_nat.pdbx_end_seq_num           ? 
_entity_src_nat.common_name                
;Russell's viper
;
_entity_src_nat.pdbx_organism_scientific   'Daboia russellii pulchella' 
_entity_src_nat.pdbx_ncbi_taxonomy_id      97228 
_entity_src_nat.genus                      ? 
_entity_src_nat.species                    ? 
_entity_src_nat.strain                     ? 
_entity_src_nat.tissue                     ? 
_entity_src_nat.tissue_fraction            ? 
_entity_src_nat.pdbx_secretion             ? 
_entity_src_nat.pdbx_fragment              ? 
_entity_src_nat.pdbx_variant               ? 
_entity_src_nat.pdbx_cell_line             ? 
_entity_src_nat.pdbx_atcc                  ? 
_entity_src_nat.pdbx_cellular_location     ? 
_entity_src_nat.pdbx_organ                 ? 
_entity_src_nat.pdbx_organelle             ? 
_entity_src_nat.pdbx_cell                  ? 
_entity_src_nat.pdbx_plasmid_name          ? 
_entity_src_nat.pdbx_plasmid_details       ? 
_entity_src_nat.details                    ? 
# 
_pdbx_entity_src_syn.entity_id              2 
_pdbx_entity_src_syn.pdbx_src_id            1 
_pdbx_entity_src_syn.pdbx_alt_source_flag   sample 
_pdbx_entity_src_syn.pdbx_beg_seq_num       ? 
_pdbx_entity_src_syn.pdbx_end_seq_num       ? 
_pdbx_entity_src_syn.organism_scientific    ? 
_pdbx_entity_src_syn.organism_common_name   ? 
_pdbx_entity_src_syn.ncbi_taxonomy_id       ? 
_pdbx_entity_src_syn.details                'synthetic peptide' 
# 
loop_
_chem_comp.id 
_chem_comp.type 
_chem_comp.mon_nstd_flag 
_chem_comp.name 
_chem_comp.pdbx_synonyms 
_chem_comp.formula 
_chem_comp.formula_weight 
ALA 'L-peptide linking' y ALANINE         ? 'C3 H7 N O2'     89.093  
ARG 'L-peptide linking' y ARGININE        ? 'C6 H15 N4 O2 1' 175.209 
ASN 'L-peptide linking' y ASPARAGINE      ? 'C4 H8 N2 O3'    132.118 
ASP 'L-peptide linking' y 'ASPARTIC ACID' ? 'C4 H7 N O4'     133.103 
CYS 'L-peptide linking' y CYSTEINE        ? 'C3 H7 N O2 S'   121.158 
GLN 'L-peptide linking' y GLUTAMINE       ? 'C5 H10 N2 O3'   146.144 
GLU 'L-peptide linking' y 'GLUTAMIC ACID' ? 'C5 H9 N O4'     147.129 
GLY 'peptide linking'   y GLYCINE         ? 'C2 H5 N O2'     75.067  
HIS 'L-peptide linking' y HISTIDINE       ? 'C6 H10 N3 O2 1' 156.162 
HOH non-polymer         . WATER           ? 'H2 O'           18.015  
ILE 'L-peptide linking' y ISOLEUCINE      ? 'C6 H13 N O2'    131.173 
LEU 'L-peptide linking' y LEUCINE         ? 'C6 H13 N O2'    131.173 
LYS 'L-peptide linking' y LYSINE          ? 'C6 H15 N2 O2 1' 147.195 
MET 'L-peptide linking' y METHIONINE      ? 'C5 H11 N O2 S'  149.211 
PHE 'L-peptide linking' y PHENYLALANINE   ? 'C9 H11 N O2'    165.189 
PRO 'L-peptide linking' y PROLINE         ? 'C5 H9 N O2'     115.130 
SER 'L-peptide linking' y SERINE          ? 'C3 H7 N O3'     105.093 
THR 'L-peptide linking' y THREONINE       ? 'C4 H9 N O3'     119.119 
TRP 'L-peptide linking' y TRYPTOPHAN      ? 'C11 H12 N2 O2'  204.225 
TYR 'L-peptide linking' y TYROSINE        ? 'C9 H11 N O3'    181.189 
VAL 'L-peptide linking' y VALINE          ? 'C5 H11 N O2'    117.146 
# 
loop_
_pdbx_poly_seq_scheme.asym_id 
_pdbx_poly_seq_scheme.entity_id 
_pdbx_poly_seq_scheme.seq_id 
_pdbx_poly_seq_scheme.mon_id 
_pdbx_poly_seq_scheme.ndb_seq_num 
_pdbx_poly_seq_scheme.pdb_seq_num 
_pdbx_poly_seq_scheme.auth_seq_num 
_pdbx_poly_seq_scheme.pdb_mon_id 
_pdbx_poly_seq_scheme.auth_mon_id 
_pdbx_poly_seq_scheme.pdb_strand_id 
_pdbx_poly_seq_scheme.pdb_ins_code 
_pdbx_poly_seq_scheme.hetero 
A 1 1   SER 1   1   1   SER SER A . n 
A 1 2   LEU 2   2   2   LEU LEU A . n 
A 1 3   LEU 3   3   3   LEU LEU A . n 
A 1 4   GLU 4   4   4   GLU GLU A . n 
A 1 5   PHE 5   5   5   PHE PHE A . n 
A 1 6   GLY 6   6   6   GLY GLY A . n 
A 1 7   LYS 7   7   7   LYS LYS A . n 
A 1 8   MET 8   8   8   MET MET A . n 
A 1 9   ILE 9   9   9   ILE ILE A . n 
A 1 10  LEU 10  10  10  LEU LEU A . n 
A 1 11  GLU 11  11  11  GLU GLU A . n 
A 1 12  GLU 12  12  12  GLU GLU A . n 
A 1 13  THR 13  13  13  THR THR A . n 
A 1 14  GLY 14  14  14  GLY GLY A . n 
A 1 15  LYS 15  16  16  LYS LYS A . n 
A 1 16  LEU 16  17  17  LEU LEU A . n 
A 1 17  ALA 17  18  18  ALA ALA A . n 
A 1 18  ILE 18  19  19  ILE ILE A . n 
A 1 19  PRO 19  20  20  PRO PRO A . n 
A 1 20  SER 20  21  21  SER SER A . n 
A 1 21  TYR 21  22  22  TYR TYR A . n 
A 1 22  SER 22  23  23  SER SER A . n 
A 1 23  SER 23  24  24  SER SER A . n 
A 1 24  TYR 24  25  25  TYR TYR A . n 
A 1 25  GLY 25  26  26  GLY GLY A . n 
A 1 26  CYS 26  27  27  CYS CYS A . n 
A 1 27  TYR 27  28  28  TYR TYR A . n 
A 1 28  CYS 28  29  29  CYS CYS A . n 
A 1 29  GLY 29  30  30  GLY GLY A . n 
A 1 30  TRP 30  31  31  TRP TRP A . n 
A 1 31  GLY 31  32  32  GLY GLY A . n 
A 1 32  GLY 32  33  33  GLY GLY A . n 
A 1 33  LYS 33  34  34  LYS LYS A . n 
A 1 34  GLY 34  35  35  GLY GLY A . n 
A 1 35  THR 35  36  36  THR THR A . n 
A 1 36  PRO 36  37  37  PRO PRO A . n 
A 1 37  LYS 37  38  38  LYS LYS A . n 
A 1 38  ASP 38  39  39  ASP ASP A . n 
A 1 39  ALA 39  40  40  ALA ALA A . n 
A 1 40  THR 40  41  41  THR THR A . n 
A 1 41  ASP 41  42  42  ASP ASP A . n 
A 1 42  ARG 42  43  43  ARG ARG A . n 
A 1 43  CYS 43  44  44  CYS CYS A . n 
A 1 44  CYS 44  45  45  CYS CYS A . n 
A 1 45  PHE 45  46  46  PHE PHE A . n 
A 1 46  VAL 46  47  47  VAL VAL A . n 
A 1 47  HIS 47  48  48  HIS HIS A . n 
A 1 48  ASP 48  49  49  ASP ASP A . n 
A 1 49  CYS 49  50  50  CYS CYS A . n 
A 1 50  CYS 50  51  51  CYS CYS A . n 
A 1 51  TYR 51  52  52  TYR TYR A . n 
A 1 52  GLY 52  53  53  GLY GLY A . n 
A 1 53  ASN 53  54  54  ASN ASN A . n 
A 1 54  LEU 54  55  55  LEU LEU A . n 
A 1 55  PRO 55  56  56  PRO PRO A . n 
A 1 56  ASP 56  59  59  ASP ASP A . n 
A 1 57  CYS 57  61  61  CYS CYS A . n 
A 1 58  ASN 58  67  67  ASN ASN A . n 
A 1 59  PRO 59  68  68  PRO PRO A . n 
A 1 60  LYS 60  69  69  LYS LYS A . n 
A 1 61  SER 61  70  70  SER SER A . n 
A 1 62  ASP 62  71  71  ASP ASP A . n 
A 1 63  ARG 63  72  72  ARG ARG A . n 
A 1 64  TYR 64  73  73  TYR TYR A . n 
A 1 65  LYS 65  74  74  LYS LYS A . n 
A 1 66  TYR 66  75  75  TYR TYR A . n 
A 1 67  LYS 67  76  76  LYS LYS A . n 
A 1 68  ARG 68  77  77  ARG ARG A . n 
A 1 69  VAL 69  78  78  VAL VAL A . n 
A 1 70  ASN 70  79  79  ASN ASN A . n 
A 1 71  GLY 71  80  80  GLY GLY A . n 
A 1 72  ALA 72  81  81  ALA ALA A . n 
A 1 73  ILE 73  82  82  ILE ILE A . n 
A 1 74  VAL 74  83  83  VAL VAL A . n 
A 1 75  CYS 75  84  84  CYS CYS A . n 
A 1 76  GLU 76  85  85  GLU GLU A . n 
A 1 77  LYS 77  86  86  LYS LYS A . n 
A 1 78  GLY 78  88  88  GLY GLY A . n 
A 1 79  THR 79  89  89  THR THR A . n 
A 1 80  SER 80  90  90  SER SER A . n 
A 1 81  CYS 81  91  91  CYS CYS A . n 
A 1 82  GLU 82  92  92  GLU GLU A . n 
A 1 83  ASN 83  93  93  ASN ASN A . n 
A 1 84  ARG 84  94  94  ARG ARG A . n 
A 1 85  ILE 85  95  95  ILE ILE A . n 
A 1 86  CYS 86  96  96  CYS CYS A . n 
A 1 87  GLU 87  97  97  GLU GLU A . n 
A 1 88  CYS 88  98  98  CYS CYS A . n 
A 1 89  ASP 89  99  99  ASP ASP A . n 
A 1 90  LYS 90  100 100 LYS LYS A . n 
A 1 91  ALA 91  101 101 ALA ALA A . n 
A 1 92  ALA 92  102 102 ALA ALA A . n 
A 1 93  ALA 93  103 103 ALA ALA A . n 
A 1 94  ILE 94  104 104 ILE ILE A . n 
A 1 95  CYS 95  105 105 CYS CYS A . n 
A 1 96  PHE 96  106 106 PHE PHE A . n 
A 1 97  ARG 97  107 107 ARG ARG A . n 
A 1 98  GLN 98  108 108 GLN GLN A . n 
A 1 99  ASN 99  109 109 ASN ASN A . n 
A 1 100 LEU 100 110 110 LEU LEU A . n 
A 1 101 ASN 101 111 111 ASN ASN A . n 
A 1 102 THR 102 112 112 THR THR A . n 
A 1 103 TYR 103 113 113 TYR TYR A . n 
A 1 104 SER 104 114 114 SER SER A . n 
A 1 105 LYS 105 115 115 LYS LYS A . n 
A 1 106 LYS 106 116 116 LYS LYS A . n 
A 1 107 TYR 107 117 117 TYR TYR A . n 
A 1 108 MET 108 118 118 MET MET A . n 
A 1 109 LEU 109 119 119 LEU LEU A . n 
A 1 110 TYR 110 120 120 TYR TYR A . n 
A 1 111 PRO 111 121 121 PRO PRO A . n 
A 1 112 ASP 112 122 122 ASP ASP A . n 
A 1 113 PHE 113 124 124 PHE PHE A . n 
A 1 114 LEU 114 125 125 LEU LEU A . n 
A 1 115 CYS 115 126 126 CYS CYS A . n 
A 1 116 LYS 116 127 127 LYS LYS A . n 
A 1 117 GLY 117 128 128 GLY GLY A . n 
A 1 118 GLU 118 129 129 GLU GLU A . n 
A 1 119 LEU 119 130 130 LEU LEU A . n 
A 1 120 LYS 120 131 131 LYS LYS A . n 
A 1 121 CYS 121 133 133 CYS CYS A . n 
B 2 1   ALA 1   3   3   ALA ALA P . n 
B 2 2   TYR 2   4   4   TYR TYR P . n 
B 2 3   LYS 3   5   5   LYS LYS P . n 
# 
loop_
_pdbx_nonpoly_scheme.asym_id 
_pdbx_nonpoly_scheme.entity_id 
_pdbx_nonpoly_scheme.mon_id 
_pdbx_nonpoly_scheme.ndb_seq_num 
_pdbx_nonpoly_scheme.pdb_seq_num 
_pdbx_nonpoly_scheme.auth_seq_num 
_pdbx_nonpoly_scheme.pdb_mon_id 
_pdbx_nonpoly_scheme.auth_mon_id 
_pdbx_nonpoly_scheme.pdb_strand_id 
_pdbx_nonpoly_scheme.pdb_ins_code 
C 3 HOH 1  201 1   HOH HOH A . 
C 3 HOH 2  202 2   HOH HOH A . 
C 3 HOH 3  203 3   HOH HOH A . 
C 3 HOH 4  204 4   HOH HOH A . 
C 3 HOH 5  205 5   HOH HOH A . 
C 3 HOH 6  206 6   HOH HOH A . 
C 3 HOH 7  207 7   HOH HOH A . 
C 3 HOH 8  208 8   HOH HOH A . 
C 3 HOH 9  209 9   HOH HOH A . 
C 3 HOH 10 210 10  HOH HOH A . 
C 3 HOH 11 211 12  HOH HOH A . 
C 3 HOH 12 212 13  HOH HOH A . 
C 3 HOH 13 213 14  HOH HOH A . 
C 3 HOH 14 214 15  HOH HOH A . 
C 3 HOH 15 215 16  HOH HOH A . 
C 3 HOH 16 216 17  HOH HOH A . 
C 3 HOH 17 217 18  HOH HOH A . 
C 3 HOH 18 218 19  HOH HOH A . 
C 3 HOH 19 219 20  HOH HOH A . 
C 3 HOH 20 220 21  HOH HOH A . 
C 3 HOH 21 221 22  HOH HOH A . 
C 3 HOH 22 222 23  HOH HOH A . 
C 3 HOH 23 223 24  HOH HOH A . 
C 3 HOH 24 224 25  HOH HOH A . 
C 3 HOH 25 225 26  HOH HOH A . 
C 3 HOH 26 226 27  HOH HOH A . 
C 3 HOH 27 227 29  HOH HOH A . 
C 3 HOH 28 228 30  HOH HOH A . 
C 3 HOH 29 229 31  HOH HOH A . 
C 3 HOH 30 230 32  HOH HOH A . 
C 3 HOH 31 231 35  HOH HOH A . 
C 3 HOH 32 232 36  HOH HOH A . 
C 3 HOH 33 233 37  HOH HOH A . 
C 3 HOH 34 234 38  HOH HOH A . 
C 3 HOH 35 235 39  HOH HOH A . 
C 3 HOH 36 236 40  HOH HOH A . 
C 3 HOH 37 237 41  HOH HOH A . 
C 3 HOH 38 238 42  HOH HOH A . 
C 3 HOH 39 239 43  HOH HOH A . 
C 3 HOH 40 240 45  HOH HOH A . 
C 3 HOH 41 241 46  HOH HOH A . 
C 3 HOH 42 242 47  HOH HOH A . 
C 3 HOH 43 243 48  HOH HOH A . 
C 3 HOH 44 244 49  HOH HOH A . 
C 3 HOH 45 245 50  HOH HOH A . 
C 3 HOH 46 246 51  HOH HOH A . 
C 3 HOH 47 247 52  HOH HOH A . 
C 3 HOH 48 248 53  HOH HOH A . 
C 3 HOH 49 249 54  HOH HOH A . 
C 3 HOH 50 250 55  HOH HOH A . 
C 3 HOH 51 251 56  HOH HOH A . 
C 3 HOH 52 252 57  HOH HOH A . 
C 3 HOH 53 253 59  HOH HOH A . 
C 3 HOH 54 254 60  HOH HOH A . 
C 3 HOH 55 255 61  HOH HOH A . 
C 3 HOH 56 256 62  HOH HOH A . 
C 3 HOH 57 257 63  HOH HOH A . 
C 3 HOH 58 258 64  HOH HOH A . 
C 3 HOH 59 259 65  HOH HOH A . 
C 3 HOH 60 260 66  HOH HOH A . 
C 3 HOH 61 261 67  HOH HOH A . 
C 3 HOH 62 262 68  HOH HOH A . 
C 3 HOH 63 263 69  HOH HOH A . 
C 3 HOH 64 264 70  HOH HOH A . 
C 3 HOH 65 265 71  HOH HOH A . 
C 3 HOH 66 266 73  HOH HOH A . 
C 3 HOH 67 267 75  HOH HOH A . 
C 3 HOH 68 268 77  HOH HOH A . 
C 3 HOH 69 269 78  HOH HOH A . 
C 3 HOH 70 270 81  HOH HOH A . 
C 3 HOH 71 271 82  HOH HOH A . 
C 3 HOH 72 272 83  HOH HOH A . 
C 3 HOH 73 273 84  HOH HOH A . 
C 3 HOH 74 274 85  HOH HOH A . 
C 3 HOH 75 275 87  HOH HOH A . 
C 3 HOH 76 276 88  HOH HOH A . 
C 3 HOH 77 277 89  HOH HOH A . 
C 3 HOH 78 278 90  HOH HOH A . 
C 3 HOH 79 279 91  HOH HOH A . 
C 3 HOH 80 280 94  HOH HOH A . 
C 3 HOH 81 281 95  HOH HOH A . 
C 3 HOH 82 282 99  HOH HOH A . 
C 3 HOH 83 283 100 HOH HOH A . 
C 3 HOH 84 284 101 HOH HOH A . 
C 3 HOH 85 285 102 HOH HOH A . 
C 3 HOH 86 286 103 HOH HOH A . 
C 3 HOH 87 287 104 HOH HOH A . 
C 3 HOH 88 288 106 HOH HOH A . 
C 3 HOH 89 289 107 HOH HOH A . 
C 3 HOH 90 290 110 HOH HOH A . 
C 3 HOH 91 291 111 HOH HOH A . 
C 3 HOH 92 292 112 HOH HOH A . 
C 3 HOH 93 293 113 HOH HOH A . 
C 3 HOH 94 294 114 HOH HOH A . 
C 3 HOH 95 295 115 HOH HOH A . 
C 3 HOH 96 296 116 HOH HOH A . 
C 3 HOH 97 297 117 HOH HOH A . 
D 3 HOH 1  101 86  HOH HOH P . 
# 
loop_
_software.name 
_software.classification 
_software.version 
_software.citation_id 
_software.pdbx_ordinal 
HKL-2000  'data collection' .        ? 1 
AMoRE     phasing           .        ? 2 
REFMAC    refinement        5.6.0117 ? 3 
AUTOMAR   'data reduction'  .        ? 4 
SCALEPACK 'data scaling'    .        ? 5 
# 
_cell.entry_id           4FGA 
_cell.length_a           53.166 
_cell.length_b           53.166 
_cell.length_c           48.548 
_cell.angle_alpha        90.00 
_cell.angle_beta         90.00 
_cell.angle_gamma        90.00 
_cell.Z_PDB              4 
_cell.pdbx_unique_axis   ? 
_cell.length_a_esd       ? 
_cell.length_b_esd       ? 
_cell.length_c_esd       ? 
_cell.angle_alpha_esd    ? 
_cell.angle_beta_esd     ? 
_cell.angle_gamma_esd    ? 
# 
_symmetry.entry_id                         4FGA 
_symmetry.space_group_name_H-M             'P 43' 
_symmetry.pdbx_full_space_group_name_H-M   ? 
_symmetry.cell_setting                     ? 
_symmetry.Int_Tables_number                78 
_symmetry.space_group_name_Hall            ? 
# 
_exptl.entry_id          4FGA 
_exptl.method            'X-RAY DIFFRACTION' 
_exptl.crystals_number   1 
# 
_exptl_crystal.id                    1 
_exptl_crystal.density_meas          ? 
_exptl_crystal.density_Matthews      2.45 
_exptl_crystal.density_percent_sol   49.77 
_exptl_crystal.description           ? 
_exptl_crystal.F_000                 ? 
_exptl_crystal.preparation           ? 
# 
_exptl_crystal_grow.crystal_id      1 
_exptl_crystal_grow.method          'VAPOR DIFFUSION, HANGING DROP' 
_exptl_crystal_grow.temp            298 
_exptl_crystal_grow.temp_details    ? 
_exptl_crystal_grow.pH              7.2 
_exptl_crystal_grow.pdbx_details    '0.3M AMMONIUM SULPHATE, 30% PEG 4000, pH 7.2, VAPOR DIFFUSION, HANGING DROP, temperature 298K' 
_exptl_crystal_grow.pdbx_pH_range   . 
# 
_diffrn.id                     1 
_diffrn.ambient_temp           288 
_diffrn.ambient_temp_details   ? 
_diffrn.crystal_id             1 
# 
_diffrn_detector.diffrn_id              1 
_diffrn_detector.detector               'IMAGE PLATE' 
_diffrn_detector.type                   MARRESEARCH 
_diffrn_detector.pdbx_collection_date   2006-03-07 
_diffrn_detector.details                mirror 
# 
_diffrn_radiation.diffrn_id                        1 
_diffrn_radiation.wavelength_id                    1 
_diffrn_radiation.pdbx_monochromatic_or_laue_m_l   M 
_diffrn_radiation.monochromator                    Graphite 
_diffrn_radiation.pdbx_diffrn_protocol             'SINGLE WAVELENGTH' 
_diffrn_radiation.pdbx_scattering_type             x-ray 
# 
_diffrn_radiation_wavelength.id           1 
_diffrn_radiation_wavelength.wavelength   1.54 
_diffrn_radiation_wavelength.wt           1.0 
# 
_diffrn_source.diffrn_id                   1 
_diffrn_source.source                      'ROTATING ANODE' 
_diffrn_source.type                        'RIGAKU RU300' 
_diffrn_source.pdbx_synchrotron_site       ? 
_diffrn_source.pdbx_synchrotron_beamline   ? 
_diffrn_source.pdbx_wavelength             ? 
_diffrn_source.pdbx_wavelength_list        1.54 
# 
_reflns.entry_id                     4FGA 
_reflns.observed_criterion_sigma_I   0.0 
_reflns.observed_criterion_sigma_F   0.0 
_reflns.d_resolution_low             53.17 
_reflns.d_resolution_high            2.30 
_reflns.number_obs                   5887 
_reflns.number_all                   ? 
_reflns.percent_possible_obs         99.3 
_reflns.pdbx_Rmerge_I_obs            ? 
_reflns.pdbx_Rsym_value              0.116 
_reflns.pdbx_netI_over_sigmaI        8.6 
_reflns.B_iso_Wilson_estimate        ? 
_reflns.pdbx_redundancy              ? 
_reflns.R_free_details               ? 
_reflns.limit_h_max                  ? 
_reflns.limit_h_min                  ? 
_reflns.limit_k_max                  ? 
_reflns.limit_k_min                  ? 
_reflns.limit_l_max                  ? 
_reflns.limit_l_min                  ? 
_reflns.observed_criterion_F_max     ? 
_reflns.observed_criterion_F_min     ? 
_reflns.pdbx_chi_squared             ? 
_reflns.pdbx_scaling_rejects         ? 
_reflns.pdbx_ordinal                 1 
_reflns.pdbx_diffrn_id               1 
# 
_reflns_shell.d_res_high                  2.30 
_reflns_shell.d_res_low                   2.38 
_reflns_shell.percent_possible_all        100 
_reflns_shell.Rmerge_I_obs                ? 
_reflns_shell.pdbx_Rsym_value             0.368 
_reflns_shell.meanI_over_sigI_obs         2.4 
_reflns_shell.pdbx_redundancy             ? 
_reflns_shell.percent_possible_obs        ? 
_reflns_shell.number_unique_all           ? 
_reflns_shell.number_measured_all         ? 
_reflns_shell.number_measured_obs         ? 
_reflns_shell.number_unique_obs           ? 
_reflns_shell.pdbx_chi_squared            ? 
_reflns_shell.pdbx_rejects                ? 
_reflns_shell.pdbx_netI_over_sigmaI_obs   ? 
_reflns_shell.number_possible             ? 
_reflns_shell.Rmerge_F_all                ? 
_reflns_shell.Rmerge_F_obs                ? 
_reflns_shell.Rmerge_I_all                ? 
_reflns_shell.meanI_over_sigI_all         ? 
_reflns_shell.pdbx_Rrim_I_all             ? 
_reflns_shell.pdbx_Rpim_I_all             ? 
_reflns_shell.pdbx_ordinal                1 
_reflns_shell.pdbx_diffrn_id              1 
# 
_refine.entry_id                                 4FGA 
_refine.ls_number_reflns_obs                     5723 
_refine.ls_number_reflns_all                     ? 
_refine.pdbx_ls_sigma_I                          0.0 
_refine.pdbx_ls_sigma_F                          0.0 
_refine.pdbx_data_cutoff_high_absF               ? 
_refine.pdbx_data_cutoff_low_absF                ? 
_refine.pdbx_data_cutoff_high_rms_absF           ? 
_refine.ls_d_res_low                             53.17 
_refine.ls_d_res_high                            2.30 
_refine.ls_percent_reflns_obs                    98.15 
_refine.ls_R_factor_obs                          0.20246 
_refine.ls_R_factor_all                          0.20246 
_refine.ls_R_factor_R_work                       0.20039 
_refine.ls_R_factor_R_free                       0.24342 
_refine.ls_R_factor_R_free_error                 ? 
_refine.ls_R_factor_R_free_error_details         ? 
_refine.ls_percent_reflns_R_free                 4.6 
_refine.ls_number_reflns_R_free                  275 
_refine.ls_number_parameters                     ? 
_refine.ls_number_restraints                     ? 
_refine.occupancy_min                            ? 
_refine.occupancy_max                            ? 
_refine.correlation_coeff_Fo_to_Fc               0.913 
_refine.correlation_coeff_Fo_to_Fc_free          0.898 
_refine.B_iso_mean                               27.953 
_refine.aniso_B[1][1]                            0.36 
_refine.aniso_B[2][2]                            0.36 
_refine.aniso_B[3][3]                            -0.73 
_refine.aniso_B[1][2]                            0.00 
_refine.aniso_B[1][3]                            0.00 
_refine.aniso_B[2][3]                            0.00 
_refine.solvent_model_details                    MASK 
_refine.solvent_model_param_ksol                 ? 
_refine.solvent_model_param_bsol                 ? 
_refine.pdbx_solvent_vdw_probe_radii             1.20 
_refine.pdbx_solvent_ion_probe_radii             0.80 
_refine.pdbx_solvent_shrinkage_radii             0.80 
_refine.pdbx_ls_cross_valid_method               THROUGHOUT 
_refine.details                                  'HYDROGENS HAVE BEEN USED IF PRESENT IN THE INPUT' 
_refine.pdbx_starting_model                      4EIX 
_refine.pdbx_method_to_determine_struct          'MOLECULAR REPLACEMENT' 
_refine.pdbx_isotropic_thermal_model             ? 
_refine.pdbx_stereochemistry_target_values       'MAXIMUM LIKELIHOOD' 
_refine.pdbx_stereochem_target_val_spec_case     ? 
_refine.pdbx_R_Free_selection_details            RANDOM 
_refine.pdbx_overall_ESU_R                       0.413 
_refine.pdbx_overall_ESU_R_Free                  0.249 
_refine.overall_SU_ML                            0.138 
_refine.pdbx_overall_phase_error                 ? 
_refine.overall_SU_B                             5.781 
_refine.overall_SU_R_Cruickshank_DPI             ? 
_refine.ls_redundancy_reflns_obs                 ? 
_refine.B_iso_min                                ? 
_refine.B_iso_max                                ? 
_refine.overall_SU_R_free                        ? 
_refine.ls_wR_factor_R_free                      ? 
_refine.ls_wR_factor_R_work                      ? 
_refine.overall_FOM_free_R_set                   ? 
_refine.overall_FOM_work_R_set                   ? 
_refine.pdbx_diffrn_id                           1 
_refine.pdbx_refine_id                           'X-RAY DIFFRACTION' 
_refine.pdbx_TLS_residual_ADP_flag               ? 
_refine.pdbx_overall_SU_R_free_Cruickshank_DPI   ? 
_refine.pdbx_overall_SU_R_Blow_DPI               ? 
_refine.pdbx_overall_SU_R_free_Blow_DPI          ? 
# 
_refine_hist.pdbx_refine_id                   'X-RAY DIFFRACTION' 
_refine_hist.cycle_id                         LAST 
_refine_hist.pdbx_number_atoms_protein        971 
_refine_hist.pdbx_number_atoms_nucleic_acid   0 
_refine_hist.pdbx_number_atoms_ligand         0 
_refine_hist.number_atoms_solvent             98 
_refine_hist.number_atoms_total               1069 
_refine_hist.d_res_high                       2.30 
_refine_hist.d_res_low                        53.17 
# 
loop_
_refine_ls_restr.type 
_refine_ls_restr.dev_ideal 
_refine_ls_restr.dev_ideal_target 
_refine_ls_restr.weight 
_refine_ls_restr.number 
_refine_ls_restr.pdbx_restraint_function 
_refine_ls_restr.pdbx_refine_id 
r_bond_refined_d       0.018  0.020  ? 995  ? 'X-RAY DIFFRACTION' 
r_angle_refined_deg    2.230  1.989  ? 1328 ? 'X-RAY DIFFRACTION' 
r_dihedral_angle_1_deg 6.614  5.000  ? 115  ? 'X-RAY DIFFRACTION' 
r_dihedral_angle_2_deg 37.484 23.810 ? 42   ? 'X-RAY DIFFRACTION' 
r_dihedral_angle_3_deg 18.567 15.000 ? 179  ? 'X-RAY DIFFRACTION' 
r_dihedral_angle_4_deg 8.259  15.000 ? 5    ? 'X-RAY DIFFRACTION' 
r_chiral_restr         0.118  0.200  ? 136  ? 'X-RAY DIFFRACTION' 
r_gen_planes_refined   0.007  0.021  ? 721  ? 'X-RAY DIFFRACTION' 
# 
_refine_ls_shell.pdbx_refine_id                   'X-RAY DIFFRACTION' 
_refine_ls_shell.pdbx_total_number_of_bins_used   20 
_refine_ls_shell.d_res_high                       2.301 
_refine_ls_shell.d_res_low                        2.360 
_refine_ls_shell.number_reflns_R_work             390 
_refine_ls_shell.R_factor_R_work                  0.274 
_refine_ls_shell.percent_reflns_obs               100 
_refine_ls_shell.R_factor_R_free                  0.312 
_refine_ls_shell.R_factor_R_free_error            ? 
_refine_ls_shell.percent_reflns_R_free            ? 
_refine_ls_shell.number_reflns_R_free             20 
_refine_ls_shell.number_reflns_all                ? 
_refine_ls_shell.R_factor_all                     ? 
_refine_ls_shell.number_reflns_obs                ? 
_refine_ls_shell.redundancy_reflns_obs            ? 
# 
_struct.entry_id                  4FGA 
_struct.title                     
;Design of peptide inhibitors of group II phospholipase A2: Crystal structure of the complex of phospholipsae A2 with a designed tripeptide, Ala- Tyr- Lys at 2.3 A resolution
;
_struct.pdbx_model_details        ? 
_struct.pdbx_CASP_flag            ? 
_struct.pdbx_model_type_details   ? 
# 
_struct_keywords.entry_id        4FGA 
_struct_keywords.pdbx_keywords   'HYDROLASE/HYDROLASE INHIBITOR' 
_struct_keywords.text            
'PLA2, Anti-inflammatory, Anti-coagulant, Peptide-inhibitor, Hydrolase, HYDROLASE-HYDROLASE INHIBITOR complex' 
# 
loop_
_struct_asym.id 
_struct_asym.pdbx_blank_PDB_chainid_flag 
_struct_asym.pdbx_modified 
_struct_asym.entity_id 
_struct_asym.details 
A N N 1 ? 
B N N 2 ? 
C N N 3 ? 
D N N 3 ? 
# 
loop_
_struct_ref.id 
_struct_ref.db_name 
_struct_ref.db_code 
_struct_ref.pdbx_db_accession 
_struct_ref.entity_id 
_struct_ref.pdbx_seq_one_letter_code 
_struct_ref.pdbx_align_begin 
_struct_ref.pdbx_db_isoform 
1 UNP D0VX11_DABRP D0VX11 1 
;SLLEFGKMILEETGKLAIPSYSSYGCYCGWGGKGTPKDATDRCCFVHDCCYGNLPDCNPKSDRYKYKRVNGAIVCEKGTS
CENRICECDKAAAICFRQNLNTYSKKYMLYPDFLCKGELKC
;
1 ? 
2 PDB 4FGA         4FGA   2 ? ? ? 
# 
loop_
_struct_ref_seq.align_id 
_struct_ref_seq.ref_id 
_struct_ref_seq.pdbx_PDB_id_code 
_struct_ref_seq.pdbx_strand_id 
_struct_ref_seq.seq_align_beg 
_struct_ref_seq.pdbx_seq_align_beg_ins_code 
_struct_ref_seq.seq_align_end 
_struct_ref_seq.pdbx_seq_align_end_ins_code 
_struct_ref_seq.pdbx_db_accession 
_struct_ref_seq.db_align_beg 
_struct_ref_seq.pdbx_db_align_beg_ins_code 
_struct_ref_seq.db_align_end 
_struct_ref_seq.pdbx_db_align_end_ins_code 
_struct_ref_seq.pdbx_auth_seq_align_beg 
_struct_ref_seq.pdbx_auth_seq_align_end 
1 1 4FGA A 1 ? 121 ? D0VX11 1 ? 121 ? 1 133 
2 2 4FGA P 1 ? 3   ? 4FGA   3 ? 5   ? 3 5   
# 
_pdbx_struct_assembly.id                   1 
_pdbx_struct_assembly.details              author_and_software_defined_assembly 
_pdbx_struct_assembly.method_details       PISA 
_pdbx_struct_assembly.oligomeric_details   dimeric 
_pdbx_struct_assembly.oligomeric_count     2 
# 
loop_
_pdbx_struct_assembly_prop.biol_id 
_pdbx_struct_assembly_prop.type 
_pdbx_struct_assembly_prop.value 
_pdbx_struct_assembly_prop.details 
1 'ABSA (A^2)' 780  ? 
1 MORE         -3   ? 
1 'SSA (A^2)'  7310 ? 
# 
_pdbx_struct_assembly_gen.assembly_id       1 
_pdbx_struct_assembly_gen.oper_expression   1 
_pdbx_struct_assembly_gen.asym_id_list      A,B,C,D 
# 
_pdbx_struct_oper_list.id                   1 
_pdbx_struct_oper_list.type                 'identity operation' 
_pdbx_struct_oper_list.name                 1_555 
_pdbx_struct_oper_list.symmetry_operation   x,y,z 
_pdbx_struct_oper_list.matrix[1][1]         1.0000000000 
_pdbx_struct_oper_list.matrix[1][2]         0.0000000000 
_pdbx_struct_oper_list.matrix[1][3]         0.0000000000 
_pdbx_struct_oper_list.vector[1]            0.0000000000 
_pdbx_struct_oper_list.matrix[2][1]         0.0000000000 
_pdbx_struct_oper_list.matrix[2][2]         1.0000000000 
_pdbx_struct_oper_list.matrix[2][3]         0.0000000000 
_pdbx_struct_oper_list.vector[2]            0.0000000000 
_pdbx_struct_oper_list.matrix[3][1]         0.0000000000 
_pdbx_struct_oper_list.matrix[3][2]         0.0000000000 
_pdbx_struct_oper_list.matrix[3][3]         1.0000000000 
_pdbx_struct_oper_list.vector[3]            0.0000000000 
# 
_struct_biol.id        1 
_struct_biol.details   ? 
# 
loop_
_struct_conf.conf_type_id 
_struct_conf.id 
_struct_conf.pdbx_PDB_helix_id 
_struct_conf.beg_label_comp_id 
_struct_conf.beg_label_asym_id 
_struct_conf.beg_label_seq_id 
_struct_conf.pdbx_beg_PDB_ins_code 
_struct_conf.end_label_comp_id 
_struct_conf.end_label_asym_id 
_struct_conf.end_label_seq_id 
_struct_conf.pdbx_end_PDB_ins_code 
_struct_conf.beg_auth_comp_id 
_struct_conf.beg_auth_asym_id 
_struct_conf.beg_auth_seq_id 
_struct_conf.end_auth_comp_id 
_struct_conf.end_auth_asym_id 
_struct_conf.end_auth_seq_id 
_struct_conf.pdbx_PDB_helix_class 
_struct_conf.details 
_struct_conf.pdbx_PDB_helix_length 
HELX_P HELX_P1 1 SER A 1   ? GLY A 14  ? SER A 1   GLY A 14  1 ? 14 
HELX_P HELX_P2 2 LEU A 16  ? TYR A 21  ? LEU A 17  TYR A 22  1 ? 6  
HELX_P HELX_P3 3 ASP A 38  ? ASN A 53  ? ASP A 39  ASN A 54  1 ? 16 
HELX_P HELX_P4 4 THR A 79  ? ASN A 99  ? THR A 89  ASN A 109 1 ? 21 
HELX_P HELX_P5 5 LEU A 100 ? TYR A 103 ? LEU A 110 TYR A 113 5 ? 4  
HELX_P HELX_P6 6 SER A 104 ? MET A 108 ? SER A 114 MET A 118 5 ? 5  
HELX_P HELX_P7 7 PRO A 111 ? CYS A 115 ? PRO A 121 CYS A 126 5 ? 5  
# 
_struct_conf_type.id          HELX_P 
_struct_conf_type.criteria    ? 
_struct_conf_type.reference   ? 
# 
loop_
_struct_conn.id 
_struct_conn.conn_type_id 
_struct_conn.pdbx_leaving_atom_flag 
_struct_conn.pdbx_PDB_id 
_struct_conn.ptnr1_label_asym_id 
_struct_conn.ptnr1_label_comp_id 
_struct_conn.ptnr1_label_seq_id 
_struct_conn.ptnr1_label_atom_id 
_struct_conn.pdbx_ptnr1_label_alt_id 
_struct_conn.pdbx_ptnr1_PDB_ins_code 
_struct_conn.pdbx_ptnr1_standard_comp_id 
_struct_conn.ptnr1_symmetry 
_struct_conn.ptnr2_label_asym_id 
_struct_conn.ptnr2_label_comp_id 
_struct_conn.ptnr2_label_seq_id 
_struct_conn.ptnr2_label_atom_id 
_struct_conn.pdbx_ptnr2_label_alt_id 
_struct_conn.pdbx_ptnr2_PDB_ins_code 
_struct_conn.ptnr1_auth_asym_id 
_struct_conn.ptnr1_auth_comp_id 
_struct_conn.ptnr1_auth_seq_id 
_struct_conn.ptnr2_auth_asym_id 
_struct_conn.ptnr2_auth_comp_id 
_struct_conn.ptnr2_auth_seq_id 
_struct_conn.ptnr2_symmetry 
_struct_conn.pdbx_ptnr3_label_atom_id 
_struct_conn.pdbx_ptnr3_label_seq_id 
_struct_conn.pdbx_ptnr3_label_comp_id 
_struct_conn.pdbx_ptnr3_label_asym_id 
_struct_conn.pdbx_ptnr3_label_alt_id 
_struct_conn.pdbx_ptnr3_PDB_ins_code 
_struct_conn.details 
_struct_conn.pdbx_dist_value 
_struct_conn.pdbx_value_order 
_struct_conn.pdbx_role 
disulf1 disulf ? ? A CYS 26 SG ? ? ? 1_555 A CYS 115 SG ? ? A CYS 27 A CYS 126 1_555 ? ? ? ? ? ? ? 2.042 ? ? 
disulf2 disulf ? ? A CYS 28 SG ? ? ? 1_555 A CYS 44  SG ? ? A CYS 29 A CYS 45  1_555 ? ? ? ? ? ? ? 1.982 ? ? 
disulf3 disulf ? ? A CYS 43 SG ? ? ? 1_555 A CYS 95  SG ? ? A CYS 44 A CYS 105 1_555 ? ? ? ? ? ? ? 2.003 ? ? 
disulf4 disulf ? ? A CYS 49 SG ? ? ? 1_555 A CYS 121 SG ? ? A CYS 50 A CYS 133 1_555 ? ? ? ? ? ? ? 2.014 ? ? 
disulf5 disulf ? ? A CYS 50 SG ? ? ? 1_555 A CYS 88  SG ? ? A CYS 51 A CYS 98  1_555 ? ? ? ? ? ? ? 1.980 ? ? 
disulf6 disulf ? ? A CYS 57 SG ? ? ? 1_555 A CYS 81  SG ? ? A CYS 61 A CYS 91  1_555 ? ? ? ? ? ? ? 2.066 ? ? 
disulf7 disulf ? ? A CYS 75 SG ? ? ? 1_555 A CYS 86  SG ? ? A CYS 84 A CYS 96  1_555 ? ? ? ? ? ? ? 1.995 ? ? 
# 
_struct_conn_type.id          disulf 
_struct_conn_type.criteria    ? 
_struct_conn_type.reference   ? 
# 
loop_
_pdbx_modification_feature.ordinal 
_pdbx_modification_feature.label_comp_id 
_pdbx_modification_feature.label_asym_id 
_pdbx_modification_feature.label_seq_id 
_pdbx_modification_feature.label_alt_id 
_pdbx_modification_feature.modified_residue_label_comp_id 
_pdbx_modification_feature.modified_residue_label_asym_id 
_pdbx_modification_feature.modified_residue_label_seq_id 
_pdbx_modification_feature.modified_residue_label_alt_id 
_pdbx_modification_feature.auth_comp_id 
_pdbx_modification_feature.auth_asym_id 
_pdbx_modification_feature.auth_seq_id 
_pdbx_modification_feature.PDB_ins_code 
_pdbx_modification_feature.symmetry 
_pdbx_modification_feature.modified_residue_auth_comp_id 
_pdbx_modification_feature.modified_residue_auth_asym_id 
_pdbx_modification_feature.modified_residue_auth_seq_id 
_pdbx_modification_feature.modified_residue_PDB_ins_code 
_pdbx_modification_feature.modified_residue_symmetry 
_pdbx_modification_feature.comp_id_linking_atom 
_pdbx_modification_feature.modified_residue_id_linking_atom 
_pdbx_modification_feature.modified_residue_id 
_pdbx_modification_feature.ref_pcm_id 
_pdbx_modification_feature.ref_comp_id 
_pdbx_modification_feature.type 
_pdbx_modification_feature.category 
1 CYS A 26 ? CYS A 115 ? CYS A 27 ? 1_555 CYS A 126 ? 1_555 SG SG . . . None 'Disulfide bridge' 
2 CYS A 28 ? CYS A 44  ? CYS A 29 ? 1_555 CYS A 45  ? 1_555 SG SG . . . None 'Disulfide bridge' 
3 CYS A 43 ? CYS A 95  ? CYS A 44 ? 1_555 CYS A 105 ? 1_555 SG SG . . . None 'Disulfide bridge' 
4 CYS A 49 ? CYS A 121 ? CYS A 50 ? 1_555 CYS A 133 ? 1_555 SG SG . . . None 'Disulfide bridge' 
5 CYS A 50 ? CYS A 88  ? CYS A 51 ? 1_555 CYS A 98  ? 1_555 SG SG . . . None 'Disulfide bridge' 
6 CYS A 57 ? CYS A 81  ? CYS A 61 ? 1_555 CYS A 91  ? 1_555 SG SG . . . None 'Disulfide bridge' 
7 CYS A 75 ? CYS A 86  ? CYS A 84 ? 1_555 CYS A 96  ? 1_555 SG SG . . . None 'Disulfide bridge' 
# 
_struct_mon_prot_cis.pdbx_id                1 
_struct_mon_prot_cis.label_comp_id          ILE 
_struct_mon_prot_cis.label_seq_id           18 
_struct_mon_prot_cis.label_asym_id          A 
_struct_mon_prot_cis.label_alt_id           . 
_struct_mon_prot_cis.pdbx_PDB_ins_code      ? 
_struct_mon_prot_cis.auth_comp_id           ILE 
_struct_mon_prot_cis.auth_seq_id            19 
_struct_mon_prot_cis.auth_asym_id           A 
_struct_mon_prot_cis.pdbx_label_comp_id_2   PRO 
_struct_mon_prot_cis.pdbx_label_seq_id_2    19 
_struct_mon_prot_cis.pdbx_label_asym_id_2   A 
_struct_mon_prot_cis.pdbx_PDB_ins_code_2    ? 
_struct_mon_prot_cis.pdbx_auth_comp_id_2    PRO 
_struct_mon_prot_cis.pdbx_auth_seq_id_2     20 
_struct_mon_prot_cis.pdbx_auth_asym_id_2    A 
_struct_mon_prot_cis.pdbx_PDB_model_num     1 
_struct_mon_prot_cis.pdbx_omega_angle       2.07 
# 
_struct_sheet.id               A 
_struct_sheet.type             ? 
_struct_sheet.number_strands   2 
_struct_sheet.details          ? 
# 
_struct_sheet_order.sheet_id     A 
_struct_sheet_order.range_id_1   1 
_struct_sheet_order.range_id_2   2 
_struct_sheet_order.offset       ? 
_struct_sheet_order.sense        anti-parallel 
# 
loop_
_struct_sheet_range.sheet_id 
_struct_sheet_range.id 
_struct_sheet_range.beg_label_comp_id 
_struct_sheet_range.beg_label_asym_id 
_struct_sheet_range.beg_label_seq_id 
_struct_sheet_range.pdbx_beg_PDB_ins_code 
_struct_sheet_range.end_label_comp_id 
_struct_sheet_range.end_label_asym_id 
_struct_sheet_range.end_label_seq_id 
_struct_sheet_range.pdbx_end_PDB_ins_code 
_struct_sheet_range.beg_auth_comp_id 
_struct_sheet_range.beg_auth_asym_id 
_struct_sheet_range.beg_auth_seq_id 
_struct_sheet_range.end_auth_comp_id 
_struct_sheet_range.end_auth_asym_id 
_struct_sheet_range.end_auth_seq_id 
A 1 TYR A 66 ? VAL A 69 ? TYR A 75 VAL A 78 
A 2 ALA A 72 ? CYS A 75 ? ALA A 81 CYS A 84 
# 
_pdbx_struct_sheet_hbond.sheet_id                A 
_pdbx_struct_sheet_hbond.range_id_1              1 
_pdbx_struct_sheet_hbond.range_id_2              2 
_pdbx_struct_sheet_hbond.range_1_label_atom_id   N 
_pdbx_struct_sheet_hbond.range_1_label_comp_id   LYS 
_pdbx_struct_sheet_hbond.range_1_label_asym_id   A 
_pdbx_struct_sheet_hbond.range_1_label_seq_id    67 
_pdbx_struct_sheet_hbond.range_1_PDB_ins_code    ? 
_pdbx_struct_sheet_hbond.range_1_auth_atom_id    N 
_pdbx_struct_sheet_hbond.range_1_auth_comp_id    LYS 
_pdbx_struct_sheet_hbond.range_1_auth_asym_id    A 
_pdbx_struct_sheet_hbond.range_1_auth_seq_id     76 
_pdbx_struct_sheet_hbond.range_2_label_atom_id   O 
_pdbx_struct_sheet_hbond.range_2_label_comp_id   VAL 
_pdbx_struct_sheet_hbond.range_2_label_asym_id   A 
_pdbx_struct_sheet_hbond.range_2_label_seq_id    74 
_pdbx_struct_sheet_hbond.range_2_PDB_ins_code    ? 
_pdbx_struct_sheet_hbond.range_2_auth_atom_id    O 
_pdbx_struct_sheet_hbond.range_2_auth_comp_id    VAL 
_pdbx_struct_sheet_hbond.range_2_auth_asym_id    A 
_pdbx_struct_sheet_hbond.range_2_auth_seq_id     83 
# 
_struct_site.id                   AC1 
_struct_site.pdbx_evidence_code   Software 
_struct_site.pdbx_auth_asym_id    ? 
_struct_site.pdbx_auth_comp_id    ? 
_struct_site.pdbx_auth_seq_id     ? 
_struct_site.pdbx_auth_ins_code   ? 
_struct_site.pdbx_num_residues    12 
_struct_site.details              'BINDING SITE FOR CHAIN P OF AYK' 
# 
loop_
_struct_site_gen.id 
_struct_site_gen.site_id 
_struct_site_gen.pdbx_num_res 
_struct_site_gen.label_comp_id 
_struct_site_gen.label_asym_id 
_struct_site_gen.label_seq_id 
_struct_site_gen.pdbx_auth_ins_code 
_struct_site_gen.auth_comp_id 
_struct_site_gen.auth_asym_id 
_struct_site_gen.auth_seq_id 
_struct_site_gen.label_atom_id 
_struct_site_gen.label_alt_id 
_struct_site_gen.symmetry 
_struct_site_gen.details 
1  AC1 12 LEU A 2   ? LEU A 2   . ? 1_555 ? 
2  AC1 12 PHE A 5   ? PHE A 5   . ? 1_555 ? 
3  AC1 12 ALA A 17  ? ALA A 18  . ? 1_555 ? 
4  AC1 12 ILE A 18  ? ILE A 19  . ? 1_555 ? 
5  AC1 12 TYR A 21  ? TYR A 22  . ? 1_555 ? 
6  AC1 12 SER A 22  ? SER A 23  . ? 1_555 ? 
7  AC1 12 CYS A 44  ? CYS A 45  . ? 1_555 ? 
8  AC1 12 HIS A 47  ? HIS A 48  . ? 1_555 ? 
9  AC1 12 ASP A 48  ? ASP A 49  . ? 1_555 ? 
10 AC1 12 LYS A 60  ? LYS A 69  . ? 1_555 ? 
11 AC1 12 ASN A 101 ? ASN A 111 . ? 2_654 ? 
12 AC1 12 HOH D .   ? HOH P 101 . ? 1_555 ? 
# 
_pdbx_entry_details.entry_id                   4FGA 
_pdbx_entry_details.compound_details           ? 
_pdbx_entry_details.source_details             ? 
_pdbx_entry_details.nonpolymer_details         ? 
_pdbx_entry_details.sequence_details           ? 
_pdbx_entry_details.has_ligand_of_interest     ? 
_pdbx_entry_details.has_protein_modification   Y 
# 
_pdbx_validate_rmsd_bond.id                        1 
_pdbx_validate_rmsd_bond.PDB_model_num             1 
_pdbx_validate_rmsd_bond.auth_atom_id_1            CD 
_pdbx_validate_rmsd_bond.auth_asym_id_1            A 
_pdbx_validate_rmsd_bond.auth_comp_id_1            GLU 
_pdbx_validate_rmsd_bond.auth_seq_id_1             12 
_pdbx_validate_rmsd_bond.PDB_ins_code_1            ? 
_pdbx_validate_rmsd_bond.label_alt_id_1            ? 
_pdbx_validate_rmsd_bond.auth_atom_id_2            OE1 
_pdbx_validate_rmsd_bond.auth_asym_id_2            A 
_pdbx_validate_rmsd_bond.auth_comp_id_2            GLU 
_pdbx_validate_rmsd_bond.auth_seq_id_2             12 
_pdbx_validate_rmsd_bond.PDB_ins_code_2            ? 
_pdbx_validate_rmsd_bond.label_alt_id_2            ? 
_pdbx_validate_rmsd_bond.bond_value                1.180 
_pdbx_validate_rmsd_bond.bond_target_value         1.252 
_pdbx_validate_rmsd_bond.bond_deviation            -0.072 
_pdbx_validate_rmsd_bond.bond_standard_deviation   0.011 
_pdbx_validate_rmsd_bond.linker_flag               N 
# 
loop_
_pdbx_validate_torsion.id 
_pdbx_validate_torsion.PDB_model_num 
_pdbx_validate_torsion.auth_comp_id 
_pdbx_validate_torsion.auth_asym_id 
_pdbx_validate_torsion.auth_seq_id 
_pdbx_validate_torsion.PDB_ins_code 
_pdbx_validate_torsion.label_alt_id 
_pdbx_validate_torsion.phi 
_pdbx_validate_torsion.psi 
1 1 TRP A 31 ? ? -171.32 115.16  
2 1 TYR P 4  ? ? -49.14  -178.20 
# 
loop_
_chem_comp_atom.comp_id 
_chem_comp_atom.atom_id 
_chem_comp_atom.type_symbol 
_chem_comp_atom.pdbx_aromatic_flag 
_chem_comp_atom.pdbx_stereo_config 
_chem_comp_atom.pdbx_ordinal 
ALA N    N N N 1   
ALA CA   C N S 2   
ALA C    C N N 3   
ALA O    O N N 4   
ALA CB   C N N 5   
ALA OXT  O N N 6   
ALA H    H N N 7   
ALA H2   H N N 8   
ALA HA   H N N 9   
ALA HB1  H N N 10  
ALA HB2  H N N 11  
ALA HB3  H N N 12  
ALA HXT  H N N 13  
ARG N    N N N 14  
ARG CA   C N S 15  
ARG C    C N N 16  
ARG O    O N N 17  
ARG CB   C N N 18  
ARG CG   C N N 19  
ARG CD   C N N 20  
ARG NE   N N N 21  
ARG CZ   C N N 22  
ARG NH1  N N N 23  
ARG NH2  N N N 24  
ARG OXT  O N N 25  
ARG H    H N N 26  
ARG H2   H N N 27  
ARG HA   H N N 28  
ARG HB2  H N N 29  
ARG HB3  H N N 30  
ARG HG2  H N N 31  
ARG HG3  H N N 32  
ARG HD2  H N N 33  
ARG HD3  H N N 34  
ARG HE   H N N 35  
ARG HH11 H N N 36  
ARG HH12 H N N 37  
ARG HH21 H N N 38  
ARG HH22 H N N 39  
ARG HXT  H N N 40  
ASN N    N N N 41  
ASN CA   C N S 42  
ASN C    C N N 43  
ASN O    O N N 44  
ASN CB   C N N 45  
ASN CG   C N N 46  
ASN OD1  O N N 47  
ASN ND2  N N N 48  
ASN OXT  O N N 49  
ASN H    H N N 50  
ASN H2   H N N 51  
ASN HA   H N N 52  
ASN HB2  H N N 53  
ASN HB3  H N N 54  
ASN HD21 H N N 55  
ASN HD22 H N N 56  
ASN HXT  H N N 57  
ASP N    N N N 58  
ASP CA   C N S 59  
ASP C    C N N 60  
ASP O    O N N 61  
ASP CB   C N N 62  
ASP CG   C N N 63  
ASP OD1  O N N 64  
ASP OD2  O N N 65  
ASP OXT  O N N 66  
ASP H    H N N 67  
ASP H2   H N N 68  
ASP HA   H N N 69  
ASP HB2  H N N 70  
ASP HB3  H N N 71  
ASP HD2  H N N 72  
ASP HXT  H N N 73  
CYS N    N N N 74  
CYS CA   C N R 75  
CYS C    C N N 76  
CYS O    O N N 77  
CYS CB   C N N 78  
CYS SG   S N N 79  
CYS OXT  O N N 80  
CYS H    H N N 81  
CYS H2   H N N 82  
CYS HA   H N N 83  
CYS HB2  H N N 84  
CYS HB3  H N N 85  
CYS HG   H N N 86  
CYS HXT  H N N 87  
GLN N    N N N 88  
GLN CA   C N S 89  
GLN C    C N N 90  
GLN O    O N N 91  
GLN CB   C N N 92  
GLN CG   C N N 93  
GLN CD   C N N 94  
GLN OE1  O N N 95  
GLN NE2  N N N 96  
GLN OXT  O N N 97  
GLN H    H N N 98  
GLN H2   H N N 99  
GLN HA   H N N 100 
GLN HB2  H N N 101 
GLN HB3  H N N 102 
GLN HG2  H N N 103 
GLN HG3  H N N 104 
GLN HE21 H N N 105 
GLN HE22 H N N 106 
GLN HXT  H N N 107 
GLU N    N N N 108 
GLU CA   C N S 109 
GLU C    C N N 110 
GLU O    O N N 111 
GLU CB   C N N 112 
GLU CG   C N N 113 
GLU CD   C N N 114 
GLU OE1  O N N 115 
GLU OE2  O N N 116 
GLU OXT  O N N 117 
GLU H    H N N 118 
GLU H2   H N N 119 
GLU HA   H N N 120 
GLU HB2  H N N 121 
GLU HB3  H N N 122 
GLU HG2  H N N 123 
GLU HG3  H N N 124 
GLU HE2  H N N 125 
GLU HXT  H N N 126 
GLY N    N N N 127 
GLY CA   C N N 128 
GLY C    C N N 129 
GLY O    O N N 130 
GLY OXT  O N N 131 
GLY H    H N N 132 
GLY H2   H N N 133 
GLY HA2  H N N 134 
GLY HA3  H N N 135 
GLY HXT  H N N 136 
HIS N    N N N 137 
HIS CA   C N S 138 
HIS C    C N N 139 
HIS O    O N N 140 
HIS CB   C N N 141 
HIS CG   C Y N 142 
HIS ND1  N Y N 143 
HIS CD2  C Y N 144 
HIS CE1  C Y N 145 
HIS NE2  N Y N 146 
HIS OXT  O N N 147 
HIS H    H N N 148 
HIS H2   H N N 149 
HIS HA   H N N 150 
HIS HB2  H N N 151 
HIS HB3  H N N 152 
HIS HD1  H N N 153 
HIS HD2  H N N 154 
HIS HE1  H N N 155 
HIS HE2  H N N 156 
HIS HXT  H N N 157 
HOH O    O N N 158 
HOH H1   H N N 159 
HOH H2   H N N 160 
ILE N    N N N 161 
ILE CA   C N S 162 
ILE C    C N N 163 
ILE O    O N N 164 
ILE CB   C N S 165 
ILE CG1  C N N 166 
ILE CG2  C N N 167 
ILE CD1  C N N 168 
ILE OXT  O N N 169 
ILE H    H N N 170 
ILE H2   H N N 171 
ILE HA   H N N 172 
ILE HB   H N N 173 
ILE HG12 H N N 174 
ILE HG13 H N N 175 
ILE HG21 H N N 176 
ILE HG22 H N N 177 
ILE HG23 H N N 178 
ILE HD11 H N N 179 
ILE HD12 H N N 180 
ILE HD13 H N N 181 
ILE HXT  H N N 182 
LEU N    N N N 183 
LEU CA   C N S 184 
LEU C    C N N 185 
LEU O    O N N 186 
LEU CB   C N N 187 
LEU CG   C N N 188 
LEU CD1  C N N 189 
LEU CD2  C N N 190 
LEU OXT  O N N 191 
LEU H    H N N 192 
LEU H2   H N N 193 
LEU HA   H N N 194 
LEU HB2  H N N 195 
LEU HB3  H N N 196 
LEU HG   H N N 197 
LEU HD11 H N N 198 
LEU HD12 H N N 199 
LEU HD13 H N N 200 
LEU HD21 H N N 201 
LEU HD22 H N N 202 
LEU HD23 H N N 203 
LEU HXT  H N N 204 
LYS N    N N N 205 
LYS CA   C N S 206 
LYS C    C N N 207 
LYS O    O N N 208 
LYS CB   C N N 209 
LYS CG   C N N 210 
LYS CD   C N N 211 
LYS CE   C N N 212 
LYS NZ   N N N 213 
LYS OXT  O N N 214 
LYS H    H N N 215 
LYS H2   H N N 216 
LYS HA   H N N 217 
LYS HB2  H N N 218 
LYS HB3  H N N 219 
LYS HG2  H N N 220 
LYS HG3  H N N 221 
LYS HD2  H N N 222 
LYS HD3  H N N 223 
LYS HE2  H N N 224 
LYS HE3  H N N 225 
LYS HZ1  H N N 226 
LYS HZ2  H N N 227 
LYS HZ3  H N N 228 
LYS HXT  H N N 229 
MET N    N N N 230 
MET CA   C N S 231 
MET C    C N N 232 
MET O    O N N 233 
MET CB   C N N 234 
MET CG   C N N 235 
MET SD   S N N 236 
MET CE   C N N 237 
MET OXT  O N N 238 
MET H    H N N 239 
MET H2   H N N 240 
MET HA   H N N 241 
MET HB2  H N N 242 
MET HB3  H N N 243 
MET HG2  H N N 244 
MET HG3  H N N 245 
MET HE1  H N N 246 
MET HE2  H N N 247 
MET HE3  H N N 248 
MET HXT  H N N 249 
PHE N    N N N 250 
PHE CA   C N S 251 
PHE C    C N N 252 
PHE O    O N N 253 
PHE CB   C N N 254 
PHE CG   C Y N 255 
PHE CD1  C Y N 256 
PHE CD2  C Y N 257 
PHE CE1  C Y N 258 
PHE CE2  C Y N 259 
PHE CZ   C Y N 260 
PHE OXT  O N N 261 
PHE H    H N N 262 
PHE H2   H N N 263 
PHE HA   H N N 264 
PHE HB2  H N N 265 
PHE HB3  H N N 266 
PHE HD1  H N N 267 
PHE HD2  H N N 268 
PHE HE1  H N N 269 
PHE HE2  H N N 270 
PHE HZ   H N N 271 
PHE HXT  H N N 272 
PRO N    N N N 273 
PRO CA   C N S 274 
PRO C    C N N 275 
PRO O    O N N 276 
PRO CB   C N N 277 
PRO CG   C N N 278 
PRO CD   C N N 279 
PRO OXT  O N N 280 
PRO H    H N N 281 
PRO HA   H N N 282 
PRO HB2  H N N 283 
PRO HB3  H N N 284 
PRO HG2  H N N 285 
PRO HG3  H N N 286 
PRO HD2  H N N 287 
PRO HD3  H N N 288 
PRO HXT  H N N 289 
SER N    N N N 290 
SER CA   C N S 291 
SER C    C N N 292 
SER O    O N N 293 
SER CB   C N N 294 
SER OG   O N N 295 
SER OXT  O N N 296 
SER H    H N N 297 
SER H2   H N N 298 
SER HA   H N N 299 
SER HB2  H N N 300 
SER HB3  H N N 301 
SER HG   H N N 302 
SER HXT  H N N 303 
THR N    N N N 304 
THR CA   C N S 305 
THR C    C N N 306 
THR O    O N N 307 
THR CB   C N R 308 
THR OG1  O N N 309 
THR CG2  C N N 310 
THR OXT  O N N 311 
THR H    H N N 312 
THR H2   H N N 313 
THR HA   H N N 314 
THR HB   H N N 315 
THR HG1  H N N 316 
THR HG21 H N N 317 
THR HG22 H N N 318 
THR HG23 H N N 319 
THR HXT  H N N 320 
TRP N    N N N 321 
TRP CA   C N S 322 
TRP C    C N N 323 
TRP O    O N N 324 
TRP CB   C N N 325 
TRP CG   C Y N 326 
TRP CD1  C Y N 327 
TRP CD2  C Y N 328 
TRP NE1  N Y N 329 
TRP CE2  C Y N 330 
TRP CE3  C Y N 331 
TRP CZ2  C Y N 332 
TRP CZ3  C Y N 333 
TRP CH2  C Y N 334 
TRP OXT  O N N 335 
TRP H    H N N 336 
TRP H2   H N N 337 
TRP HA   H N N 338 
TRP HB2  H N N 339 
TRP HB3  H N N 340 
TRP HD1  H N N 341 
TRP HE1  H N N 342 
TRP HE3  H N N 343 
TRP HZ2  H N N 344 
TRP HZ3  H N N 345 
TRP HH2  H N N 346 
TRP HXT  H N N 347 
TYR N    N N N 348 
TYR CA   C N S 349 
TYR C    C N N 350 
TYR O    O N N 351 
TYR CB   C N N 352 
TYR CG   C Y N 353 
TYR CD1  C Y N 354 
TYR CD2  C Y N 355 
TYR CE1  C Y N 356 
TYR CE2  C Y N 357 
TYR CZ   C Y N 358 
TYR OH   O N N 359 
TYR OXT  O N N 360 
TYR H    H N N 361 
TYR H2   H N N 362 
TYR HA   H N N 363 
TYR HB2  H N N 364 
TYR HB3  H N N 365 
TYR HD1  H N N 366 
TYR HD2  H N N 367 
TYR HE1  H N N 368 
TYR HE2  H N N 369 
TYR HH   H N N 370 
TYR HXT  H N N 371 
VAL N    N N N 372 
VAL CA   C N S 373 
VAL C    C N N 374 
VAL O    O N N 375 
VAL CB   C N N 376 
VAL CG1  C N N 377 
VAL CG2  C N N 378 
VAL OXT  O N N 379 
VAL H    H N N 380 
VAL H2   H N N 381 
VAL HA   H N N 382 
VAL HB   H N N 383 
VAL HG11 H N N 384 
VAL HG12 H N N 385 
VAL HG13 H N N 386 
VAL HG21 H N N 387 
VAL HG22 H N N 388 
VAL HG23 H N N 389 
VAL HXT  H N N 390 
# 
loop_
_chem_comp_bond.comp_id 
_chem_comp_bond.atom_id_1 
_chem_comp_bond.atom_id_2 
_chem_comp_bond.value_order 
_chem_comp_bond.pdbx_aromatic_flag 
_chem_comp_bond.pdbx_stereo_config 
_chem_comp_bond.pdbx_ordinal 
ALA N   CA   sing N N 1   
ALA N   H    sing N N 2   
ALA N   H2   sing N N 3   
ALA CA  C    sing N N 4   
ALA CA  CB   sing N N 5   
ALA CA  HA   sing N N 6   
ALA C   O    doub N N 7   
ALA C   OXT  sing N N 8   
ALA CB  HB1  sing N N 9   
ALA CB  HB2  sing N N 10  
ALA CB  HB3  sing N N 11  
ALA OXT HXT  sing N N 12  
ARG N   CA   sing N N 13  
ARG N   H    sing N N 14  
ARG N   H2   sing N N 15  
ARG CA  C    sing N N 16  
ARG CA  CB   sing N N 17  
ARG CA  HA   sing N N 18  
ARG C   O    doub N N 19  
ARG C   OXT  sing N N 20  
ARG CB  CG   sing N N 21  
ARG CB  HB2  sing N N 22  
ARG CB  HB3  sing N N 23  
ARG CG  CD   sing N N 24  
ARG CG  HG2  sing N N 25  
ARG CG  HG3  sing N N 26  
ARG CD  NE   sing N N 27  
ARG CD  HD2  sing N N 28  
ARG CD  HD3  sing N N 29  
ARG NE  CZ   sing N N 30  
ARG NE  HE   sing N N 31  
ARG CZ  NH1  sing N N 32  
ARG CZ  NH2  doub N N 33  
ARG NH1 HH11 sing N N 34  
ARG NH1 HH12 sing N N 35  
ARG NH2 HH21 sing N N 36  
ARG NH2 HH22 sing N N 37  
ARG OXT HXT  sing N N 38  
ASN N   CA   sing N N 39  
ASN N   H    sing N N 40  
ASN N   H2   sing N N 41  
ASN CA  C    sing N N 42  
ASN CA  CB   sing N N 43  
ASN CA  HA   sing N N 44  
ASN C   O    doub N N 45  
ASN C   OXT  sing N N 46  
ASN CB  CG   sing N N 47  
ASN CB  HB2  sing N N 48  
ASN CB  HB3  sing N N 49  
ASN CG  OD1  doub N N 50  
ASN CG  ND2  sing N N 51  
ASN ND2 HD21 sing N N 52  
ASN ND2 HD22 sing N N 53  
ASN OXT HXT  sing N N 54  
ASP N   CA   sing N N 55  
ASP N   H    sing N N 56  
ASP N   H2   sing N N 57  
ASP CA  C    sing N N 58  
ASP CA  CB   sing N N 59  
ASP CA  HA   sing N N 60  
ASP C   O    doub N N 61  
ASP C   OXT  sing N N 62  
ASP CB  CG   sing N N 63  
ASP CB  HB2  sing N N 64  
ASP CB  HB3  sing N N 65  
ASP CG  OD1  doub N N 66  
ASP CG  OD2  sing N N 67  
ASP OD2 HD2  sing N N 68  
ASP OXT HXT  sing N N 69  
CYS N   CA   sing N N 70  
CYS N   H    sing N N 71  
CYS N   H2   sing N N 72  
CYS CA  C    sing N N 73  
CYS CA  CB   sing N N 74  
CYS CA  HA   sing N N 75  
CYS C   O    doub N N 76  
CYS C   OXT  sing N N 77  
CYS CB  SG   sing N N 78  
CYS CB  HB2  sing N N 79  
CYS CB  HB3  sing N N 80  
CYS SG  HG   sing N N 81  
CYS OXT HXT  sing N N 82  
GLN N   CA   sing N N 83  
GLN N   H    sing N N 84  
GLN N   H2   sing N N 85  
GLN CA  C    sing N N 86  
GLN CA  CB   sing N N 87  
GLN CA  HA   sing N N 88  
GLN C   O    doub N N 89  
GLN C   OXT  sing N N 90  
GLN CB  CG   sing N N 91  
GLN CB  HB2  sing N N 92  
GLN CB  HB3  sing N N 93  
GLN CG  CD   sing N N 94  
GLN CG  HG2  sing N N 95  
GLN CG  HG3  sing N N 96  
GLN CD  OE1  doub N N 97  
GLN CD  NE2  sing N N 98  
GLN NE2 HE21 sing N N 99  
GLN NE2 HE22 sing N N 100 
GLN OXT HXT  sing N N 101 
GLU N   CA   sing N N 102 
GLU N   H    sing N N 103 
GLU N   H2   sing N N 104 
GLU CA  C    sing N N 105 
GLU CA  CB   sing N N 106 
GLU CA  HA   sing N N 107 
GLU C   O    doub N N 108 
GLU C   OXT  sing N N 109 
GLU CB  CG   sing N N 110 
GLU CB  HB2  sing N N 111 
GLU CB  HB3  sing N N 112 
GLU CG  CD   sing N N 113 
GLU CG  HG2  sing N N 114 
GLU CG  HG3  sing N N 115 
GLU CD  OE1  doub N N 116 
GLU CD  OE2  sing N N 117 
GLU OE2 HE2  sing N N 118 
GLU OXT HXT  sing N N 119 
GLY N   CA   sing N N 120 
GLY N   H    sing N N 121 
GLY N   H2   sing N N 122 
GLY CA  C    sing N N 123 
GLY CA  HA2  sing N N 124 
GLY CA  HA3  sing N N 125 
GLY C   O    doub N N 126 
GLY C   OXT  sing N N 127 
GLY OXT HXT  sing N N 128 
HIS N   CA   sing N N 129 
HIS N   H    sing N N 130 
HIS N   H2   sing N N 131 
HIS CA  C    sing N N 132 
HIS CA  CB   sing N N 133 
HIS CA  HA   sing N N 134 
HIS C   O    doub N N 135 
HIS C   OXT  sing N N 136 
HIS CB  CG   sing N N 137 
HIS CB  HB2  sing N N 138 
HIS CB  HB3  sing N N 139 
HIS CG  ND1  sing Y N 140 
HIS CG  CD2  doub Y N 141 
HIS ND1 CE1  doub Y N 142 
HIS ND1 HD1  sing N N 143 
HIS CD2 NE2  sing Y N 144 
HIS CD2 HD2  sing N N 145 
HIS CE1 NE2  sing Y N 146 
HIS CE1 HE1  sing N N 147 
HIS NE2 HE2  sing N N 148 
HIS OXT HXT  sing N N 149 
HOH O   H1   sing N N 150 
HOH O   H2   sing N N 151 
ILE N   CA   sing N N 152 
ILE N   H    sing N N 153 
ILE N   H2   sing N N 154 
ILE CA  C    sing N N 155 
ILE CA  CB   sing N N 156 
ILE CA  HA   sing N N 157 
ILE C   O    doub N N 158 
ILE C   OXT  sing N N 159 
ILE CB  CG1  sing N N 160 
ILE CB  CG2  sing N N 161 
ILE CB  HB   sing N N 162 
ILE CG1 CD1  sing N N 163 
ILE CG1 HG12 sing N N 164 
ILE CG1 HG13 sing N N 165 
ILE CG2 HG21 sing N N 166 
ILE CG2 HG22 sing N N 167 
ILE CG2 HG23 sing N N 168 
ILE CD1 HD11 sing N N 169 
ILE CD1 HD12 sing N N 170 
ILE CD1 HD13 sing N N 171 
ILE OXT HXT  sing N N 172 
LEU N   CA   sing N N 173 
LEU N   H    sing N N 174 
LEU N   H2   sing N N 175 
LEU CA  C    sing N N 176 
LEU CA  CB   sing N N 177 
LEU CA  HA   sing N N 178 
LEU C   O    doub N N 179 
LEU C   OXT  sing N N 180 
LEU CB  CG   sing N N 181 
LEU CB  HB2  sing N N 182 
LEU CB  HB3  sing N N 183 
LEU CG  CD1  sing N N 184 
LEU CG  CD2  sing N N 185 
LEU CG  HG   sing N N 186 
LEU CD1 HD11 sing N N 187 
LEU CD1 HD12 sing N N 188 
LEU CD1 HD13 sing N N 189 
LEU CD2 HD21 sing N N 190 
LEU CD2 HD22 sing N N 191 
LEU CD2 HD23 sing N N 192 
LEU OXT HXT  sing N N 193 
LYS N   CA   sing N N 194 
LYS N   H    sing N N 195 
LYS N   H2   sing N N 196 
LYS CA  C    sing N N 197 
LYS CA  CB   sing N N 198 
LYS CA  HA   sing N N 199 
LYS C   O    doub N N 200 
LYS C   OXT  sing N N 201 
LYS CB  CG   sing N N 202 
LYS CB  HB2  sing N N 203 
LYS CB  HB3  sing N N 204 
LYS CG  CD   sing N N 205 
LYS CG  HG2  sing N N 206 
LYS CG  HG3  sing N N 207 
LYS CD  CE   sing N N 208 
LYS CD  HD2  sing N N 209 
LYS CD  HD3  sing N N 210 
LYS CE  NZ   sing N N 211 
LYS CE  HE2  sing N N 212 
LYS CE  HE3  sing N N 213 
LYS NZ  HZ1  sing N N 214 
LYS NZ  HZ2  sing N N 215 
LYS NZ  HZ3  sing N N 216 
LYS OXT HXT  sing N N 217 
MET N   CA   sing N N 218 
MET N   H    sing N N 219 
MET N   H2   sing N N 220 
MET CA  C    sing N N 221 
MET CA  CB   sing N N 222 
MET CA  HA   sing N N 223 
MET C   O    doub N N 224 
MET C   OXT  sing N N 225 
MET CB  CG   sing N N 226 
MET CB  HB2  sing N N 227 
MET CB  HB3  sing N N 228 
MET CG  SD   sing N N 229 
MET CG  HG2  sing N N 230 
MET CG  HG3  sing N N 231 
MET SD  CE   sing N N 232 
MET CE  HE1  sing N N 233 
MET CE  HE2  sing N N 234 
MET CE  HE3  sing N N 235 
MET OXT HXT  sing N N 236 
PHE N   CA   sing N N 237 
PHE N   H    sing N N 238 
PHE N   H2   sing N N 239 
PHE CA  C    sing N N 240 
PHE CA  CB   sing N N 241 
PHE CA  HA   sing N N 242 
PHE C   O    doub N N 243 
PHE C   OXT  sing N N 244 
PHE CB  CG   sing N N 245 
PHE CB  HB2  sing N N 246 
PHE CB  HB3  sing N N 247 
PHE CG  CD1  doub Y N 248 
PHE CG  CD2  sing Y N 249 
PHE CD1 CE1  sing Y N 250 
PHE CD1 HD1  sing N N 251 
PHE CD2 CE2  doub Y N 252 
PHE CD2 HD2  sing N N 253 
PHE CE1 CZ   doub Y N 254 
PHE CE1 HE1  sing N N 255 
PHE CE2 CZ   sing Y N 256 
PHE CE2 HE2  sing N N 257 
PHE CZ  HZ   sing N N 258 
PHE OXT HXT  sing N N 259 
PRO N   CA   sing N N 260 
PRO N   CD   sing N N 261 
PRO N   H    sing N N 262 
PRO CA  C    sing N N 263 
PRO CA  CB   sing N N 264 
PRO CA  HA   sing N N 265 
PRO C   O    doub N N 266 
PRO C   OXT  sing N N 267 
PRO CB  CG   sing N N 268 
PRO CB  HB2  sing N N 269 
PRO CB  HB3  sing N N 270 
PRO CG  CD   sing N N 271 
PRO CG  HG2  sing N N 272 
PRO CG  HG3  sing N N 273 
PRO CD  HD2  sing N N 274 
PRO CD  HD3  sing N N 275 
PRO OXT HXT  sing N N 276 
SER N   CA   sing N N 277 
SER N   H    sing N N 278 
SER N   H2   sing N N 279 
SER CA  C    sing N N 280 
SER CA  CB   sing N N 281 
SER CA  HA   sing N N 282 
SER C   O    doub N N 283 
SER C   OXT  sing N N 284 
SER CB  OG   sing N N 285 
SER CB  HB2  sing N N 286 
SER CB  HB3  sing N N 287 
SER OG  HG   sing N N 288 
SER OXT HXT  sing N N 289 
THR N   CA   sing N N 290 
THR N   H    sing N N 291 
THR N   H2   sing N N 292 
THR CA  C    sing N N 293 
THR CA  CB   sing N N 294 
THR CA  HA   sing N N 295 
THR C   O    doub N N 296 
THR C   OXT  sing N N 297 
THR CB  OG1  sing N N 298 
THR CB  CG2  sing N N 299 
THR CB  HB   sing N N 300 
THR OG1 HG1  sing N N 301 
THR CG2 HG21 sing N N 302 
THR CG2 HG22 sing N N 303 
THR CG2 HG23 sing N N 304 
THR OXT HXT  sing N N 305 
TRP N   CA   sing N N 306 
TRP N   H    sing N N 307 
TRP N   H2   sing N N 308 
TRP CA  C    sing N N 309 
TRP CA  CB   sing N N 310 
TRP CA  HA   sing N N 311 
TRP C   O    doub N N 312 
TRP C   OXT  sing N N 313 
TRP CB  CG   sing N N 314 
TRP CB  HB2  sing N N 315 
TRP CB  HB3  sing N N 316 
TRP CG  CD1  doub Y N 317 
TRP CG  CD2  sing Y N 318 
TRP CD1 NE1  sing Y N 319 
TRP CD1 HD1  sing N N 320 
TRP CD2 CE2  doub Y N 321 
TRP CD2 CE3  sing Y N 322 
TRP NE1 CE2  sing Y N 323 
TRP NE1 HE1  sing N N 324 
TRP CE2 CZ2  sing Y N 325 
TRP CE3 CZ3  doub Y N 326 
TRP CE3 HE3  sing N N 327 
TRP CZ2 CH2  doub Y N 328 
TRP CZ2 HZ2  sing N N 329 
TRP CZ3 CH2  sing Y N 330 
TRP CZ3 HZ3  sing N N 331 
TRP CH2 HH2  sing N N 332 
TRP OXT HXT  sing N N 333 
TYR N   CA   sing N N 334 
TYR N   H    sing N N 335 
TYR N   H2   sing N N 336 
TYR CA  C    sing N N 337 
TYR CA  CB   sing N N 338 
TYR CA  HA   sing N N 339 
TYR C   O    doub N N 340 
TYR C   OXT  sing N N 341 
TYR CB  CG   sing N N 342 
TYR CB  HB2  sing N N 343 
TYR CB  HB3  sing N N 344 
TYR CG  CD1  doub Y N 345 
TYR CG  CD2  sing Y N 346 
TYR CD1 CE1  sing Y N 347 
TYR CD1 HD1  sing N N 348 
TYR CD2 CE2  doub Y N 349 
TYR CD2 HD2  sing N N 350 
TYR CE1 CZ   doub Y N 351 
TYR CE1 HE1  sing N N 352 
TYR CE2 CZ   sing Y N 353 
TYR CE2 HE2  sing N N 354 
TYR CZ  OH   sing N N 355 
TYR OH  HH   sing N N 356 
TYR OXT HXT  sing N N 357 
VAL N   CA   sing N N 358 
VAL N   H    sing N N 359 
VAL N   H2   sing N N 360 
VAL CA  C    sing N N 361 
VAL CA  CB   sing N N 362 
VAL CA  HA   sing N N 363 
VAL C   O    doub N N 364 
VAL C   OXT  sing N N 365 
VAL CB  CG1  sing N N 366 
VAL CB  CG2  sing N N 367 
VAL CB  HB   sing N N 368 
VAL CG1 HG11 sing N N 369 
VAL CG1 HG12 sing N N 370 
VAL CG1 HG13 sing N N 371 
VAL CG2 HG21 sing N N 372 
VAL CG2 HG22 sing N N 373 
VAL CG2 HG23 sing N N 374 
VAL OXT HXT  sing N N 375 
# 
_pdbx_initial_refinement_model.id               1 
_pdbx_initial_refinement_model.entity_id_list   ? 
_pdbx_initial_refinement_model.type             'experimental model' 
_pdbx_initial_refinement_model.source_name      PDB 
_pdbx_initial_refinement_model.accession_code   4EIX 
_pdbx_initial_refinement_model.details          ? 
# 
_atom_sites.entry_id                    4FGA 
_atom_sites.fract_transf_matrix[1][1]   0.00407533 
_atom_sites.fract_transf_matrix[1][2]   -0.00093555 
_atom_sites.fract_transf_matrix[1][3]   -0.01833835 
_atom_sites.fract_transf_matrix[2][1]   -0.00010748 
_atom_sites.fract_transf_matrix[2][2]   0.01878303 
_atom_sites.fract_transf_matrix[2][3]   -0.00098212 
_atom_sites.fract_transf_matrix[3][1]   0.02010835 
_atom_sites.fract_transf_matrix[3][2]   0.00034779 
_atom_sites.fract_transf_matrix[3][3]   0.00445094 
_atom_sites.fract_transf_vector[1]      0.532768 
_atom_sites.fract_transf_vector[2]      0.160939 
_atom_sites.fract_transf_vector[3]      -0.019622 
# 
loop_
_atom_type.symbol 
C 
N 
O 
S 
# 
loop_
_atom_site.group_PDB 
_atom_site.id 
_atom_site.type_symbol 
_atom_site.label_atom_id 
_atom_site.label_alt_id 
_atom_site.label_comp_id 
_atom_site.label_asym_id 
_atom_site.label_entity_id 
_atom_site.label_seq_id 
_atom_site.pdbx_PDB_ins_code 
_atom_site.Cartn_x 
_atom_site.Cartn_y 
_atom_site.Cartn_z 
_atom_site.occupancy 
_atom_site.B_iso_or_equiv 
_atom_site.pdbx_formal_charge 
_atom_site.auth_seq_id 
_atom_site.auth_comp_id 
_atom_site.auth_asym_id 
_atom_site.auth_atom_id 
_atom_site.pdbx_PDB_model_num 
ATOM   1    N N   . SER A 1 1   ? -1.319  4.883   -10.133 1.00 15.17  ? 1   SER A N   1 
ATOM   2    C CA  . SER A 1 1   ? -2.490  3.951   -10.265 1.00 16.98  ? 1   SER A CA  1 
ATOM   3    C C   . SER A 1 1   ? -2.152  2.555   -9.782  1.00 19.47  ? 1   SER A C   1 
ATOM   4    O O   . SER A 1 1   ? -0.989  2.276   -9.492  1.00 22.01  ? 1   SER A O   1 
ATOM   5    C CB  . SER A 1 1   ? -3.061  3.889   -11.661 1.00 15.84  ? 1   SER A CB  1 
ATOM   6    O OG  . SER A 1 1   ? -2.144  3.334   -12.587 1.00 18.85  ? 1   SER A OG  1 
ATOM   7    N N   . LEU A 1 2   ? -3.157  1.685   -9.698  1.00 20.66  ? 2   LEU A N   1 
ATOM   8    C CA  . LEU A 1 2   ? -2.979  0.356   -9.218  1.00 21.80  ? 2   LEU A CA  1 
ATOM   9    C C   . LEU A 1 2   ? -1.964  -0.421  -10.034 1.00 20.50  ? 2   LEU A C   1 
ATOM   10   O O   . LEU A 1 2   ? -1.247  -1.207  -9.464  1.00 22.90  ? 2   LEU A O   1 
ATOM   11   C CB  . LEU A 1 2   ? -4.296  -0.390  -9.116  1.00 24.35  ? 2   LEU A CB  1 
ATOM   12   C CG  . LEU A 1 2   ? -5.403  0.119   -8.191  1.00 30.28  ? 2   LEU A CG  1 
ATOM   13   C CD1 . LEU A 1 2   ? -6.632  -0.810  -8.267  1.00 31.68  ? 2   LEU A CD1 1 
ATOM   14   C CD2 . LEU A 1 2   ? -4.901  0.208   -6.769  1.00 31.37  ? 2   LEU A CD2 1 
ATOM   15   N N   . LEU A 1 3   ? -1.895  -0.204  -11.338 1.00 21.30  ? 3   LEU A N   1 
ATOM   16   C CA  . LEU A 1 3   ? -0.857  -0.809  -12.215 1.00 23.09  ? 3   LEU A CA  1 
ATOM   17   C C   . LEU A 1 3   ? 0.562   -0.504  -11.802 1.00 21.92  ? 3   LEU A C   1 
ATOM   18   O O   . LEU A 1 3   ? 1.332   -1.432  -11.763 1.00 25.16  ? 3   LEU A O   1 
ATOM   19   C CB  . LEU A 1 3   ? -1.016  -0.409  -13.673 1.00 25.09  ? 3   LEU A CB  1 
ATOM   20   C CG  . LEU A 1 3   ? -2.265  -1.005  -14.328 1.00 33.26  ? 3   LEU A CG  1 
ATOM   21   C CD1 . LEU A 1 3   ? -2.673  -0.136  -15.530 1.00 35.77  ? 3   LEU A CD1 1 
ATOM   22   C CD2 . LEU A 1 3   ? -2.021  -2.469  -14.714 1.00 30.95  ? 3   LEU A CD2 1 
ATOM   23   N N   . GLU A 1 4   ? 0.926   0.766   -11.547 1.00 19.39  ? 4   GLU A N   1 
ATOM   24   C CA  . GLU A 1 4   ? 2.243   1.103   -10.979 1.00 18.11  ? 4   GLU A CA  1 
ATOM   25   C C   . GLU A 1 4   ? 2.425   0.598   -9.546  1.00 17.86  ? 4   GLU A C   1 
ATOM   26   O O   . GLU A 1 4   ? 3.491   0.121   -9.224  1.00 19.16  ? 4   GLU A O   1 
ATOM   27   C CB  . GLU A 1 4   ? 2.535   2.599   -10.982 1.00 17.98  ? 4   GLU A CB  1 
ATOM   28   C CG  . GLU A 1 4   ? 2.561   3.278   -12.340 1.00 20.29  ? 4   GLU A CG  1 
ATOM   29   C CD  . GLU A 1 4   ? 1.151   3.512   -12.904 1.00 20.86  ? 4   GLU A CD  1 
ATOM   30   O OE1 . GLU A 1 4   ? 0.302   4.134   -12.232 1.00 19.31  ? 4   GLU A OE1 1 
ATOM   31   O OE2 . GLU A 1 4   ? 0.878   3.058   -14.040 1.00 24.50  ? 4   GLU A OE2 1 
ATOM   32   N N   . PHE A 1 5   ? 1.417   0.701   -8.676  1.00 16.68  ? 5   PHE A N   1 
ATOM   33   C CA  . PHE A 1 5   ? 1.536   0.177   -7.317  1.00 16.99  ? 5   PHE A CA  1 
ATOM   34   C C   . PHE A 1 5   ? 1.786   -1.358  -7.307  1.00 18.54  ? 5   PHE A C   1 
ATOM   35   O O   . PHE A 1 5   ? 2.661   -1.815  -6.600  1.00 22.49  ? 5   PHE A O   1 
ATOM   36   C CB  . PHE A 1 5   ? 0.313   0.564   -6.459  1.00 14.72  ? 5   PHE A CB  1 
ATOM   37   C CG  . PHE A 1 5   ? 0.484   0.329   -4.928  1.00 14.82  ? 5   PHE A CG  1 
ATOM   38   C CD1 . PHE A 1 5   ? 1.724   0.397   -4.298  1.00 14.78  ? 5   PHE A CD1 1 
ATOM   39   C CD2 . PHE A 1 5   ? -0.592  0.120   -4.150  1.00 14.57  ? 5   PHE A CD2 1 
ATOM   40   C CE1 . PHE A 1 5   ? 1.849   0.222   -2.927  1.00 14.91  ? 5   PHE A CE1 1 
ATOM   41   C CE2 . PHE A 1 5   ? -0.471  -0.098  -2.790  1.00 17.43  ? 5   PHE A CE2 1 
ATOM   42   C CZ  . PHE A 1 5   ? 0.750   -0.021  -2.173  1.00 15.68  ? 5   PHE A CZ  1 
ATOM   43   N N   . GLY A 1 6   ? 1.013   -2.152  -8.053  1.00 18.79  ? 6   GLY A N   1 
ATOM   44   C CA  . GLY A 1 6   ? 1.168   -3.587  -8.034  1.00 19.41  ? 6   GLY A CA  1 
ATOM   45   C C   . GLY A 1 6   ? 2.516   -4.035  -8.600  1.00 21.36  ? 6   GLY A C   1 
ATOM   46   O O   . GLY A 1 6   ? 3.079   -5.045  -8.135  1.00 21.21  ? 6   GLY A O   1 
ATOM   47   N N   . LYS A 1 7   ? 3.040   -3.303  -9.588  1.00 20.10  ? 7   LYS A N   1 
ATOM   48   C CA  . LYS A 1 7   ? 4.336   -3.614  -10.136 1.00 23.07  ? 7   LYS A CA  1 
ATOM   49   C C   . LYS A 1 7   ? 5.490   -3.207  -9.162  1.00 23.31  ? 7   LYS A C   1 
ATOM   50   O O   . LYS A 1 7   ? 6.479   -3.921  -9.031  1.00 24.32  ? 7   LYS A O   1 
ATOM   51   C CB  . LYS A 1 7   ? 4.460   -3.003  -11.545 1.00 26.51  ? 7   LYS A CB  1 
ATOM   52   C CG  . LYS A 1 7   ? 5.852   -2.929  -12.148 1.00 29.75  ? 7   LYS A CG  1 
ATOM   53   C CD  . LYS A 1 7   ? 5.808   -2.351  -13.570 1.00 35.23  ? 7   LYS A CD  1 
ATOM   54   C CE  . LYS A 1 7   ? 7.209   -2.360  -14.181 1.00 38.55  ? 7   LYS A CE  1 
ATOM   55   N NZ  . LYS A 1 7   ? 8.014   -1.233  -13.613 1.00 39.15  ? 7   LYS A NZ  1 
ATOM   56   N N   . MET A 1 8   ? 5.361   -2.057  -8.501  1.00 22.73  ? 8   MET A N   1 
ATOM   57   C CA  . MET A 1 8   ? 6.218   -1.641  -7.380  1.00 20.72  ? 8   MET A CA  1 
ATOM   58   C C   . MET A 1 8   ? 6.283   -2.704  -6.261  1.00 20.96  ? 8   MET A C   1 
ATOM   59   O O   . MET A 1 8   ? 7.382   -3.058  -5.914  1.00 19.88  ? 8   MET A O   1 
ATOM   60   C CB  . MET A 1 8   ? 5.760   -0.275  -6.858  1.00 19.57  ? 8   MET A CB  1 
ATOM   61   C CG  . MET A 1 8   ? 6.824   0.555   -6.215  1.00 19.62  ? 8   MET A CG  1 
ATOM   62   S SD  . MET A 1 8   ? 6.060   2.126   -5.831  1.00 17.46  ? 8   MET A SD  1 
ATOM   63   C CE  . MET A 1 8   ? 6.438   3.124   -7.244  1.00 16.13  ? 8   MET A CE  1 
ATOM   64   N N   . ILE A 1 9   ? 5.135   -3.214  -5.743  1.00 20.48  ? 9   ILE A N   1 
ATOM   65   C CA  . ILE A 1 9   ? 5.013   -4.362  -4.764  1.00 21.46  ? 9   ILE A CA  1 
ATOM   66   C C   . ILE A 1 9   ? 5.734   -5.655  -5.249  1.00 23.88  ? 9   ILE A C   1 
ATOM   67   O O   . ILE A 1 9   ? 6.527   -6.256  -4.509  1.00 25.26  ? 9   ILE A O   1 
ATOM   68   C CB  . ILE A 1 9   ? 3.517   -4.684  -4.381  1.00 20.13  ? 9   ILE A CB  1 
ATOM   69   C CG1 . ILE A 1 9   ? 2.860   -3.480  -3.702  1.00 22.52  ? 9   ILE A CG1 1 
ATOM   70   C CG2 . ILE A 1 9   ? 3.402   -5.807  -3.398  1.00 17.43  ? 9   ILE A CG2 1 
ATOM   71   C CD1 . ILE A 1 9   ? 1.352   -3.598  -3.493  1.00 23.82  ? 9   ILE A CD1 1 
ATOM   72   N N   . LEU A 1 10  ? 5.467   -6.071  -6.492  1.00 24.37  ? 10  LEU A N   1 
ATOM   73   C CA  . LEU A 1 10  ? 6.047   -7.299  -7.057  1.00 23.51  ? 10  LEU A CA  1 
ATOM   74   C C   . LEU A 1 10  ? 7.558   -7.137  -7.122  1.00 24.13  ? 10  LEU A C   1 
ATOM   75   O O   . LEU A 1 10  ? 8.296   -8.022  -6.687  1.00 26.39  ? 10  LEU A O   1 
ATOM   76   C CB  . LEU A 1 10  ? 5.461   -7.664  -8.438  1.00 21.28  ? 10  LEU A CB  1 
ATOM   77   C CG  . LEU A 1 10  ? 6.055   -8.912  -9.093  1.00 20.54  ? 10  LEU A CG  1 
ATOM   78   C CD1 . LEU A 1 10  ? 5.800   -10.169 -8.247  1.00 19.95  ? 10  LEU A CD1 1 
ATOM   79   C CD2 . LEU A 1 10  ? 5.553   -9.088  -10.511 1.00 19.71  ? 10  LEU A CD2 1 
ATOM   80   N N   . GLU A 1 11  ? 8.030   -6.023  -7.662  1.00 23.64  ? 11  GLU A N   1 
ATOM   81   C CA  . GLU A 1 11  ? 9.467   -5.774  -7.711  1.00 22.06  ? 11  GLU A CA  1 
ATOM   82   C C   . GLU A 1 11  ? 10.129  -5.750  -6.352  1.00 22.10  ? 11  GLU A C   1 
ATOM   83   O O   . GLU A 1 11  ? 11.211  -6.265  -6.218  1.00 23.24  ? 11  GLU A O   1 
ATOM   84   C CB  . GLU A 1 11  ? 9.748   -4.452  -8.354  1.00 22.16  ? 11  GLU A CB  1 
ATOM   85   C CG  . GLU A 1 11  ? 9.490   -4.388  -9.842  1.00 22.86  ? 11  GLU A CG  1 
ATOM   86   C CD  . GLU A 1 11  ? 9.671   -2.973  -10.287 1.00 23.61  ? 11  GLU A CD  1 
ATOM   87   O OE1 . GLU A 1 11  ? 9.819   -2.099  -9.409  1.00 24.30  ? 11  GLU A OE1 1 
ATOM   88   O OE2 . GLU A 1 11  ? 9.698   -2.732  -11.486 1.00 26.11  ? 11  GLU A OE2 1 
ATOM   89   N N   . GLU A 1 12  ? 9.499   -5.143  -5.340  1.00 22.80  ? 12  GLU A N   1 
ATOM   90   C CA  . GLU A 1 12  ? 10.101  -4.998  -3.986  1.00 21.82  ? 12  GLU A CA  1 
ATOM   91   C C   . GLU A 1 12  ? 10.081  -6.276  -3.090  1.00 21.47  ? 12  GLU A C   1 
ATOM   92   O O   . GLU A 1 12  ? 11.066  -6.579  -2.420  1.00 19.92  ? 12  GLU A O   1 
ATOM   93   C CB  . GLU A 1 12  ? 9.481   -3.801  -3.255  1.00 18.90  ? 12  GLU A CB  1 
ATOM   94   C CG  . GLU A 1 12  ? 10.458  -3.124  -2.361  1.00 20.48  ? 12  GLU A CG  1 
ATOM   95   C CD  . GLU A 1 12  ? 11.374  -2.197  -3.063  1.00 19.23  ? 12  GLU A CD  1 
ATOM   96   O OE1 . GLU A 1 12  ? 12.163  -1.641  -2.385  1.00 20.99  ? 12  GLU A OE1 1 
ATOM   97   O OE2 . GLU A 1 12  ? 11.326  -2.011  -4.275  1.00 23.21  ? 12  GLU A OE2 1 
ATOM   98   N N   . THR A 1 13  ? 8.972   -7.007  -3.076  1.00 20.15  ? 13  THR A N   1 
ATOM   99   C CA  . THR A 1 13  ? 8.683   -8.096  -2.144  1.00 19.90  ? 13  THR A CA  1 
ATOM   100  C C   . THR A 1 13  ? 8.716   -9.549  -2.675  1.00 20.65  ? 13  THR A C   1 
ATOM   101  O O   . THR A 1 13  ? 8.660   -10.457 -1.948  1.00 20.27  ? 13  THR A O   1 
ATOM   102  C CB  . THR A 1 13  ? 7.310   -7.900  -1.489  1.00 19.07  ? 13  THR A CB  1 
ATOM   103  O OG1 . THR A 1 13  ? 6.309   -8.065  -2.465  1.00 19.49  ? 13  THR A OG1 1 
ATOM   104  C CG2 . THR A 1 13  ? 7.167   -6.570  -0.885  1.00 17.76  ? 13  THR A CG2 1 
ATOM   105  N N   . GLY A 1 14  ? 8.782   -9.713  -3.968  1.00 24.60  ? 14  GLY A N   1 
ATOM   106  C CA  . GLY A 1 14  ? 8.496   -10.932 -4.672  1.00 26.18  ? 14  GLY A CA  1 
ATOM   107  C C   . GLY A 1 14  ? 7.072   -11.435 -4.752  1.00 28.94  ? 14  GLY A C   1 
ATOM   108  O O   . GLY A 1 14  ? 6.862   -12.393 -5.433  1.00 36.29  ? 14  GLY A O   1 
ATOM   109  N N   . LYS A 1 15  ? 6.124   -10.839 -4.035  1.00 24.81  ? 16  LYS A N   1 
ATOM   110  C CA  . LYS A 1 15  ? 4.756   -11.291 -4.008  1.00 25.13  ? 16  LYS A CA  1 
ATOM   111  C C   . LYS A 1 15  ? 3.851   -10.511 -4.940  1.00 25.44  ? 16  LYS A C   1 
ATOM   112  O O   . LYS A 1 15  ? 4.002   -9.358  -5.075  1.00 23.91  ? 16  LYS A O   1 
ATOM   113  C CB  . LYS A 1 15  ? 4.207   -11.232 -2.598  1.00 26.01  ? 16  LYS A CB  1 
ATOM   114  C CG  . LYS A 1 15  ? 4.994   -11.903 -1.500  1.00 24.98  ? 16  LYS A CG  1 
ATOM   115  C CD  . LYS A 1 15  ? 4.358   -11.523 -0.200  1.00 25.88  ? 16  LYS A CD  1 
ATOM   116  C CE  . LYS A 1 15  ? 4.918   -12.230 0.981   1.00 27.96  ? 16  LYS A CE  1 
ATOM   117  N NZ  . LYS A 1 15  ? 4.715   -13.676 0.984   1.00 33.00  ? 16  LYS A NZ  1 
ATOM   118  N N   . LEU A 1 16  ? 2.893   -11.151 -5.580  1.00 25.83  ? 17  LEU A N   1 
ATOM   119  C CA  . LEU A 1 16  ? 1.959   -10.380 -6.412  1.00 25.85  ? 17  LEU A CA  1 
ATOM   120  C C   . LEU A 1 16  ? 0.989   -9.563  -5.521  1.00 25.13  ? 17  LEU A C   1 
ATOM   121  O O   . LEU A 1 16  ? 0.474   -10.099 -4.539  1.00 23.33  ? 17  LEU A O   1 
ATOM   122  C CB  . LEU A 1 16  ? 1.199   -11.338 -7.329  1.00 28.37  ? 17  LEU A CB  1 
ATOM   123  C CG  . LEU A 1 16  ? 2.044   -12.215 -8.271  1.00 30.28  ? 17  LEU A CG  1 
ATOM   124  C CD1 . LEU A 1 16  ? 1.477   -13.626 -8.358  1.00 30.43  ? 17  LEU A CD1 1 
ATOM   125  C CD2 . LEU A 1 16  ? 2.150   -11.568 -9.656  1.00 29.38  ? 17  LEU A CD2 1 
ATOM   126  N N   . ALA A 1 17  ? 0.748   -8.288  -5.862  1.00 24.66  ? 18  ALA A N   1 
ATOM   127  C CA  . ALA A 1 17  ? -0.173  -7.427  -5.113  1.00 25.51  ? 18  ALA A CA  1 
ATOM   128  C C   . ALA A 1 17  ? -1.502  -8.070  -4.786  1.00 27.43  ? 18  ALA A C   1 
ATOM   129  O O   . ALA A 1 17  ? -1.954  -7.974  -3.657  1.00 30.61  ? 18  ALA A O   1 
ATOM   130  C CB  . ALA A 1 17  ? -0.397  -6.100  -5.812  1.00 24.73  ? 18  ALA A CB  1 
ATOM   131  N N   . ILE A 1 18  ? -2.140  -8.698  -5.775  1.00 28.65  ? 19  ILE A N   1 
ATOM   132  C CA  . ILE A 1 18  ? -3.365  -9.517  -5.607  1.00 26.14  ? 19  ILE A CA  1 
ATOM   133  C C   . ILE A 1 18  ? -2.996  -11.026 -5.670  1.00 25.85  ? 19  ILE A C   1 
ATOM   134  O O   . ILE A 1 18  ? -2.354  -11.445 -6.642  1.00 23.64  ? 19  ILE A O   1 
ATOM   135  C CB  . ILE A 1 18  ? -4.340  -9.212  -6.767  1.00 27.94  ? 19  ILE A CB  1 
ATOM   136  C CG1 . ILE A 1 18  ? -4.727  -7.741  -6.767  1.00 28.58  ? 19  ILE A CG1 1 
ATOM   137  C CG2 . ILE A 1 18  ? -5.596  -10.094 -6.694  1.00 27.01  ? 19  ILE A CG2 1 
ATOM   138  C CD1 . ILE A 1 18  ? -5.953  -7.447  -7.607  1.00 31.25  ? 19  ILE A CD1 1 
ATOM   139  N N   . PRO A 1 19  ? -3.355  -11.861 -4.658  1.00 27.16  ? 20  PRO A N   1 
ATOM   140  C CA  . PRO A 1 19  ? -4.093  -11.810 -3.385  1.00 28.11  ? 20  PRO A CA  1 
ATOM   141  C C   . PRO A 1 19  ? -3.264  -11.605 -2.094  1.00 29.23  ? 20  PRO A C   1 
ATOM   142  O O   . PRO A 1 19  ? -3.848  -11.556 -1.015  1.00 34.23  ? 20  PRO A O   1 
ATOM   143  C CB  . PRO A 1 19  ? -4.662  -13.218 -3.288  1.00 29.35  ? 20  PRO A CB  1 
ATOM   144  C CG  . PRO A 1 19  ? -3.599  -14.089 -3.864  1.00 29.91  ? 20  PRO A CG  1 
ATOM   145  C CD  . PRO A 1 19  ? -2.937  -13.259 -4.954  1.00 28.85  ? 20  PRO A CD  1 
ATOM   146  N N   . SER A 1 20  ? -1.941  -11.494 -2.188  1.00 27.98  ? 21  SER A N   1 
ATOM   147  C CA  . SER A 1 20  ? -1.047  -11.268 -1.019  1.00 25.98  ? 21  SER A CA  1 
ATOM   148  C C   . SER A 1 20  ? -1.309  -10.087 -0.112  1.00 25.51  ? 21  SER A C   1 
ATOM   149  O O   . SER A 1 20  ? -1.227  -10.241 1.114   1.00 24.59  ? 21  SER A O   1 
ATOM   150  C CB  . SER A 1 20  ? 0.375   -11.147 -1.510  1.00 25.15  ? 21  SER A CB  1 
ATOM   151  O OG  . SER A 1 20  ? 0.741   -12.404 -1.973  1.00 25.33  ? 21  SER A OG  1 
ATOM   152  N N   . TYR A 1 21  ? -1.596  -8.918  -0.727  1.00 24.89  ? 22  TYR A N   1 
ATOM   153  C CA  . TYR A 1 21  ? -1.836  -7.610  -0.075  1.00 21.54  ? 22  TYR A CA  1 
ATOM   154  C C   . TYR A 1 21  ? -3.202  -6.909  -0.424  1.00 24.34  ? 22  TYR A C   1 
ATOM   155  O O   . TYR A 1 21  ? -3.331  -5.701  -0.204  1.00 28.03  ? 22  TYR A O   1 
ATOM   156  C CB  . TYR A 1 21  ? -0.675  -6.637  -0.374  1.00 18.90  ? 22  TYR A CB  1 
ATOM   157  C CG  . TYR A 1 21  ? 0.699   -7.058  0.099   1.00 18.45  ? 22  TYR A CG  1 
ATOM   158  C CD1 . TYR A 1 21  ? 1.055   -7.011  1.453   1.00 18.60  ? 22  TYR A CD1 1 
ATOM   159  C CD2 . TYR A 1 21  ? 1.637   -7.483  -0.803  1.00 16.38  ? 22  TYR A CD2 1 
ATOM   160  C CE1 . TYR A 1 21  ? 2.314   -7.395  1.863   1.00 17.47  ? 22  TYR A CE1 1 
ATOM   161  C CE2 . TYR A 1 21  ? 2.876   -7.915  -0.391  1.00 16.38  ? 22  TYR A CE2 1 
ATOM   162  C CZ  . TYR A 1 21  ? 3.198   -7.874  0.923   1.00 16.13  ? 22  TYR A CZ  1 
ATOM   163  O OH  . TYR A 1 21  ? 4.457   -8.247  1.247   1.00 15.92  ? 22  TYR A OH  1 
ATOM   164  N N   . SER A 1 22  ? -4.192  -7.589  -1.011  1.00 24.65  ? 23  SER A N   1 
ATOM   165  C CA  . SER A 1 22  ? -5.492  -6.923  -1.308  1.00 24.10  ? 23  SER A CA  1 
ATOM   166  C C   . SER A 1 22  ? -6.605  -7.453  -0.367  1.00 25.64  ? 23  SER A C   1 
ATOM   167  O O   . SER A 1 22  ? -7.725  -6.919  -0.303  1.00 27.81  ? 23  SER A O   1 
ATOM   168  C CB  . SER A 1 22  ? -5.885  -7.125  -2.765  1.00 22.95  ? 23  SER A CB  1 
ATOM   169  O OG  . SER A 1 22  ? -6.023  -8.524  -3.013  1.00 25.68  ? 23  SER A OG  1 
ATOM   170  N N   . SER A 1 23  ? -6.307  -8.521  0.344   1.00 24.79  ? 24  SER A N   1 
ATOM   171  C CA  . SER A 1 23  ? -7.200  -8.979  1.373   1.00 29.86  ? 24  SER A CA  1 
ATOM   172  C C   . SER A 1 23  ? -6.492  -9.289  2.725   1.00 30.69  ? 24  SER A C   1 
ATOM   173  O O   . SER A 1 23  ? -7.038  -10.062 3.525   1.00 36.36  ? 24  SER A O   1 
ATOM   174  C CB  . SER A 1 23  ? -7.990  -10.192 0.894   1.00 30.71  ? 24  SER A CB  1 
ATOM   175  O OG  . SER A 1 23  ? -7.124  -11.299 0.712   1.00 41.69  ? 24  SER A OG  1 
ATOM   176  N N   . TYR A 1 24  ? -5.360  -8.635  3.012   1.00 22.57  ? 25  TYR A N   1 
ATOM   177  C CA  . TYR A 1 24  ? -4.590  -8.889  4.225   1.00 19.80  ? 25  TYR A CA  1 
ATOM   178  C C   . TYR A 1 24  ? -5.049  -8.048  5.428   1.00 19.65  ? 25  TYR A C   1 
ATOM   179  O O   . TYR A 1 24  ? -5.221  -6.882  5.284   1.00 22.85  ? 25  TYR A O   1 
ATOM   180  C CB  . TYR A 1 24  ? -3.130  -8.604  3.907   1.00 18.34  ? 25  TYR A CB  1 
ATOM   181  C CG  . TYR A 1 24  ? -2.170  -9.067  4.950   1.00 17.41  ? 25  TYR A CG  1 
ATOM   182  C CD1 . TYR A 1 24  ? -1.882  -8.288  6.078   1.00 16.94  ? 25  TYR A CD1 1 
ATOM   183  C CD2 . TYR A 1 24  ? -1.507  -10.272 4.792   1.00 17.46  ? 25  TYR A CD2 1 
ATOM   184  C CE1 . TYR A 1 24  ? -0.971  -8.715  7.033   1.00 15.50  ? 25  TYR A CE1 1 
ATOM   185  C CE2 . TYR A 1 24  ? -0.607  -10.704 5.755   1.00 16.99  ? 25  TYR A CE2 1 
ATOM   186  C CZ  . TYR A 1 24  ? -0.355  -9.901  6.834   1.00 15.27  ? 25  TYR A CZ  1 
ATOM   187  O OH  . TYR A 1 24  ? 0.498   -10.378 7.705   1.00 16.64  ? 25  TYR A OH  1 
ATOM   188  N N   . GLY A 1 25  ? -5.269  -8.626  6.601   1.00 18.69  ? 26  GLY A N   1 
ATOM   189  C CA  . GLY A 1 25  ? -5.499  -7.850  7.805   1.00 17.98  ? 26  GLY A CA  1 
ATOM   190  C C   . GLY A 1 25  ? -6.730  -6.970  7.770   1.00 19.97  ? 26  GLY A C   1 
ATOM   191  O O   . GLY A 1 25  ? -7.708  -7.289  7.123   1.00 21.00  ? 26  GLY A O   1 
ATOM   192  N N   . CYS A 1 26  ? -6.674  -5.842  8.466   1.00 19.28  ? 27  CYS A N   1 
ATOM   193  C CA  . CYS A 1 26  ? -7.778  -4.946  8.565   1.00 18.54  ? 27  CYS A CA  1 
ATOM   194  C C   . CYS A 1 26  ? -7.723  -3.803  7.565   1.00 18.43  ? 27  CYS A C   1 
ATOM   195  O O   . CYS A 1 26  ? -8.727  -3.140  7.321   1.00 19.05  ? 27  CYS A O   1 
ATOM   196  C CB  . CYS A 1 26  ? -7.863  -4.386  9.987   1.00 18.59  ? 27  CYS A CB  1 
ATOM   197  S SG  . CYS A 1 26  ? -8.388  -5.693  11.119  1.00 19.31  ? 27  CYS A SG  1 
ATOM   198  N N   . TYR A 1 27  ? -6.562  -3.565  6.980   1.00 17.74  ? 28  TYR A N   1 
ATOM   199  C CA  . TYR A 1 27  ? -6.381  -2.400  6.118   1.00 17.16  ? 28  TYR A CA  1 
ATOM   200  C C   . TYR A 1 27  ? -5.858  -2.700  4.729   1.00 17.40  ? 28  TYR A C   1 
ATOM   201  O O   . TYR A 1 27  ? -5.906  -1.837  3.918   1.00 16.68  ? 28  TYR A O   1 
ATOM   202  C CB  . TYR A 1 27  ? -5.464  -1.344  6.787   1.00 15.63  ? 28  TYR A CB  1 
ATOM   203  C CG  . TYR A 1 27  ? -6.159  -0.649  7.877   1.00 15.38  ? 28  TYR A CG  1 
ATOM   204  C CD1 . TYR A 1 27  ? -6.131  -1.162  9.146   1.00 16.03  ? 28  TYR A CD1 1 
ATOM   205  C CD2 . TYR A 1 27  ? -6.888  0.491   7.642   1.00 15.28  ? 28  TYR A CD2 1 
ATOM   206  C CE1 . TYR A 1 27  ? -6.801  -0.548  10.178  1.00 16.40  ? 28  TYR A CE1 1 
ATOM   207  C CE2 . TYR A 1 27  ? -7.579  1.111   8.672   1.00 16.39  ? 28  TYR A CE2 1 
ATOM   208  C CZ  . TYR A 1 27  ? -7.530  0.588   9.925   1.00 16.86  ? 28  TYR A CZ  1 
ATOM   209  O OH  . TYR A 1 27  ? -8.219  1.190   10.952  1.00 18.69  ? 28  TYR A OH  1 
ATOM   210  N N   . CYS A 1 28  ? -5.275  -3.857  4.442   1.00 19.11  ? 29  CYS A N   1 
ATOM   211  C CA  . CYS A 1 28  ? -4.778  -4.013  3.072   1.00 24.46  ? 29  CYS A CA  1 
ATOM   212  C C   . CYS A 1 28  ? -5.960  -4.462  2.228   1.00 29.82  ? 29  CYS A C   1 
ATOM   213  O O   . CYS A 1 28  ? -6.381  -5.624  2.311   1.00 36.52  ? 29  CYS A O   1 
ATOM   214  C CB  . CYS A 1 28  ? -3.641  -5.023  2.999   1.00 20.86  ? 29  CYS A CB  1 
ATOM   215  S SG  . CYS A 1 28  ? -2.281  -4.679  4.122   1.00 20.69  ? 29  CYS A SG  1 
ATOM   216  N N   . GLY A 1 29  ? -6.550  -3.595  1.443   1.00 35.16  ? 30  GLY A N   1 
ATOM   217  C CA  . GLY A 1 29  ? -7.756  -4.080  0.784   1.00 45.34  ? 30  GLY A CA  1 
ATOM   218  C C   . GLY A 1 29  ? -8.662  -3.095  0.122   1.00 54.86  ? 30  GLY A C   1 
ATOM   219  O O   . GLY A 1 29  ? -8.605  -2.921  -1.099  1.00 71.16  ? 30  GLY A O   1 
ATOM   220  N N   . TRP A 1 30  ? -9.520  -2.490  0.941   1.00 63.41  ? 31  TRP A N   1 
ATOM   221  C CA  . TRP A 1 30  ? -10.521 -1.528  0.530   1.00 76.56  ? 31  TRP A CA  1 
ATOM   222  C C   . TRP A 1 30  ? -11.115 -0.945  1.778   1.00 72.49  ? 31  TRP A C   1 
ATOM   223  O O   . TRP A 1 30  ? -11.754 -1.664  2.578   1.00 60.56  ? 31  TRP A O   1 
ATOM   224  C CB  . TRP A 1 30  ? -11.617 -2.201  -0.283  1.00 83.41  ? 31  TRP A CB  1 
ATOM   225  C CG  . TRP A 1 30  ? -12.626 -1.233  -0.854  1.00 98.50  ? 31  TRP A CG  1 
ATOM   226  C CD1 . TRP A 1 30  ? -12.643 0.153   -0.721  1.00 103.20 ? 31  TRP A CD1 1 
ATOM   227  C CD2 . TRP A 1 30  ? -13.806 -1.550  -1.672  1.00 105.14 ? 31  TRP A CD2 1 
ATOM   228  N NE1 . TRP A 1 30  ? -13.717 0.695   -1.380  1.00 113.93 ? 31  TRP A NE1 1 
ATOM   229  C CE2 . TRP A 1 30  ? -14.454 -0.270  -1.970  1.00 113.27 ? 31  TRP A CE2 1 
ATOM   230  C CE3 . TRP A 1 30  ? -14.366 -2.718  -2.165  1.00 105.76 ? 31  TRP A CE3 1 
ATOM   231  C CZ2 . TRP A 1 30  ? -15.607 -0.193  -2.730  1.00 113.82 ? 31  TRP A CZ2 1 
ATOM   232  C CZ3 . TRP A 1 30  ? -15.531 -2.625  -2.932  1.00 109.21 ? 31  TRP A CZ3 1 
ATOM   233  C CH2 . TRP A 1 30  ? -16.134 -1.392  -3.206  1.00 114.34 ? 31  TRP A CH2 1 
ATOM   234  N N   . GLY A 1 31  ? -10.905 0.349   1.982   1.00 61.86  ? 32  GLY A N   1 
ATOM   235  C CA  . GLY A 1 31  ? -11.137 0.988   3.249   1.00 55.48  ? 32  GLY A CA  1 
ATOM   236  C C   . GLY A 1 31  ? -10.404 0.316   4.389   1.00 49.69  ? 32  GLY A C   1 
ATOM   237  O O   . GLY A 1 31  ? -9.384  -0.287  4.242   1.00 46.70  ? 32  GLY A O   1 
ATOM   238  N N   . GLY A 1 32  ? -10.959 0.453   5.557   1.00 42.01  ? 33  GLY A N   1 
ATOM   239  C CA  . GLY A 1 32  ? -10.339 -0.092  6.700   1.00 38.49  ? 33  GLY A CA  1 
ATOM   240  C C   . GLY A 1 32  ? -10.973 0.431   7.929   1.00 35.76  ? 33  GLY A C   1 
ATOM   241  O O   . GLY A 1 32  ? -11.513 1.491   7.932   1.00 34.78  ? 33  GLY A O   1 
ATOM   242  N N   . LYS A 1 33  ? -10.916 -0.360  8.981   1.00 33.54  ? 34  LYS A N   1 
ATOM   243  C CA  . LYS A 1 33  ? -11.479 -0.062  10.275  1.00 36.73  ? 34  LYS A CA  1 
ATOM   244  C C   . LYS A 1 33  ? -10.705 -0.856  11.297  1.00 31.44  ? 34  LYS A C   1 
ATOM   245  O O   . LYS A 1 33  ? -10.086 -1.803  10.957  1.00 30.30  ? 34  LYS A O   1 
ATOM   246  C CB  . LYS A 1 33  ? -12.963 -0.450  10.348  1.00 41.13  ? 34  LYS A CB  1 
ATOM   247  C CG  . LYS A 1 33  ? -13.332 -1.699  9.550   1.00 50.70  ? 34  LYS A CG  1 
ATOM   248  C CD  . LYS A 1 33  ? -14.289 -2.661  10.239  1.00 48.82  ? 34  LYS A CD  1 
ATOM   249  C CE  . LYS A 1 33  ? -15.697 -2.082  10.309  1.00 51.42  ? 34  LYS A CE  1 
ATOM   250  N NZ  . LYS A 1 33  ? -16.734 -2.787  9.520   1.00 54.33  ? 34  LYS A NZ  1 
ATOM   251  N N   . GLY A 1 34  ? -10.739 -0.471  12.554  1.00 31.94  ? 35  GLY A N   1 
ATOM   252  C CA  . GLY A 1 34  ? -10.103 -1.264  13.595  1.00 32.17  ? 35  GLY A CA  1 
ATOM   253  C C   . GLY A 1 34  ? -8.629  -0.986  13.773  1.00 32.23  ? 35  GLY A C   1 
ATOM   254  O O   . GLY A 1 34  ? -8.112  0.020   13.258  1.00 32.34  ? 35  GLY A O   1 
ATOM   255  N N   . THR A 1 35  ? -7.979  -1.891  14.508  1.00 30.33  ? 36  THR A N   1 
ATOM   256  C CA  . THR A 1 35  ? -6.589  -1.798  14.892  1.00 29.51  ? 36  THR A CA  1 
ATOM   257  C C   . THR A 1 35  ? -5.812  -2.672  13.936  1.00 27.14  ? 36  THR A C   1 
ATOM   258  O O   . THR A 1 35  ? -6.173  -3.826  13.735  1.00 27.03  ? 36  THR A O   1 
ATOM   259  C CB  . THR A 1 35  ? -6.341  -2.368  16.306  1.00 32.93  ? 36  THR A CB  1 
ATOM   260  O OG1 . THR A 1 35  ? -7.349  -1.901  17.221  1.00 36.18  ? 36  THR A OG1 1 
ATOM   261  C CG2 . THR A 1 35  ? -4.952  -1.967  16.803  1.00 33.80  ? 36  THR A CG2 1 
ATOM   262  N N   . PRO A 1 36  ? -4.733  -2.135  13.352  1.00 25.15  ? 37  PRO A N   1 
ATOM   263  C CA  . PRO A 1 36  ? -4.057  -2.928  12.361  1.00 23.54  ? 37  PRO A CA  1 
ATOM   264  C C   . PRO A 1 36  ? -3.519  -4.208  13.021  1.00 22.13  ? 37  PRO A C   1 
ATOM   265  O O   . PRO A 1 36  ? -3.141  -4.146  14.173  1.00 21.53  ? 37  PRO A O   1 
ATOM   266  C CB  . PRO A 1 36  ? -2.937  -1.964  11.896  1.00 24.34  ? 37  PRO A CB  1 
ATOM   267  C CG  . PRO A 1 36  ? -3.496  -0.597  12.105  1.00 23.52  ? 37  PRO A CG  1 
ATOM   268  C CD  . PRO A 1 36  ? -4.163  -0.766  13.445  1.00 24.94  ? 37  PRO A CD  1 
ATOM   269  N N   . LYS A 1 37  ? -3.512  -5.350  12.323  1.00 22.26  ? 38  LYS A N   1 
ATOM   270  C CA  . LYS A 1 37  ? -3.114  -6.657  12.904  1.00 21.78  ? 38  LYS A CA  1 
ATOM   271  C C   . LYS A 1 37  ? -1.619  -6.901  13.098  1.00 23.69  ? 38  LYS A C   1 
ATOM   272  O O   . LYS A 1 37  ? -1.200  -7.592  14.039  1.00 25.84  ? 38  LYS A O   1 
ATOM   273  C CB  . LYS A 1 37  ? -3.669  -7.847  12.086  1.00 24.63  ? 38  LYS A CB  1 
ATOM   274  C CG  . LYS A 1 37  ? -5.175  -7.877  11.796  1.00 26.46  ? 38  LYS A CG  1 
ATOM   275  C CD  . LYS A 1 37  ? -6.011  -7.616  13.046  1.00 29.35  ? 38  LYS A CD  1 
ATOM   276  C CE  . LYS A 1 37  ? -5.672  -8.614  14.139  1.00 31.46  ? 38  LYS A CE  1 
ATOM   277  N NZ  . LYS A 1 37  ? -6.373  -8.229  15.396  1.00 36.19  ? 38  LYS A NZ  1 
ATOM   278  N N   . ASP A 1 38  ? -0.793  -6.424  12.177  1.00 21.91  ? 39  ASP A N   1 
ATOM   279  C CA  . ASP A 1 38  ? 0.634   -6.601  12.292  1.00 20.25  ? 39  ASP A CA  1 
ATOM   280  C C   . ASP A 1 38  ? 1.395   -5.511  11.493  1.00 21.64  ? 39  ASP A C   1 
ATOM   281  O O   . ASP A 1 38  ? 0.756   -4.581  10.934  1.00 20.86  ? 39  ASP A O   1 
ATOM   282  C CB  . ASP A 1 38  ? 1.039   -7.998  11.800  1.00 20.10  ? 39  ASP A CB  1 
ATOM   283  C CG  . ASP A 1 38  ? 0.837   -8.165  10.352  1.00 19.08  ? 39  ASP A CG  1 
ATOM   284  O OD1 . ASP A 1 38  ? 0.188   -7.272  9.766   1.00 19.68  ? 39  ASP A OD1 1 
ATOM   285  O OD2 . ASP A 1 38  ? 1.316   -9.162  9.797   1.00 16.05  ? 39  ASP A OD2 1 
ATOM   286  N N   . ALA A 1 39  ? 2.736   -5.586  11.448  1.00 19.40  ? 40  ALA A N   1 
ATOM   287  C CA  . ALA A 1 39  ? 3.536   -4.506  10.839  1.00 18.07  ? 40  ALA A CA  1 
ATOM   288  C C   . ALA A 1 39  ? 3.104   -4.268  9.401   1.00 17.11  ? 40  ALA A C   1 
ATOM   289  O O   . ALA A 1 39  ? 2.943   -3.109  9.017   1.00 17.92  ? 40  ALA A O   1 
ATOM   290  C CB  . ALA A 1 39  ? 5.042   -4.783  10.928  1.00 17.34  ? 40  ALA A CB  1 
ATOM   291  N N   . THR A 1 40  ? 2.927   -5.356  8.625   1.00 16.53  ? 41  THR A N   1 
ATOM   292  C CA  . THR A 1 40  ? 2.366   -5.319  7.241   1.00 15.99  ? 41  THR A CA  1 
ATOM   293  C C   . THR A 1 40  ? 0.986   -4.610  7.107   1.00 16.43  ? 41  THR A C   1 
ATOM   294  O O   . THR A 1 40  ? 0.787   -3.831  6.218   1.00 17.43  ? 41  THR A O   1 
ATOM   295  C CB  . THR A 1 40  ? 2.348   -6.704  6.581   1.00 14.92  ? 41  THR A CB  1 
ATOM   296  O OG1 . THR A 1 40  ? 3.699   -7.162  6.487   1.00 15.69  ? 41  THR A OG1 1 
ATOM   297  C CG2 . THR A 1 40  ? 1.822   -6.626  5.154   1.00 15.15  ? 41  THR A CG2 1 
ATOM   298  N N   . ASP A 1 41  ? 0.060   -4.883  8.003   1.00 16.89  ? 42  ASP A N   1 
ATOM   299  C CA  . ASP A 1 41  ? -1.237  -4.176  8.085   1.00 16.74  ? 42  ASP A CA  1 
ATOM   300  C C   . ASP A 1 41  ? -1.027  -2.697  8.420   1.00 16.05  ? 42  ASP A C   1 
ATOM   301  O O   . ASP A 1 41  ? -1.775  -1.873  7.927   1.00 15.30  ? 42  ASP A O   1 
ATOM   302  C CB  . ASP A 1 41  ? -2.133  -4.851  9.166   1.00 15.53  ? 42  ASP A CB  1 
ATOM   303  C CG  . ASP A 1 41  ? -3.609  -4.709  8.894   1.00 17.56  ? 42  ASP A CG  1 
ATOM   304  O OD1 . ASP A 1 41  ? -3.994  -4.230  7.803   1.00 16.04  ? 42  ASP A OD1 1 
ATOM   305  O OD2 . ASP A 1 41  ? -4.411  -5.068  9.793   1.00 19.18  ? 42  ASP A OD2 1 
ATOM   306  N N   . ARG A 1 42  ? -0.050  -2.370  9.305   1.00 17.06  ? 43  ARG A N   1 
ATOM   307  C CA  . ARG A 1 42  ? 0.301   -0.978  9.637   1.00 16.42  ? 43  ARG A CA  1 
ATOM   308  C C   . ARG A 1 42  ? 0.842   -0.263  8.389   1.00 13.34  ? 43  ARG A C   1 
ATOM   309  O O   . ARG A 1 42  ? 0.569   0.912   8.196   1.00 12.74  ? 43  ARG A O   1 
ATOM   310  C CB  . ARG A 1 42  ? 1.241   -0.784  10.892  1.00 18.44  ? 43  ARG A CB  1 
ATOM   311  C CG  . ARG A 1 42  ? 0.518   -0.750  12.215  1.00 21.76  ? 43  ARG A CG  1 
ATOM   312  C CD  . ARG A 1 42  ? 1.331   -0.597  13.522  1.00 23.76  ? 43  ARG A CD  1 
ATOM   313  N NE  . ARG A 1 42  ? 2.620   -1.320  13.561  1.00 27.20  ? 43  ARG A NE  1 
ATOM   314  C CZ  . ARG A 1 42  ? 2.861   -2.542  14.080  1.00 29.12  ? 43  ARG A CZ  1 
ATOM   315  N NH1 . ARG A 1 42  ? 1.914   -3.266  14.658  1.00 33.64  ? 43  ARG A NH1 1 
ATOM   316  N NH2 . ARG A 1 42  ? 4.087   -3.064  14.048  1.00 26.18  ? 43  ARG A NH2 1 
ATOM   317  N N   . CYS A 1 43  ? 1.563   -0.943  7.524   1.00 12.83  ? 44  CYS A N   1 
ATOM   318  C CA  . CYS A 1 43  ? 1.951   -0.294  6.246   1.00 13.25  ? 44  CYS A CA  1 
ATOM   319  C C   . CYS A 1 43  ? 0.701   0.155   5.466   1.00 14.24  ? 44  CYS A C   1 
ATOM   320  O O   . CYS A 1 43  ? 0.703   1.213   4.860   1.00 13.78  ? 44  CYS A O   1 
ATOM   321  C CB  . CYS A 1 43  ? 2.763   -1.222  5.379   1.00 13.79  ? 44  CYS A CB  1 
ATOM   322  S SG  . CYS A 1 43  ? 4.261   -1.880  6.094   1.00 17.00  ? 44  CYS A SG  1 
ATOM   323  N N   . CYS A 1 44  ? -0.352  -0.688  5.443   1.00 15.82  ? 45  CYS A N   1 
ATOM   324  C CA  . CYS A 1 44  ? -1.569  -0.434  4.648   1.00 15.55  ? 45  CYS A CA  1 
ATOM   325  C C   . CYS A 1 44  ? -2.362  0.698   5.278   1.00 16.34  ? 45  CYS A C   1 
ATOM   326  O O   . CYS A 1 44  ? -2.830  1.582   4.572   1.00 18.24  ? 45  CYS A O   1 
ATOM   327  C CB  . CYS A 1 44  ? -2.411  -1.694  4.533   1.00 16.21  ? 45  CYS A CB  1 
ATOM   328  S SG  . CYS A 1 44  ? -1.610  -2.928  3.480   1.00 16.22  ? 45  CYS A SG  1 
ATOM   329  N N   . PHE A 1 45  ? -2.526  0.684   6.597   1.00 16.11  ? 46  PHE A N   1 
ATOM   330  C CA  . PHE A 1 45  ? -3.094  1.811   7.330   1.00 15.16  ? 46  PHE A CA  1 
ATOM   331  C C   . PHE A 1 45  ? -2.400  3.140   7.015   1.00 14.43  ? 46  PHE A C   1 
ATOM   332  O O   . PHE A 1 45  ? -3.077  4.100   6.753   1.00 13.87  ? 46  PHE A O   1 
ATOM   333  C CB  . PHE A 1 45  ? -2.999  1.532   8.833   1.00 17.68  ? 46  PHE A CB  1 
ATOM   334  C CG  . PHE A 1 45  ? -3.409  2.696   9.692   1.00 19.09  ? 46  PHE A CG  1 
ATOM   335  C CD1 . PHE A 1 45  ? -4.742  2.970   9.921   1.00 19.11  ? 46  PHE A CD1 1 
ATOM   336  C CD2 . PHE A 1 45  ? -2.458  3.478   10.287  1.00 20.23  ? 46  PHE A CD2 1 
ATOM   337  C CE1 . PHE A 1 45  ? -5.112  4.022   10.720  1.00 19.59  ? 46  PHE A CE1 1 
ATOM   338  C CE2 . PHE A 1 45  ? -2.818  4.546   11.070  1.00 21.71  ? 46  PHE A CE2 1 
ATOM   339  C CZ  . PHE A 1 45  ? -4.152  4.810   11.296  1.00 21.57  ? 46  PHE A CZ  1 
ATOM   340  N N   . VAL A 1 46  ? -1.055  3.211   7.051   1.00 14.02  ? 47  VAL A N   1 
ATOM   341  C CA  . VAL A 1 46  ? -0.292  4.432   6.721   1.00 13.25  ? 47  VAL A CA  1 
ATOM   342  C C   . VAL A 1 46  ? -0.473  4.782   5.231   1.00 14.83  ? 47  VAL A C   1 
ATOM   343  O O   . VAL A 1 46  ? -0.715  5.918   4.904   1.00 16.40  ? 47  VAL A O   1 
ATOM   344  C CB  . VAL A 1 46  ? 1.184   4.333   7.188   1.00 13.57  ? 47  VAL A CB  1 
ATOM   345  C CG1 . VAL A 1 46  ? 1.985   5.600   6.872   1.00 12.50  ? 47  VAL A CG1 1 
ATOM   346  C CG2 . VAL A 1 46  ? 1.197   4.085   8.708   1.00 12.87  ? 47  VAL A CG2 1 
ATOM   347  N N   . HIS A 1 47  ? -0.387  3.811   4.320   1.00 15.32  ? 48  HIS A N   1 
ATOM   348  C CA  . HIS A 1 47  ? -0.808  3.980   2.926   1.00 14.54  ? 48  HIS A CA  1 
ATOM   349  C C   . HIS A 1 47  ? -2.216  4.590   2.762   1.00 15.80  ? 48  HIS A C   1 
ATOM   350  O O   . HIS A 1 47  ? -2.322  5.618   2.059   1.00 15.11  ? 48  HIS A O   1 
ATOM   351  C CB  . HIS A 1 47  ? -0.702  2.659   2.148   1.00 12.95  ? 48  HIS A CB  1 
ATOM   352  C CG  . HIS A 1 47  ? -0.696  2.845   0.683   1.00 12.20  ? 48  HIS A CG  1 
ATOM   353  N ND1 . HIS A 1 47  ? -1.718  2.449   -0.118  1.00 11.77  ? 48  HIS A ND1 1 
ATOM   354  C CD2 . HIS A 1 47  ? 0.238   3.460   -0.145  1.00 12.09  ? 48  HIS A CD2 1 
ATOM   355  C CE1 . HIS A 1 47  ? -1.439  2.766   -1.400  1.00 11.25  ? 48  HIS A CE1 1 
ATOM   356  N NE2 . HIS A 1 47  ? -0.245  3.376   -1.425  1.00 12.27  ? 48  HIS A NE2 1 
ATOM   357  N N   . ASP A 1 48  ? -3.269  4.010   3.394   1.00 14.82  ? 49  ASP A N   1 
ATOM   358  C CA  . ASP A 1 48  ? -4.624  4.533   3.368   1.00 15.99  ? 49  ASP A CA  1 
ATOM   359  C C   . ASP A 1 48  ? -4.656  6.011   3.827   1.00 17.25  ? 49  ASP A C   1 
ATOM   360  O O   . ASP A 1 48  ? -5.301  6.838   3.149   1.00 18.48  ? 49  ASP A O   1 
ATOM   361  C CB  . ASP A 1 48  ? -5.576  3.754   4.284   1.00 18.16  ? 49  ASP A CB  1 
ATOM   362  C CG  . ASP A 1 48  ? -6.039  2.443   3.709   1.00 20.62  ? 49  ASP A CG  1 
ATOM   363  O OD1 . ASP A 1 48  ? -5.417  1.915   2.763   1.00 24.00  ? 49  ASP A OD1 1 
ATOM   364  O OD2 . ASP A 1 48  ? -6.999  1.880   4.263   1.00 20.90  ? 49  ASP A OD2 1 
ATOM   365  N N   . CYS A 1 49  ? -3.983  6.328   4.961   1.00 16.12  ? 50  CYS A N   1 
ATOM   366  C CA  . CYS A 1 49  ? -3.745  7.702   5.444   1.00 15.96  ? 50  CYS A CA  1 
ATOM   367  C C   . CYS A 1 49  ? -2.987  8.637   4.485   1.00 15.83  ? 50  CYS A C   1 
ATOM   368  O O   . CYS A 1 49  ? -3.336  9.823   4.352   1.00 16.67  ? 50  CYS A O   1 
ATOM   369  C CB  . CYS A 1 49  ? -3.023  7.722   6.802   1.00 17.73  ? 50  CYS A CB  1 
ATOM   370  S SG  . CYS A 1 49  ? -3.841  6.930   8.193   1.00 19.30  ? 50  CYS A SG  1 
ATOM   371  N N   . CYS A 1 50  ? -1.950  8.140   3.840   1.00 14.06  ? 51  CYS A N   1 
ATOM   372  C CA  . CYS A 1 50  ? -1.296  8.931   2.829   1.00 13.91  ? 51  CYS A CA  1 
ATOM   373  C C   . CYS A 1 50  ? -2.312  9.315   1.705   1.00 15.45  ? 51  CYS A C   1 
ATOM   374  O O   . CYS A 1 50  ? -2.399  10.452  1.347   1.00 17.09  ? 51  CYS A O   1 
ATOM   375  C CB  . CYS A 1 50  ? -0.115  8.164   2.305   1.00 12.60  ? 51  CYS A CB  1 
ATOM   376  S SG  . CYS A 1 50  ? 1.181   9.151   1.621   1.00 12.53  ? 51  CYS A SG  1 
ATOM   377  N N   . TYR A 1 51  ? -3.092  8.386   1.155   1.00 15.83  ? 52  TYR A N   1 
ATOM   378  C CA  . TYR A 1 51  ? -4.041  8.682   0.070   1.00 16.62  ? 52  TYR A CA  1 
ATOM   379  C C   . TYR A 1 51  ? -5.047  9.677   0.653   1.00 18.29  ? 52  TYR A C   1 
ATOM   380  O O   . TYR A 1 51  ? -5.449  10.604  -0.012  1.00 18.11  ? 52  TYR A O   1 
ATOM   381  C CB  . TYR A 1 51  ? -4.769  7.369   -0.374  1.00 14.77  ? 52  TYR A CB  1 
ATOM   382  C CG  . TYR A 1 51  ? -4.044  6.491   -1.431  1.00 13.86  ? 52  TYR A CG  1 
ATOM   383  C CD1 . TYR A 1 51  ? -2.754  6.821   -1.910  1.00 13.31  ? 52  TYR A CD1 1 
ATOM   384  C CD2 . TYR A 1 51  ? -4.668  5.383   -1.985  1.00 13.25  ? 52  TYR A CD2 1 
ATOM   385  C CE1 . TYR A 1 51  ? -2.123  6.073   -2.869  1.00 12.47  ? 52  TYR A CE1 1 
ATOM   386  C CE2 . TYR A 1 51  ? -4.022  4.632   -2.952  1.00 13.34  ? 52  TYR A CE2 1 
ATOM   387  C CZ  . TYR A 1 51  ? -2.737  4.980   -3.348  1.00 13.69  ? 52  TYR A CZ  1 
ATOM   388  O OH  . TYR A 1 51  ? -2.081  4.208   -4.305  1.00 16.31  ? 52  TYR A OH  1 
ATOM   389  N N   . GLY A 1 52  ? -5.414  9.487   1.928   1.00 18.96  ? 53  GLY A N   1 
ATOM   390  C CA  . GLY A 1 52  ? -6.410  10.307  2.600   1.00 18.96  ? 53  GLY A CA  1 
ATOM   391  C C   . GLY A 1 52  ? -6.080  11.775  2.632   1.00 21.13  ? 53  GLY A C   1 
ATOM   392  O O   . GLY A 1 52  ? -7.013  12.541  2.752   1.00 23.47  ? 53  GLY A O   1 
ATOM   393  N N   . ASN A 1 53  ? -4.786  12.154  2.571   1.00 21.98  ? 54  ASN A N   1 
ATOM   394  C CA  . ASN A 1 53  ? -4.303  13.565  2.442   1.00 24.01  ? 54  ASN A CA  1 
ATOM   395  C C   . ASN A 1 53  ? -4.338  14.080  1.018   1.00 23.47  ? 54  ASN A C   1 
ATOM   396  O O   . ASN A 1 53  ? -3.883  15.167  0.774   1.00 27.10  ? 54  ASN A O   1 
ATOM   397  C CB  . ASN A 1 53  ? -2.818  13.756  2.876   1.00 27.00  ? 54  ASN A CB  1 
ATOM   398  C CG  . ASN A 1 53  ? -2.580  13.588  4.397   1.00 31.38  ? 54  ASN A CG  1 
ATOM   399  O OD1 . ASN A 1 53  ? -3.364  14.033  5.233   1.00 32.41  ? 54  ASN A OD1 1 
ATOM   400  N ND2 . ASN A 1 53  ? -1.487  12.905  4.744   1.00 30.56  ? 54  ASN A ND2 1 
ATOM   401  N N   . LEU A 1 54  ? -4.805  13.313  0.068   1.00 22.85  ? 55  LEU A N   1 
ATOM   402  C CA  . LEU A 1 54  ? -4.848  13.713  -1.318  1.00 21.63  ? 55  LEU A CA  1 
ATOM   403  C C   . LEU A 1 54  ? -6.266  13.591  -1.857  1.00 21.43  ? 55  LEU A C   1 
ATOM   404  O O   . LEU A 1 54  ? -6.496  12.769  -2.665  1.00 21.93  ? 55  LEU A O   1 
ATOM   405  C CB  . LEU A 1 54  ? -3.890  12.870  -2.155  1.00 19.93  ? 55  LEU A CB  1 
ATOM   406  C CG  . LEU A 1 54  ? -2.502  12.594  -1.672  1.00 19.22  ? 55  LEU A CG  1 
ATOM   407  C CD1 . LEU A 1 54  ? -1.817  11.613  -2.559  1.00 18.34  ? 55  LEU A CD1 1 
ATOM   408  C CD2 . LEU A 1 54  ? -1.707  13.846  -1.592  1.00 18.97  ? 55  LEU A CD2 1 
ATOM   409  N N   . PRO A 1 55  ? -7.186  14.421  -1.367  1.00 22.25  ? 56  PRO A N   1 
ATOM   410  C CA  . PRO A 1 55  ? -8.621  14.322  -1.641  1.00 22.01  ? 56  PRO A CA  1 
ATOM   411  C C   . PRO A 1 55  ? -9.116  14.748  -3.025  1.00 19.73  ? 56  PRO A C   1 
ATOM   412  O O   . PRO A 1 55  ? -10.081 14.212  -3.462  1.00 18.01  ? 56  PRO A O   1 
ATOM   413  C CB  . PRO A 1 55  ? -9.258  15.197  -0.541  1.00 21.05  ? 56  PRO A CB  1 
ATOM   414  C CG  . PRO A 1 55  ? -8.154  15.782  0.211   1.00 20.52  ? 56  PRO A CG  1 
ATOM   415  C CD  . PRO A 1 55  ? -6.904  15.592  -0.541  1.00 22.61  ? 56  PRO A CD  1 
ATOM   416  N N   . ASP A 1 56  ? -8.447  15.681  -3.665  1.00 24.71  ? 59  ASP A N   1 
ATOM   417  C CA  . ASP A 1 56  ? -8.756  16.035  -5.030  1.00 29.60  ? 59  ASP A CA  1 
ATOM   418  C C   . ASP A 1 56  ? -7.838  15.345  -6.057  1.00 27.94  ? 59  ASP A C   1 
ATOM   419  O O   . ASP A 1 56  ? -7.762  15.744  -7.177  1.00 31.51  ? 59  ASP A O   1 
ATOM   420  C CB  . ASP A 1 56  ? -8.804  17.540  -5.225  1.00 32.97  ? 59  ASP A CB  1 
ATOM   421  C CG  . ASP A 1 56  ? -9.910  18.224  -4.432  1.00 33.53  ? 59  ASP A CG  1 
ATOM   422  O OD1 . ASP A 1 56  ? -9.872  19.423  -4.351  1.00 37.41  ? 59  ASP A OD1 1 
ATOM   423  O OD2 . ASP A 1 56  ? -10.801 17.603  -3.903  1.00 30.46  ? 59  ASP A OD2 1 
ATOM   424  N N   . CYS A 1 57  ? -7.137  14.288  -5.496  1.00 16.82  ? 61  CYS A N   1 
ATOM   425  C CA  . CYS A 1 57  ? -6.369  13.411  -6.370  1.00 18.09  ? 61  CYS A CA  1 
ATOM   426  C C   . CYS A 1 57  ? -7.073  12.072  -6.565  1.00 16.64  ? 61  CYS A C   1 
ATOM   427  O O   . CYS A 1 57  ? -8.040  11.762  -5.869  1.00 17.16  ? 61  CYS A O   1 
ATOM   428  C CB  . CYS A 1 57  ? -4.964  13.188  -5.806  1.00 16.19  ? 61  CYS A CB  1 
ATOM   429  S SG  . CYS A 1 57  ? -3.978  14.694  -5.642  1.00 16.38  ? 61  CYS A SG  1 
ATOM   430  N N   . ASN A 1 58  ? -6.710  11.242  -7.488  1.00 20.36  ? 67  ASN A N   1 
ATOM   431  C CA  . ASN A 1 58  ? -7.309  9.973   -7.734  1.00 20.13  ? 67  ASN A CA  1 
ATOM   432  C C   . ASN A 1 58  ? -6.246  8.864   -7.835  1.00 20.55  ? 67  ASN A C   1 
ATOM   433  O O   . ASN A 1 58  ? -5.880  8.537   -8.915  1.00 22.38  ? 67  ASN A O   1 
ATOM   434  C CB  . ASN A 1 58  ? -8.178  10.048  -9.010  1.00 22.34  ? 67  ASN A CB  1 
ATOM   435  C CG  . ASN A 1 58  ? -9.278  11.132  -8.975  1.00 22.96  ? 67  ASN A CG  1 
ATOM   436  O OD1 . ASN A 1 58  ? -10.375 10.878  -8.604  1.00 23.02  ? 67  ASN A OD1 1 
ATOM   437  N ND2 . ASN A 1 58  ? -8.959  12.308  -9.408  1.00 22.76  ? 67  ASN A ND2 1 
ATOM   438  N N   . PRO A 1 59  ? -5.779  8.289   -6.716  1.00 21.34  ? 68  PRO A N   1 
ATOM   439  C CA  . PRO A 1 59  ? -4.614  7.416   -6.698  1.00 19.91  ? 68  PRO A CA  1 
ATOM   440  C C   . PRO A 1 59  ? -4.767  6.082   -7.320  1.00 21.95  ? 68  PRO A C   1 
ATOM   441  O O   . PRO A 1 59  ? -3.781  5.593   -7.713  1.00 20.66  ? 68  PRO A O   1 
ATOM   442  C CB  . PRO A 1 59  ? -4.315  7.238   -5.240  1.00 20.47  ? 68  PRO A CB  1 
ATOM   443  C CG  . PRO A 1 59  ? -5.096  8.199   -4.540  1.00 21.71  ? 68  PRO A CG  1 
ATOM   444  C CD  . PRO A 1 59  ? -6.254  8.525   -5.364  1.00 22.80  ? 68  PRO A CD  1 
ATOM   445  N N   . LYS A 1 60  ? -5.991  5.592   -7.480  1.00 26.19  ? 69  LYS A N   1 
ATOM   446  C CA  . LYS A 1 60  ? -6.235  4.319   -8.141  1.00 25.23  ? 69  LYS A CA  1 
ATOM   447  C C   . LYS A 1 60  ? -6.161  4.390   -9.671  1.00 24.84  ? 69  LYS A C   1 
ATOM   448  O O   . LYS A 1 60  ? -5.807  3.401   -10.311 1.00 25.34  ? 69  LYS A O   1 
ATOM   449  C CB  . LYS A 1 60  ? -7.591  3.751   -7.713  1.00 28.26  ? 69  LYS A CB  1 
ATOM   450  C CG  . LYS A 1 60  ? -7.601  3.154   -6.316  1.00 33.44  ? 69  LYS A CG  1 
ATOM   451  C CD  . LYS A 1 60  ? -8.946  2.525   -5.993  1.00 48.20  ? 69  LYS A CD  1 
ATOM   452  C CE  . LYS A 1 60  ? -9.699  2.149   -7.259  1.00 55.53  ? 69  LYS A CE  1 
ATOM   453  N NZ  . LYS A 1 60  ? -10.428 0.860   -7.109  1.00 57.50  ? 69  LYS A NZ  1 
ATOM   454  N N   . SER A 1 61  ? -6.496  5.536   -10.266 1.00 22.25  ? 70  SER A N   1 
ATOM   455  C CA  . SER A 1 61  ? -6.521  5.600   -11.728 1.00 21.23  ? 70  SER A CA  1 
ATOM   456  C C   . SER A 1 61  ? -5.545  6.583   -12.392 1.00 20.98  ? 70  SER A C   1 
ATOM   457  O O   . SER A 1 61  ? -5.345  6.520   -13.593 1.00 28.52  ? 70  SER A O   1 
ATOM   458  C CB  . SER A 1 61  ? -7.929  5.884   -12.187 1.00 23.07  ? 70  SER A CB  1 
ATOM   459  O OG  . SER A 1 61  ? -8.430  7.095   -11.645 1.00 23.98  ? 70  SER A OG  1 
ATOM   460  N N   . ASP A 1 62  ? -4.929  7.472   -11.670 1.00 18.28  ? 71  ASP A N   1 
ATOM   461  C CA  . ASP A 1 62  ? -4.024  8.414   -12.261 1.00 16.40  ? 71  ASP A CA  1 
ATOM   462  C C   . ASP A 1 62  ? -2.660  7.800   -12.277 1.00 17.80  ? 71  ASP A C   1 
ATOM   463  O O   . ASP A 1 62  ? -2.134  7.455   -11.304 1.00 18.49  ? 71  ASP A O   1 
ATOM   464  C CB  . ASP A 1 62  ? -4.037  9.726   -11.493 1.00 14.60  ? 71  ASP A CB  1 
ATOM   465  C CG  . ASP A 1 62  ? -3.172  10.775  -12.077 1.00 12.85  ? 71  ASP A CG  1 
ATOM   466  O OD1 . ASP A 1 62  ? -3.037  11.775  -11.484 1.00 11.82  ? 71  ASP A OD1 1 
ATOM   467  O OD2 . ASP A 1 62  ? -2.604  10.638  -13.090 1.00 12.10  ? 71  ASP A OD2 1 
ATOM   468  N N   . ARG A 1 63  ? -2.098  7.698   -13.448 1.00 17.88  ? 72  ARG A N   1 
ATOM   469  C CA  . ARG A 1 63  ? -0.852  7.018   -13.684 1.00 18.37  ? 72  ARG A CA  1 
ATOM   470  C C   . ARG A 1 63  ? 0.341   7.949   -13.499 1.00 17.91  ? 72  ARG A C   1 
ATOM   471  O O   . ARG A 1 63  ? 0.305   9.083   -13.925 1.00 19.53  ? 72  ARG A O   1 
ATOM   472  C CB  . ARG A 1 63  ? -0.910  6.359   -15.100 1.00 22.88  ? 72  ARG A CB  1 
ATOM   473  C CG  . ARG A 1 63  ? -1.993  5.264   -15.180 1.00 24.70  ? 72  ARG A CG  1 
ATOM   474  C CD  . ARG A 1 63  ? -2.173  4.426   -16.442 1.00 27.06  ? 72  ARG A CD  1 
ATOM   475  N NE  . ARG A 1 63  ? -0.889  4.162   -17.005 1.00 37.19  ? 72  ARG A NE  1 
ATOM   476  C CZ  . ARG A 1 63  ? -0.643  3.396   -18.073 1.00 41.44  ? 72  ARG A CZ  1 
ATOM   477  N NH1 . ARG A 1 63  ? -1.626  2.769   -18.706 1.00 39.59  ? 72  ARG A NH1 1 
ATOM   478  N NH2 . ARG A 1 63  ? 0.620   3.263   -18.500 1.00 40.72  ? 72  ARG A NH2 1 
ATOM   479  N N   . TYR A 1 64  ? 1.392   7.481   -12.816 1.00 17.73  ? 73  TYR A N   1 
ATOM   480  C CA  . TYR A 1 64  ? 2.669   8.175   -12.702 1.00 15.44  ? 73  TYR A CA  1 
ATOM   481  C C   . TYR A 1 64  ? 3.773   7.316   -13.246 1.00 17.10  ? 73  TYR A C   1 
ATOM   482  O O   . TYR A 1 64  ? 3.585   6.141   -13.536 1.00 16.30  ? 73  TYR A O   1 
ATOM   483  C CB  . TYR A 1 64  ? 2.994   8.520   -11.242 1.00 14.20  ? 73  TYR A CB  1 
ATOM   484  C CG  . TYR A 1 64  ? 2.953   7.362   -10.301 1.00 13.41  ? 73  TYR A CG  1 
ATOM   485  C CD1 . TYR A 1 64  ? 4.039   6.499   -10.186 1.00 13.01  ? 73  TYR A CD1 1 
ATOM   486  C CD2 . TYR A 1 64  ? 1.841   7.118   -9.499  1.00 12.67  ? 73  TYR A CD2 1 
ATOM   487  C CE1 . TYR A 1 64  ? 4.015   5.427   -9.306  1.00 12.51  ? 73  TYR A CE1 1 
ATOM   488  C CE2 . TYR A 1 64  ? 1.812   6.015   -8.671  1.00 12.47  ? 73  TYR A CE2 1 
ATOM   489  C CZ  . TYR A 1 64  ? 2.931   5.198   -8.578  1.00 12.44  ? 73  TYR A CZ  1 
ATOM   490  O OH  . TYR A 1 64  ? 2.976   4.121   -7.733  1.00 12.76  ? 73  TYR A OH  1 
ATOM   491  N N   . LYS A 1 65  ? 4.961   7.897   -13.352 1.00 19.14  ? 74  LYS A N   1 
ATOM   492  C CA  . LYS A 1 65  ? 6.125   7.136   -13.757 1.00 21.24  ? 74  LYS A CA  1 
ATOM   493  C C   . LYS A 1 65  ? 7.147   7.147   -12.613 1.00 19.71  ? 74  LYS A C   1 
ATOM   494  O O   . LYS A 1 65  ? 7.270   8.119   -11.894 1.00 18.93  ? 74  LYS A O   1 
ATOM   495  C CB  . LYS A 1 65  ? 6.799   7.745   -15.021 1.00 24.75  ? 74  LYS A CB  1 
ATOM   496  C CG  . LYS A 1 65  ? 5.944   7.952   -16.279 1.00 27.36  ? 74  LYS A CG  1 
ATOM   497  C CD  . LYS A 1 65  ? 5.601   6.615   -16.929 1.00 31.25  ? 74  LYS A CD  1 
ATOM   498  C CE  . LYS A 1 65  ? 4.918   6.808   -18.273 1.00 33.94  ? 74  LYS A CE  1 
ATOM   499  N NZ  . LYS A 1 65  ? 5.774   7.778   -19.033 1.00 42.45  ? 74  LYS A NZ  1 
ATOM   500  N N   . TYR A 1 66  ? 7.920   6.078   -12.488 1.00 20.21  ? 75  TYR A N   1 
ATOM   501  C CA  . TYR A 1 66  ? 9.004   5.987   -11.507 1.00 21.37  ? 75  TYR A CA  1 
ATOM   502  C C   . TYR A 1 66  ? 10.093  5.173   -12.215 1.00 23.91  ? 75  TYR A C   1 
ATOM   503  O O   . TYR A 1 66  ? 9.728   4.423   -13.142 1.00 25.07  ? 75  TYR A O   1 
ATOM   504  C CB  . TYR A 1 66  ? 8.516   5.347   -10.184 1.00 18.41  ? 75  TYR A CB  1 
ATOM   505  C CG  . TYR A 1 66  ? 8.275   3.862   -10.258 1.00 18.01  ? 75  TYR A CG  1 
ATOM   506  C CD1 . TYR A 1 66  ? 9.294   2.944   -9.938  1.00 16.32  ? 75  TYR A CD1 1 
ATOM   507  C CD2 . TYR A 1 66  ? 7.059   3.373   -10.670 1.00 16.25  ? 75  TYR A CD2 1 
ATOM   508  C CE1 . TYR A 1 66  ? 9.063   1.604   -9.983  1.00 15.15  ? 75  TYR A CE1 1 
ATOM   509  C CE2 . TYR A 1 66  ? 6.836   2.023   -10.728 1.00 14.91  ? 75  TYR A CE2 1 
ATOM   510  C CZ  . TYR A 1 66  ? 7.836   1.173   -10.403 1.00 15.29  ? 75  TYR A CZ  1 
ATOM   511  O OH  . TYR A 1 66  ? 7.592   -0.158  -10.482 1.00 16.13  ? 75  TYR A OH  1 
ATOM   512  N N   . LYS A 1 67  ? 11.375  5.393   -11.859 1.00 23.05  ? 76  LYS A N   1 
ATOM   513  C CA  . LYS A 1 67  ? 12.519  4.616   -12.353 1.00 24.69  ? 76  LYS A CA  1 
ATOM   514  C C   . LYS A 1 67  ? 13.298  4.004   -11.176 1.00 24.87  ? 76  LYS A C   1 
ATOM   515  O O   . LYS A 1 67  ? 13.149  4.433   -10.060 1.00 27.83  ? 76  LYS A O   1 
ATOM   516  C CB  . LYS A 1 67  ? 13.440  5.480   -13.204 1.00 24.99  ? 76  LYS A CB  1 
ATOM   517  C CG  . LYS A 1 67  ? 13.882  6.731   -12.467 1.00 29.85  ? 76  LYS A CG  1 
ATOM   518  C CD  . LYS A 1 67  ? 14.850  7.456   -13.345 1.00 31.32  ? 76  LYS A CD  1 
ATOM   519  C CE  . LYS A 1 67  ? 15.408  8.686   -12.677 1.00 34.69  ? 76  LYS A CE  1 
ATOM   520  N NZ  . LYS A 1 67  ? 16.537  9.077   -13.572 1.00 37.62  ? 76  LYS A NZ  1 
ATOM   521  N N   . ARG A 1 68  ? 14.066  2.949   -11.424 1.00 29.22  ? 77  ARG A N   1 
ATOM   522  C CA  . ARG A 1 68  ? 15.008  2.354   -10.464 1.00 27.67  ? 77  ARG A CA  1 
ATOM   523  C C   . ARG A 1 68  ? 16.371  2.994   -10.733 1.00 31.18  ? 77  ARG A C   1 
ATOM   524  O O   . ARG A 1 68  ? 16.868  2.928   -11.862 1.00 31.78  ? 77  ARG A O   1 
ATOM   525  C CB  . ARG A 1 68  ? 15.060  0.838   -10.654 1.00 24.67  ? 77  ARG A CB  1 
ATOM   526  C CG  . ARG A 1 68  ? 13.736  0.132   -10.317 1.00 23.24  ? 77  ARG A CG  1 
ATOM   527  C CD  . ARG A 1 68  ? 13.561  -0.105  -8.825  1.00 19.58  ? 77  ARG A CD  1 
ATOM   528  N NE  . ARG A 1 68  ? 12.279  -0.725  -8.479  1.00 16.56  ? 77  ARG A NE  1 
ATOM   529  C CZ  . ARG A 1 68  ? 11.944  -1.055  -7.236  1.00 15.78  ? 77  ARG A CZ  1 
ATOM   530  N NH1 . ARG A 1 68  ? 12.767  -0.836  -6.227  1.00 13.34  ? 77  ARG A NH1 1 
ATOM   531  N NH2 . ARG A 1 68  ? 10.767  -1.585  -6.985  1.00 14.60  ? 77  ARG A NH2 1 
ATOM   532  N N   . VAL A 1 69  ? 16.903  3.697   -9.734  1.00 31.70  ? 78  VAL A N   1 
ATOM   533  C CA  . VAL A 1 69  ? 18.294  4.127   -9.713  1.00 33.20  ? 78  VAL A CA  1 
ATOM   534  C C   . VAL A 1 69  ? 18.983  3.085   -8.808  1.00 39.75  ? 78  VAL A C   1 
ATOM   535  O O   . VAL A 1 69  ? 18.974  3.215   -7.567  1.00 38.97  ? 78  VAL A O   1 
ATOM   536  C CB  . VAL A 1 69  ? 18.446  5.594   -9.228  1.00 31.44  ? 78  VAL A CB  1 
ATOM   537  C CG1 . VAL A 1 69  ? 19.903  5.988   -9.117  1.00 28.65  ? 78  VAL A CG1 1 
ATOM   538  C CG2 . VAL A 1 69  ? 17.750  6.518   -10.206 1.00 29.54  ? 78  VAL A CG2 1 
ATOM   539  N N   . ASN A 1 70  ? 19.511  2.020   -9.442  1.00 43.87  ? 79  ASN A N   1 
ATOM   540  C CA  . ASN A 1 70  ? 20.132  0.855   -8.762  1.00 45.28  ? 79  ASN A CA  1 
ATOM   541  C C   . ASN A 1 70  ? 19.293  0.163   -7.665  1.00 44.80  ? 79  ASN A C   1 
ATOM   542  O O   . ASN A 1 70  ? 19.801  -0.111  -6.591  1.00 52.75  ? 79  ASN A O   1 
ATOM   543  C CB  . ASN A 1 70  ? 21.483  1.297   -8.176  1.00 49.67  ? 79  ASN A CB  1 
ATOM   544  C CG  . ASN A 1 70  ? 22.669  0.605   -8.812  1.00 53.96  ? 79  ASN A CG  1 
ATOM   545  O OD1 . ASN A 1 70  ? 22.706  0.330   -10.018 1.00 49.84  ? 79  ASN A OD1 1 
ATOM   546  N ND2 . ASN A 1 70  ? 23.671  0.324   -7.985  1.00 58.64  ? 79  ASN A ND2 1 
ATOM   547  N N   . GLY A 1 71  ? 18.018  -0.116  -7.874  1.00 38.53  ? 80  GLY A N   1 
ATOM   548  C CA  . GLY A 1 71  ? 17.237  -0.556  -6.698  1.00 34.96  ? 80  GLY A CA  1 
ATOM   549  C C   . GLY A 1 71  ? 16.407  0.496   -5.933  1.00 27.37  ? 80  GLY A C   1 
ATOM   550  O O   . GLY A 1 71  ? 15.366  0.171   -5.354  1.00 25.01  ? 80  GLY A O   1 
ATOM   551  N N   . ALA A 1 72  ? 16.863  1.737   -5.898  1.00 21.89  ? 81  ALA A N   1 
ATOM   552  C CA  . ALA A 1 72  ? 16.084  2.818   -5.260  1.00 22.18  ? 81  ALA A CA  1 
ATOM   553  C C   . ALA A 1 72  ? 14.929  3.254   -6.177  1.00 20.65  ? 81  ALA A C   1 
ATOM   554  O O   . ALA A 1 72  ? 15.163  3.390   -7.357  1.00 19.57  ? 81  ALA A O   1 
ATOM   555  C CB  . ALA A 1 72  ? 16.966  4.025   -4.912  1.00 22.17  ? 81  ALA A CB  1 
ATOM   556  N N   . ILE A 1 73  ? 13.713  3.445   -5.628  1.00 18.39  ? 82  ILE A N   1 
ATOM   557  C CA  . ILE A 1 73  ? 12.563  3.993   -6.330  1.00 16.36  ? 82  ILE A CA  1 
ATOM   558  C C   . ILE A 1 73  ? 12.765  5.508   -6.447  1.00 17.89  ? 82  ILE A C   1 
ATOM   559  O O   . ILE A 1 73  ? 13.010  6.228   -5.463  1.00 20.09  ? 82  ILE A O   1 
ATOM   560  C CB  . ILE A 1 73  ? 11.239  3.616   -5.589  1.00 16.07  ? 82  ILE A CB  1 
ATOM   561  C CG1 . ILE A 1 73  ? 11.148  2.094   -5.456  1.00 16.37  ? 82  ILE A CG1 1 
ATOM   562  C CG2 . ILE A 1 73  ? 10.022  4.041   -6.389  1.00 16.82  ? 82  ILE A CG2 1 
ATOM   563  C CD1 . ILE A 1 73  ? 10.052  1.545   -4.578  1.00 15.92  ? 82  ILE A CD1 1 
ATOM   564  N N   . VAL A 1 74  ? 12.686  6.032   -7.655  1.00 17.87  ? 83  VAL A N   1 
ATOM   565  C CA  . VAL A 1 74  ? 12.753  7.478   -7.836  1.00 17.28  ? 83  VAL A CA  1 
ATOM   566  C C   . VAL A 1 74  ? 11.458  7.879   -8.563  1.00 18.26  ? 83  VAL A C   1 
ATOM   567  O O   . VAL A 1 74  ? 11.155  7.370   -9.651  1.00 19.60  ? 83  VAL A O   1 
ATOM   568  C CB  . VAL A 1 74  ? 14.033  7.871   -8.614  1.00 17.72  ? 83  VAL A CB  1 
ATOM   569  C CG1 . VAL A 1 74  ? 14.184  9.369   -8.753  1.00 17.20  ? 83  VAL A CG1 1 
ATOM   570  C CG2 . VAL A 1 74  ? 15.274  7.332   -7.931  1.00 17.69  ? 83  VAL A CG2 1 
ATOM   571  N N   . CYS A 1 75  ? 10.643  8.725   -7.952  1.00 17.81  ? 84  CYS A N   1 
ATOM   572  C CA  . CYS A 1 75  ? 9.411   9.142   -8.609  1.00 17.19  ? 84  CYS A CA  1 
ATOM   573  C C   . CYS A 1 75  ? 9.755   10.151  -9.684  1.00 18.57  ? 84  CYS A C   1 
ATOM   574  O O   . CYS A 1 75  ? 10.472  11.136  -9.436  1.00 19.91  ? 84  CYS A O   1 
ATOM   575  C CB  . CYS A 1 75  ? 8.416   9.727   -7.617  1.00 15.69  ? 84  CYS A CB  1 
ATOM   576  S SG  . CYS A 1 75  ? 7.809   8.511   -6.452  1.00 15.53  ? 84  CYS A SG  1 
ATOM   577  N N   . GLU A 1 76  ? 9.280   9.904   -10.898 1.00 21.45  ? 85  GLU A N   1 
ATOM   578  C CA  . GLU A 1 76  ? 9.419   10.909  -11.983 1.00 24.78  ? 85  GLU A CA  1 
ATOM   579  C C   . GLU A 1 76  ? 8.487   12.140  -11.825 1.00 24.14  ? 85  GLU A C   1 
ATOM   580  O O   . GLU A 1 76  ? 7.394   12.087  -11.237 1.00 21.20  ? 85  GLU A O   1 
ATOM   581  C CB  . GLU A 1 76  ? 9.225   10.248  -13.352 1.00 29.21  ? 85  GLU A CB  1 
ATOM   582  C CG  . GLU A 1 76  ? 10.282  10.609  -14.357 1.00 36.56  ? 85  GLU A CG  1 
ATOM   583  C CD  . GLU A 1 76  ? 11.232  9.471   -14.648 1.00 40.94  ? 85  GLU A CD  1 
ATOM   584  O OE1 . GLU A 1 76  ? 10.804  8.508   -15.353 1.00 45.91  ? 85  GLU A OE1 1 
ATOM   585  O OE2 . GLU A 1 76  ? 12.401  9.584   -14.219 1.00 38.78  ? 85  GLU A OE2 1 
ATOM   586  N N   . LYS A 1 77  ? 8.934   13.261  -12.321 1.00 25.14  ? 86  LYS A N   1 
ATOM   587  C CA  . LYS A 1 77  ? 8.154   14.472  -12.439 1.00 28.59  ? 86  LYS A CA  1 
ATOM   588  C C   . LYS A 1 77  ? 6.903   14.339  -13.289 1.00 23.89  ? 86  LYS A C   1 
ATOM   589  O O   . LYS A 1 77  ? 6.979   13.959  -14.408 1.00 23.52  ? 86  LYS A O   1 
ATOM   590  C CB  . LYS A 1 77  ? 9.042   15.528  -13.089 1.00 36.47  ? 86  LYS A CB  1 
ATOM   591  C CG  . LYS A 1 77  ? 9.328   16.764  -12.281 1.00 41.91  ? 86  LYS A CG  1 
ATOM   592  C CD  . LYS A 1 77  ? 9.616   17.955  -13.154 1.00 52.28  ? 86  LYS A CD  1 
ATOM   593  C CE  . LYS A 1 77  ? 11.084  18.347  -13.109 1.00 59.48  ? 86  LYS A CE  1 
ATOM   594  N NZ  . LYS A 1 77  ? 11.245  19.783  -12.787 1.00 66.49  ? 86  LYS A NZ  1 
ATOM   595  N N   . GLY A 1 78  ? 5.771   14.649  -12.710 1.00 12.20  ? 88  GLY A N   1 
ATOM   596  C CA  . GLY A 1 78  ? 4.500   14.677  -13.356 1.00 12.32  ? 88  GLY A CA  1 
ATOM   597  C C   . GLY A 1 78  ? 3.670   15.811  -12.846 1.00 12.34  ? 88  GLY A C   1 
ATOM   598  O O   . GLY A 1 78  ? 4.174   16.787  -12.501 1.00 12.64  ? 88  GLY A O   1 
ATOM   599  N N   . THR A 1 79  ? 2.375   15.642  -12.814 1.00 13.02  ? 89  THR A N   1 
ATOM   600  C CA  . THR A 1 79  ? 1.469   16.587  -12.193 1.00 12.60  ? 89  THR A CA  1 
ATOM   601  C C   . THR A 1 79  ? 1.682   16.557  -10.712 1.00 14.13  ? 89  THR A C   1 
ATOM   602  O O   . THR A 1 79  ? 2.310   15.702  -10.210 1.00 15.72  ? 89  THR A O   1 
ATOM   603  C CB  . THR A 1 79  ? -0.013  16.324  -12.532 1.00 12.54  ? 89  THR A CB  1 
ATOM   604  O OG1 . THR A 1 79  ? -0.464  15.161  -11.893 1.00 12.06  ? 89  THR A OG1 1 
ATOM   605  C CG2 . THR A 1 79  ? -0.207  16.150  -13.946 1.00 12.64  ? 89  THR A CG2 1 
ATOM   606  N N   . SER A 1 80  ? 1.175   17.506  -9.996  1.00 15.14  ? 90  SER A N   1 
ATOM   607  C CA  . SER A 1 80  ? 1.418   17.541  -8.576  1.00 16.12  ? 90  SER A CA  1 
ATOM   608  C C   . SER A 1 80  ? 0.712   16.353  -7.832  1.00 17.11  ? 90  SER A C   1 
ATOM   609  O O   . SER A 1 80  ? 1.252   15.791  -6.887  1.00 17.51  ? 90  SER A O   1 
ATOM   610  C CB  . SER A 1 80  ? 0.967   18.906  -8.094  1.00 18.13  ? 90  SER A CB  1 
ATOM   611  O OG  . SER A 1 80  ? 0.881   18.889  -6.733  1.00 23.42  ? 90  SER A OG  1 
ATOM   612  N N   . CYS A 1 81  ? -0.419  15.907  -8.345  1.00 17.07  ? 91  CYS A N   1 
ATOM   613  C CA  . CYS A 1 81  ? -1.076  14.717  -7.801  1.00 16.76  ? 91  CYS A CA  1 
ATOM   614  C C   . CYS A 1 81  ? -0.240  13.433  -7.966  1.00 15.60  ? 91  CYS A C   1 
ATOM   615  O O   . CYS A 1 81  ? -0.105  12.646  -7.028  1.00 16.31  ? 91  CYS A O   1 
ATOM   616  C CB  . CYS A 1 81  ? -2.453  14.530  -8.439  1.00 16.65  ? 91  CYS A CB  1 
ATOM   617  S SG  . CYS A 1 81  ? -3.796  15.384  -7.581  1.00 17.16  ? 91  CYS A SG  1 
ATOM   618  N N   . GLU A 1 82  ? 0.295   13.239  -9.163  1.00 14.51  ? 92  GLU A N   1 
ATOM   619  C CA  . GLU A 1 82  ? 1.057   12.042  -9.523  1.00 14.34  ? 92  GLU A CA  1 
ATOM   620  C C   . GLU A 1 82  ? 2.332   11.920  -8.647  1.00 15.15  ? 92  GLU A C   1 
ATOM   621  O O   . GLU A 1 82  ? 2.709   10.841  -8.205  1.00 14.77  ? 92  GLU A O   1 
ATOM   622  C CB  . GLU A 1 82  ? 1.381   12.117  -11.002 1.00 13.42  ? 92  GLU A CB  1 
ATOM   623  C CG  . GLU A 1 82  ? 0.144   11.819  -11.821 1.00 13.69  ? 92  GLU A CG  1 
ATOM   624  C CD  . GLU A 1 82  ? 0.266   12.256  -13.247 1.00 13.24  ? 92  GLU A CD  1 
ATOM   625  O OE1 . GLU A 1 82  ? 1.333   12.753  -13.584 1.00 13.81  ? 92  GLU A OE1 1 
ATOM   626  O OE2 . GLU A 1 82  ? -0.709  12.111  -14.016 1.00 13.34  ? 92  GLU A OE2 1 
ATOM   627  N N   . ASN A 1 83  ? 3.004   13.044  -8.416  1.00 15.37  ? 93  ASN A N   1 
ATOM   628  C CA  . ASN A 1 83  ? 4.171   13.083  -7.557  1.00 15.53  ? 93  ASN A CA  1 
ATOM   629  C C   . ASN A 1 83  ? 3.831   12.618  -6.169  1.00 15.69  ? 93  ASN A C   1 
ATOM   630  O O   . ASN A 1 83  ? 4.544   11.808  -5.635  1.00 14.78  ? 93  ASN A O   1 
ATOM   631  C CB  . ASN A 1 83  ? 4.683   14.495  -7.461  1.00 15.94  ? 93  ASN A CB  1 
ATOM   632  C CG  . ASN A 1 83  ? 5.348   14.936  -8.719  1.00 17.70  ? 93  ASN A CG  1 
ATOM   633  O OD1 . ASN A 1 83  ? 5.322   14.268  -9.730  1.00 18.71  ? 93  ASN A OD1 1 
ATOM   634  N ND2 . ASN A 1 83  ? 5.965   16.066  -8.659  1.00 21.76  ? 93  ASN A ND2 1 
ATOM   635  N N   . ARG A 1 84  ? 2.736   13.136  -5.596  1.00 15.41  ? 94  ARG A N   1 
ATOM   636  C CA  . ARG A 1 84  ? 2.289   12.757  -4.259  1.00 16.74  ? 94  ARG A CA  1 
ATOM   637  C C   . ARG A 1 84  ? 1.751   11.344  -4.122  1.00 16.74  ? 94  ARG A C   1 
ATOM   638  O O   . ARG A 1 84  ? 1.977   10.762  -3.115  1.00 19.87  ? 94  ARG A O   1 
ATOM   639  C CB  . ARG A 1 84  ? 1.339   13.797  -3.681  1.00 17.76  ? 94  ARG A CB  1 
ATOM   640  C CG  . ARG A 1 84  ? 1.984   15.205  -3.617  1.00 18.15  ? 94  ARG A CG  1 
ATOM   641  C CD  . ARG A 1 84  ? 0.883   16.255  -3.649  1.00 21.43  ? 94  ARG A CD  1 
ATOM   642  N NE  . ARG A 1 84  ? 0.387   16.429  -2.307  1.00 22.63  ? 94  ARG A NE  1 
ATOM   643  C CZ  . ARG A 1 84  ? -0.760  17.008  -1.996  1.00 27.19  ? 94  ARG A CZ  1 
ATOM   644  N NH1 . ARG A 1 84  ? -1.568  17.478  -2.948  1.00 25.19  ? 94  ARG A NH1 1 
ATOM   645  N NH2 . ARG A 1 84  ? -1.106  17.112  -0.705  1.00 28.55  ? 94  ARG A NH2 1 
ATOM   646  N N   . ILE A 1 85  ? 1.085   10.823  -5.125  1.00 15.15  ? 95  ILE A N   1 
ATOM   647  C CA  . ILE A 1 85  ? 0.646   9.476   -5.168  1.00 13.64  ? 95  ILE A CA  1 
ATOM   648  C C   . ILE A 1 85  ? 1.792   8.533   -5.286  1.00 14.09  ? 95  ILE A C   1 
ATOM   649  O O   . ILE A 1 85  ? 1.830   7.565   -4.628  1.00 15.25  ? 95  ILE A O   1 
ATOM   650  C CB  . ILE A 1 85  ? -0.349  9.238   -6.283  1.00 12.60  ? 95  ILE A CB  1 
ATOM   651  C CG1 . ILE A 1 85  ? -1.629  9.890   -5.910  1.00 13.39  ? 95  ILE A CG1 1 
ATOM   652  C CG2 . ILE A 1 85  ? -0.618  7.784   -6.449  1.00 12.99  ? 95  ILE A CG2 1 
ATOM   653  C CD1 . ILE A 1 85  ? -2.481  10.176  -7.066  1.00 15.12  ? 95  ILE A CD1 1 
ATOM   654  N N   . CYS A 1 86  ? 2.726   8.840   -6.139  1.00 13.49  ? 96  CYS A N   1 
ATOM   655  C CA  . CYS A 1 86  ? 3.990   8.045   -6.184  1.00 14.70  ? 96  CYS A CA  1 
ATOM   656  C C   . CYS A 1 86  ? 4.766   7.917   -4.827  1.00 15.57  ? 96  CYS A C   1 
ATOM   657  O O   . CYS A 1 86  ? 5.212   6.800   -4.509  1.00 16.93  ? 96  CYS A O   1 
ATOM   658  C CB  . CYS A 1 86  ? 4.957   8.564   -7.266  1.00 14.70  ? 96  CYS A CB  1 
ATOM   659  S SG  . CYS A 1 86  ? 6.413   7.549   -7.503  1.00 15.36  ? 96  CYS A SG  1 
ATOM   660  N N   . GLU A 1 87  ? 4.910   9.000   -4.037  1.00 13.98  ? 97  GLU A N   1 
ATOM   661  C CA  . GLU A 1 87  ? 5.527   8.930   -2.688  1.00 15.11  ? 97  GLU A CA  1 
ATOM   662  C C   . GLU A 1 87  ? 4.748   8.095   -1.685  1.00 15.77  ? 97  GLU A C   1 
ATOM   663  O O   . GLU A 1 87  ? 5.371   7.425   -0.853  1.00 16.87  ? 97  GLU A O   1 
ATOM   664  C CB  . GLU A 1 87  ? 5.835   10.330  -2.108  1.00 15.77  ? 97  GLU A CB  1 
ATOM   665  C CG  . GLU A 1 87  ? 6.759   11.163  -3.013  1.00 16.49  ? 97  GLU A CG  1 
ATOM   666  C CD  . GLU A 1 87  ? 8.187   10.739  -2.905  1.00 18.66  ? 97  GLU A CD  1 
ATOM   667  O OE1 . GLU A 1 87  ? 8.577   10.106  -1.898  1.00 20.01  ? 97  GLU A OE1 1 
ATOM   668  O OE2 . GLU A 1 87  ? 8.938   10.995  -3.855  1.00 22.86  ? 97  GLU A OE2 1 
ATOM   669  N N   . CYS A 1 88  ? 3.406   8.121   -1.725  1.00 14.78  ? 98  CYS A N   1 
ATOM   670  C CA  . CYS A 1 88  ? 2.619   7.251   -0.853  1.00 14.33  ? 98  CYS A CA  1 
ATOM   671  C C   . CYS A 1 88  ? 2.868   5.765   -1.108  1.00 14.91  ? 98  CYS A C   1 
ATOM   672  O O   . CYS A 1 88  ? 2.996   4.955   -0.132  1.00 17.45  ? 98  CYS A O   1 
ATOM   673  C CB  . CYS A 1 88  ? 1.125   7.537   -0.919  1.00 13.46  ? 98  CYS A CB  1 
ATOM   674  S SG  . CYS A 1 88  ? 0.597   9.128   -0.270  1.00 14.74  ? 98  CYS A SG  1 
ATOM   675  N N   . ASP A 1 89  ? 2.840   5.396   -2.390  1.00 13.86  ? 99  ASP A N   1 
ATOM   676  C CA  . ASP A 1 89  ? 3.058   4.016   -2.867  1.00 12.74  ? 99  ASP A CA  1 
ATOM   677  C C   . ASP A 1 89  ? 4.494   3.470   -2.651  1.00 12.35  ? 99  ASP A C   1 
ATOM   678  O O   . ASP A 1 89  ? 4.627   2.284   -2.320  1.00 12.83  ? 99  ASP A O   1 
ATOM   679  C CB  . ASP A 1 89  ? 2.776   3.976   -4.352  1.00 11.53  ? 99  ASP A CB  1 
ATOM   680  C CG  . ASP A 1 89  ? 1.336   4.093   -4.662  1.00 12.17  ? 99  ASP A CG  1 
ATOM   681  O OD1 . ASP A 1 89  ? 0.473   4.246   -3.748  1.00 12.85  ? 99  ASP A OD1 1 
ATOM   682  O OD2 . ASP A 1 89  ? 1.061   4.077   -5.857  1.00 12.12  ? 99  ASP A OD2 1 
ATOM   683  N N   . LYS A 1 90  ? 5.524   4.287   -2.951  1.00 11.60  ? 100 LYS A N   1 
ATOM   684  C CA  . LYS A 1 90  ? 6.926   3.946   -2.784  1.00 12.64  ? 100 LYS A CA  1 
ATOM   685  C C   . LYS A 1 90  ? 7.167   3.680   -1.291  1.00 13.37  ? 100 LYS A C   1 
ATOM   686  O O   . LYS A 1 90  ? 7.882   2.706   -0.968  1.00 14.91  ? 100 LYS A O   1 
ATOM   687  C CB  . LYS A 1 90  ? 7.837   5.092   -3.268  1.00 13.07  ? 100 LYS A CB  1 
ATOM   688  C CG  . LYS A 1 90  ? 9.231   5.117   -2.704  1.00 14.34  ? 100 LYS A CG  1 
ATOM   689  C CD  . LYS A 1 90  ? 9.865   6.472   -2.933  1.00 15.47  ? 100 LYS A CD  1 
ATOM   690  C CE  . LYS A 1 90  ? 11.337  6.299   -2.719  1.00 18.02  ? 100 LYS A CE  1 
ATOM   691  N NZ  . LYS A 1 90  ? 12.044  7.612   -2.820  1.00 21.53  ? 100 LYS A NZ  1 
ATOM   692  N N   . ALA A 1 91  ? 6.589   4.507   -0.396  1.00 12.17  ? 101 ALA A N   1 
ATOM   693  C CA  . ALA A 1 91  ? 6.662   4.276   1.032   1.00 12.29  ? 101 ALA A CA  1 
ATOM   694  C C   . ALA A 1 91  ? 6.018   2.979   1.424   1.00 13.39  ? 101 ALA A C   1 
ATOM   695  O O   . ALA A 1 91  ? 6.610   2.222   2.185   1.00 13.57  ? 101 ALA A O   1 
ATOM   696  C CB  . ALA A 1 91  ? 6.019   5.382   1.811   1.00 12.88  ? 101 ALA A CB  1 
ATOM   697  N N   . ALA A 1 92  ? 4.822   2.686   0.911   1.00 13.59  ? 102 ALA A N   1 
ATOM   698  C CA  . ALA A 1 92  ? 4.172   1.356   1.163   1.00 14.08  ? 102 ALA A CA  1 
ATOM   699  C C   . ALA A 1 92  ? 5.031   0.146   0.682   1.00 14.72  ? 102 ALA A C   1 
ATOM   700  O O   . ALA A 1 92  ? 5.180   -0.791  1.440   1.00 13.87  ? 102 ALA A O   1 
ATOM   701  C CB  . ALA A 1 92  ? 2.763   1.291   0.563   1.00 12.86  ? 102 ALA A CB  1 
ATOM   702  N N   . ALA A 1 93  ? 5.585   0.179   -0.546  1.00 15.10  ? 103 ALA A N   1 
ATOM   703  C CA  . ALA A 1 93  ? 6.406   -0.925  -1.074  1.00 14.87  ? 103 ALA A CA  1 
ATOM   704  C C   . ALA A 1 93  ? 7.630   -1.168  -0.171  1.00 15.50  ? 103 ALA A C   1 
ATOM   705  O O   . ALA A 1 93  ? 8.010   -2.319  0.099   1.00 14.71  ? 103 ALA A O   1 
ATOM   706  C CB  . ALA A 1 93  ? 6.860   -0.643  -2.486  1.00 14.12  ? 103 ALA A CB  1 
ATOM   707  N N   . ILE A 1 94  ? 8.254   -0.093  0.278   1.00 15.49  ? 104 ILE A N   1 
ATOM   708  C CA  . ILE A 1 94  ? 9.418   -0.189  1.163   1.00 15.98  ? 104 ILE A CA  1 
ATOM   709  C C   . ILE A 1 94  ? 8.964   -0.686  2.540   1.00 17.16  ? 104 ILE A C   1 
ATOM   710  O O   . ILE A 1 94  ? 9.594   -1.547  3.110   1.00 17.92  ? 104 ILE A O   1 
ATOM   711  C CB  . ILE A 1 94  ? 10.147  1.159   1.304   1.00 14.96  ? 104 ILE A CB  1 
ATOM   712  C CG1 . ILE A 1 94  ? 10.938  1.464   0.024   1.00 15.65  ? 104 ILE A CG1 1 
ATOM   713  C CG2 . ILE A 1 94  ? 11.056  1.160   2.552   1.00 15.97  ? 104 ILE A CG2 1 
ATOM   714  C CD1 . ILE A 1 94  ? 11.073  2.952   -0.163  1.00 16.03  ? 104 ILE A CD1 1 
ATOM   715  N N   . CYS A 1 95  ? 7.876   -0.149  3.089   1.00 16.30  ? 105 CYS A N   1 
ATOM   716  C CA  . CYS A 1 95  ? 7.283   -0.724  4.302   1.00 16.19  ? 105 CYS A CA  1 
ATOM   717  C C   . CYS A 1 95  ? 6.995   -2.240  4.203   1.00 17.51  ? 105 CYS A C   1 
ATOM   718  O O   . CYS A 1 95  ? 7.327   -2.965  5.158   1.00 19.40  ? 105 CYS A O   1 
ATOM   719  C CB  . CYS A 1 95  ? 6.057   0.057   4.733   1.00 15.55  ? 105 CYS A CB  1 
ATOM   720  S SG  . CYS A 1 95  ? 5.461   -0.299  6.359   1.00 17.92  ? 105 CYS A SG  1 
ATOM   721  N N   . PHE A 1 96  ? 6.430   -2.729  3.075   1.00 17.65  ? 106 PHE A N   1 
ATOM   722  C CA  . PHE A 1 96  ? 6.088   -4.148  2.887   1.00 17.33  ? 106 PHE A CA  1 
ATOM   723  C C   . PHE A 1 96  ? 7.388   -4.991  2.881   1.00 19.21  ? 106 PHE A C   1 
ATOM   724  O O   . PHE A 1 96  ? 7.442   -6.058  3.483   1.00 19.82  ? 106 PHE A O   1 
ATOM   725  C CB  . PHE A 1 96  ? 5.338   -4.366  1.552   1.00 16.82  ? 106 PHE A CB  1 
ATOM   726  C CG  . PHE A 1 96  ? 3.905   -3.897  1.529   1.00 14.80  ? 106 PHE A CG  1 
ATOM   727  C CD1 . PHE A 1 96  ? 3.143   -3.853  2.673   1.00 14.25  ? 106 PHE A CD1 1 
ATOM   728  C CD2 . PHE A 1 96  ? 3.314   -3.588  0.324   1.00 14.00  ? 106 PHE A CD2 1 
ATOM   729  C CE1 . PHE A 1 96  ? 1.816   -3.452  2.609   1.00 14.90  ? 106 PHE A CE1 1 
ATOM   730  C CE2 . PHE A 1 96  ? 1.997   -3.191  0.255   1.00 14.14  ? 106 PHE A CE2 1 
ATOM   731  C CZ  . PHE A 1 96  ? 1.237   -3.132  1.404   1.00 13.58  ? 106 PHE A CZ  1 
ATOM   732  N N   . ARG A 1 97  ? 8.415   -4.509  2.174   1.00 20.35  ? 107 ARG A N   1 
ATOM   733  C CA  . ARG A 1 97  ? 9.748   -5.125  2.103   1.00 20.81  ? 107 ARG A CA  1 
ATOM   734  C C   . ARG A 1 97  ? 10.364  -5.201  3.482   1.00 22.74  ? 107 ARG A C   1 
ATOM   735  O O   . ARG A 1 97  ? 10.938  -6.231  3.841   1.00 27.81  ? 107 ARG A O   1 
ATOM   736  C CB  . ARG A 1 97  ? 10.721  -4.312  1.201   1.00 20.73  ? 107 ARG A CB  1 
ATOM   737  C CG  . ARG A 1 97  ? 12.158  -4.800  1.227   1.00 20.01  ? 107 ARG A CG  1 
ATOM   738  C CD  . ARG A 1 97  ? 12.127  -6.212  0.704   1.00 20.30  ? 107 ARG A CD  1 
ATOM   739  N NE  . ARG A 1 97  ? 13.441  -6.755  0.601   1.00 25.02  ? 107 ARG A NE  1 
ATOM   740  C CZ  . ARG A 1 97  ? 14.033  -7.470  1.555   1.00 27.03  ? 107 ARG A CZ  1 
ATOM   741  N NH1 . ARG A 1 97  ? 15.261  -7.921  1.353   1.00 28.07  ? 107 ARG A NH1 1 
ATOM   742  N NH2 . ARG A 1 97  ? 13.414  -7.733  2.694   1.00 25.29  ? 107 ARG A NH2 1 
ATOM   743  N N   . GLN A 1 98  ? 10.284  -4.118  4.251   1.00 22.43  ? 108 GLN A N   1 
ATOM   744  C CA  . GLN A 1 98  ? 10.896  -4.043  5.587   1.00 22.77  ? 108 GLN A CA  1 
ATOM   745  C C   . GLN A 1 98  ? 10.259  -4.995  6.583   1.00 22.72  ? 108 GLN A C   1 
ATOM   746  O O   . GLN A 1 98  ? 10.875  -5.354  7.563   1.00 22.56  ? 108 GLN A O   1 
ATOM   747  C CB  . GLN A 1 98  ? 10.830  -2.628  6.129   1.00 23.95  ? 108 GLN A CB  1 
ATOM   748  C CG  . GLN A 1 98  ? 11.623  -2.380  7.394   1.00 29.25  ? 108 GLN A CG  1 
ATOM   749  C CD  . GLN A 1 98  ? 11.966  -0.909  7.541   1.00 32.84  ? 108 GLN A CD  1 
ATOM   750  O OE1 . GLN A 1 98  ? 13.086  -0.571  7.876   1.00 39.81  ? 108 GLN A OE1 1 
ATOM   751  N NE2 . GLN A 1 98  ? 11.015  -0.032  7.242   1.00 29.17  ? 108 GLN A NE2 1 
ATOM   752  N N   . ASN A 1 99  ? 9.029   -5.422  6.327   1.00 22.03  ? 109 ASN A N   1 
ATOM   753  C CA  . ASN A 1 99  ? 8.322   -6.338  7.224   1.00 21.37  ? 109 ASN A CA  1 
ATOM   754  C C   . ASN A 1 99  ? 7.976   -7.716  6.616   1.00 22.32  ? 109 ASN A C   1 
ATOM   755  O O   . ASN A 1 99  ? 7.066   -8.393  7.130   1.00 22.79  ? 109 ASN A O   1 
ATOM   756  C CB  . ASN A 1 99  ? 7.080   -5.647  7.771   1.00 19.82  ? 109 ASN A CB  1 
ATOM   757  C CG  . ASN A 1 99  ? 7.429   -4.446  8.621   1.00 21.00  ? 109 ASN A CG  1 
ATOM   758  O OD1 . ASN A 1 99  ? 7.928   -4.604  9.745   1.00 19.70  ? 109 ASN A OD1 1 
ATOM   759  N ND2 . ASN A 1 99  ? 7.166   -3.225  8.103   1.00 20.50  ? 109 ASN A ND2 1 
ATOM   760  N N   . LEU A 1 100 ? 8.681   -8.116  5.530   1.00 23.54  ? 110 LEU A N   1 
ATOM   761  C CA  . LEU A 1 100 ? 8.488   -9.436  4.880   1.00 24.47  ? 110 LEU A CA  1 
ATOM   762  C C   . LEU A 1 100 ? 8.658   -10.568 5.866   1.00 29.11  ? 110 LEU A C   1 
ATOM   763  O O   . LEU A 1 100 ? 7.960   -11.578 5.751   1.00 33.55  ? 110 LEU A O   1 
ATOM   764  C CB  . LEU A 1 100 ? 9.438   -9.654  3.721   1.00 22.85  ? 110 LEU A CB  1 
ATOM   765  C CG  . LEU A 1 100 ? 8.940   -9.398  2.293   1.00 22.16  ? 110 LEU A CG  1 
ATOM   766  C CD1 . LEU A 1 100 ? 10.018  -9.863  1.304   1.00 19.23  ? 110 LEU A CD1 1 
ATOM   767  C CD2 . LEU A 1 100 ? 7.618   -10.128 2.080   1.00 20.88  ? 110 LEU A CD2 1 
ATOM   768  N N   . ASN A 1 101 ? 9.561   -10.395 6.837   1.00 29.02  ? 111 ASN A N   1 
ATOM   769  C CA  . ASN A 1 101 ? 9.872   -11.431 7.841   1.00 30.78  ? 111 ASN A CA  1 
ATOM   770  C C   . ASN A 1 101 ? 8.663   -11.788 8.749   1.00 30.11  ? 111 ASN A C   1 
ATOM   771  O O   . ASN A 1 101 ? 8.592   -12.923 9.233   1.00 32.06  ? 111 ASN A O   1 
ATOM   772  C CB  . ASN A 1 101 ? 11.084  -11.029 8.743   1.00 30.76  ? 111 ASN A CB  1 
ATOM   773  C CG  . ASN A 1 101 ? 12.452  -11.128 8.043   1.00 34.33  ? 111 ASN A CG  1 
ATOM   774  O OD1 . ASN A 1 101 ? 13.421  -10.595 8.538   1.00 41.32  ? 111 ASN A OD1 1 
ATOM   775  N ND2 . ASN A 1 101 ? 12.533  -11.805 6.931   1.00 36.71  ? 111 ASN A ND2 1 
ATOM   776  N N   . THR A 1 102 ? 7.751   -10.837 9.019   1.00 26.27  ? 112 THR A N   1 
ATOM   777  C CA  . THR A 1 102 ? 6.608   -11.085 9.904   1.00 23.47  ? 112 THR A CA  1 
ATOM   778  C C   . THR A 1 102 ? 5.299   -11.252 9.109   1.00 24.70  ? 112 THR A C   1 
ATOM   779  O O   . THR A 1 102 ? 4.239   -11.388 9.704   1.00 25.02  ? 112 THR A O   1 
ATOM   780  C CB  . THR A 1 102 ? 6.384   -10.008 10.968  1.00 21.92  ? 112 THR A CB  1 
ATOM   781  O OG1 . THR A 1 102 ? 6.239   -8.759  10.308  1.00 22.20  ? 112 THR A OG1 1 
ATOM   782  C CG2 . THR A 1 102 ? 7.538   -9.930  11.937  1.00 23.20  ? 112 THR A CG2 1 
ATOM   783  N N   . TYR A 1 103 ? 5.370   -11.229 7.781   1.00 25.14  ? 113 TYR A N   1 
ATOM   784  C CA  . TYR A 1 103 ? 4.186   -11.419 6.948   1.00 26.62  ? 113 TYR A CA  1 
ATOM   785  C C   . TYR A 1 103 ? 3.619   -12.773 7.334   1.00 29.57  ? 113 TYR A C   1 
ATOM   786  O O   . TYR A 1 103 ? 4.347   -13.763 7.290   1.00 35.76  ? 113 TYR A O   1 
ATOM   787  C CB  . TYR A 1 103 ? 4.550   -11.362 5.429   1.00 23.50  ? 113 TYR A CB  1 
ATOM   788  C CG  . TYR A 1 103 ? 3.396   -11.591 4.528   1.00 22.55  ? 113 TYR A CG  1 
ATOM   789  C CD1 . TYR A 1 103 ? 2.890   -12.886 4.326   1.00 22.78  ? 113 TYR A CD1 1 
ATOM   790  C CD2 . TYR A 1 103 ? 2.786   -10.547 3.891   1.00 22.18  ? 113 TYR A CD2 1 
ATOM   791  C CE1 . TYR A 1 103 ? 1.803   -13.119 3.498   1.00 23.64  ? 113 TYR A CE1 1 
ATOM   792  C CE2 . TYR A 1 103 ? 1.673   -10.750 3.046   1.00 21.80  ? 113 TYR A CE2 1 
ATOM   793  C CZ  . TYR A 1 103 ? 1.184   -12.034 2.852   1.00 23.94  ? 113 TYR A CZ  1 
ATOM   794  O OH  . TYR A 1 103 ? 0.090   -12.279 2.029   1.00 22.12  ? 113 TYR A OH  1 
ATOM   795  N N   . SER A 1 104 ? 2.339   -12.800 7.721   1.00 31.19  ? 114 SER A N   1 
ATOM   796  C CA  . SER A 1 104 ? 1.596   -14.022 8.082   1.00 30.83  ? 114 SER A CA  1 
ATOM   797  C C   . SER A 1 104 ? 0.316   -14.336 7.229   1.00 33.41  ? 114 SER A C   1 
ATOM   798  O O   . SER A 1 104 ? -0.646  -13.561 7.214   1.00 32.67  ? 114 SER A O   1 
ATOM   799  C CB  . SER A 1 104 ? 1.215   -13.929 9.541   1.00 32.51  ? 114 SER A CB  1 
ATOM   800  O OG  . SER A 1 104 ? 1.092   -15.204 10.107  1.00 37.89  ? 114 SER A OG  1 
ATOM   801  N N   . LYS A 1 105 ? 0.325   -15.471 6.527   1.00 33.61  ? 115 LYS A N   1 
ATOM   802  C CA  . LYS A 1 105 ? -0.839  -16.034 5.826   1.00 33.94  ? 115 LYS A CA  1 
ATOM   803  C C   . LYS A 1 105 ? -2.099  -16.166 6.685   1.00 32.85  ? 115 LYS A C   1 
ATOM   804  O O   . LYS A 1 105 ? -3.191  -16.129 6.162   1.00 35.33  ? 115 LYS A O   1 
ATOM   805  C CB  . LYS A 1 105 ? -0.527  -17.433 5.255   1.00 36.43  ? 115 LYS A CB  1 
ATOM   806  C CG  . LYS A 1 105 ? 0.490   -17.470 4.141   1.00 39.97  ? 115 LYS A CG  1 
ATOM   807  C CD  . LYS A 1 105 ? 0.982   -18.893 3.922   1.00 41.84  ? 115 LYS A CD  1 
ATOM   808  C CE  . LYS A 1 105 ? 1.851   -18.979 2.689   1.00 41.92  ? 115 LYS A CE  1 
ATOM   809  N NZ  . LYS A 1 105 ? 1.879   -20.415 2.282   1.00 49.10  ? 115 LYS A NZ  1 
ATOM   810  N N   . LYS A 1 106 ? -1.969  -16.343 7.994   1.00 31.01  ? 116 LYS A N   1 
ATOM   811  C CA  . LYS A 1 106 ? -3.141  -16.339 8.870   1.00 29.63  ? 116 LYS A CA  1 
ATOM   812  C C   . LYS A 1 106 ? -4.066  -15.068 8.734   1.00 29.20  ? 116 LYS A C   1 
ATOM   813  O O   . LYS A 1 106 ? -5.217  -15.079 9.182   1.00 28.98  ? 116 LYS A O   1 
ATOM   814  C CB  . LYS A 1 106 ? -2.713  -16.655 10.340  1.00 29.31  ? 116 LYS A CB  1 
ATOM   815  C CG  . LYS A 1 106 ? -2.706  -15.513 11.344  1.00 34.07  ? 116 LYS A CG  1 
ATOM   816  C CD  . LYS A 1 106 ? -3.097  -15.966 12.755  1.00 36.45  ? 116 LYS A CD  1 
ATOM   817  C CE  . LYS A 1 106 ? -2.378  -15.211 13.856  1.00 38.42  ? 116 LYS A CE  1 
ATOM   818  N NZ  . LYS A 1 106 ? -1.009  -15.719 14.181  1.00 42.45  ? 116 LYS A NZ  1 
ATOM   819  N N   . TYR A 1 107 ? -3.522  -13.996 8.146   1.00 27.63  ? 117 TYR A N   1 
ATOM   820  C CA  . TYR A 1 107 ? -4.182  -12.674 7.961   1.00 26.44  ? 117 TYR A CA  1 
ATOM   821  C C   . TYR A 1 107 ? -4.705  -12.429 6.548   1.00 24.69  ? 117 TYR A C   1 
ATOM   822  O O   . TYR A 1 107 ? -5.328  -11.411 6.348   1.00 23.05  ? 117 TYR A O   1 
ATOM   823  C CB  . TYR A 1 107 ? -3.276  -11.483 8.371   1.00 23.48  ? 117 TYR A CB  1 
ATOM   824  C CG  . TYR A 1 107 ? -2.999  -11.446 9.845   1.00 24.24  ? 117 TYR A CG  1 
ATOM   825  C CD1 . TYR A 1 107 ? -4.038  -11.468 10.758  1.00 26.80  ? 117 TYR A CD1 1 
ATOM   826  C CD2 . TYR A 1 107 ? -1.698  -11.398 10.334  1.00 24.62  ? 117 TYR A CD2 1 
ATOM   827  C CE1 . TYR A 1 107 ? -3.795  -11.453 12.128  1.00 29.51  ? 117 TYR A CE1 1 
ATOM   828  C CE2 . TYR A 1 107 ? -1.428  -11.376 11.711  1.00 27.14  ? 117 TYR A CE2 1 
ATOM   829  C CZ  . TYR A 1 107 ? -2.485  -11.396 12.599  1.00 29.42  ? 117 TYR A CZ  1 
ATOM   830  O OH  . TYR A 1 107 ? -2.283  -11.377 13.950  1.00 31.11  ? 117 TYR A OH  1 
ATOM   831  N N   . MET A 1 108 ? -4.442  -13.326 5.587   1.00 25.55  ? 118 MET A N   1 
ATOM   832  C CA  . MET A 1 108 ? -5.060  -13.266 4.258   1.00 29.10  ? 118 MET A CA  1 
ATOM   833  C C   . MET A 1 108 ? -6.539  -13.617 4.375   1.00 30.36  ? 118 MET A C   1 
ATOM   834  O O   . MET A 1 108 ? -6.883  -14.560 5.103   1.00 30.34  ? 118 MET A O   1 
ATOM   835  C CB  . MET A 1 108 ? -4.403  -14.259 3.307   1.00 32.44  ? 118 MET A CB  1 
ATOM   836  C CG  . MET A 1 108 ? -3.205  -13.721 2.519   1.00 37.06  ? 118 MET A CG  1 
ATOM   837  S SD  . MET A 1 108 ? -2.394  -15.102 1.678   1.00 41.76  ? 118 MET A SD  1 
ATOM   838  C CE  . MET A 1 108 ? -3.546  -15.440 0.357   1.00 38.84  ? 118 MET A CE  1 
ATOM   839  N N   . LEU A 1 109 ? -7.404  -12.872 3.678   1.00 29.27  ? 119 LEU A N   1 
ATOM   840  C CA  . LEU A 1 109 ? -8.886  -13.127 3.685   1.00 29.24  ? 119 LEU A CA  1 
ATOM   841  C C   . LEU A 1 109 ? -9.492  -13.017 5.062   1.00 27.30  ? 119 LEU A C   1 
ATOM   842  O O   . LEU A 1 109 ? -10.470 -13.681 5.329   1.00 29.74  ? 119 LEU A O   1 
ATOM   843  C CB  . LEU A 1 109 ? -9.268  -14.519 3.117   1.00 29.39  ? 119 LEU A CB  1 
ATOM   844  C CG  . LEU A 1 109 ? -8.658  -15.015 1.830   1.00 27.30  ? 119 LEU A CG  1 
ATOM   845  C CD1 . LEU A 1 109 ? -9.193  -16.402 1.500   1.00 27.61  ? 119 LEU A CD1 1 
ATOM   846  C CD2 . LEU A 1 109 ? -9.104  -13.976 0.821   1.00 28.93  ? 119 LEU A CD2 1 
ATOM   847  N N   . TYR A 1 110 ? -8.916  -12.147 5.903   1.00 25.21  ? 120 TYR A N   1 
ATOM   848  C CA  . TYR A 1 110 ? -9.283  -11.932 7.335   1.00 22.68  ? 120 TYR A CA  1 
ATOM   849  C C   . TYR A 1 110 ? -10.713 -11.412 7.548   1.00 21.36  ? 120 TYR A C   1 
ATOM   850  O O   . TYR A 1 110 ? -11.115 -10.467 6.896   1.00 19.87  ? 120 TYR A O   1 
ATOM   851  C CB  . TYR A 1 110 ? -8.264  -10.962 7.955   1.00 20.14  ? 120 TYR A CB  1 
ATOM   852  C CG  . TYR A 1 110 ? -8.159  -10.974 9.451   1.00 19.82  ? 120 TYR A CG  1 
ATOM   853  C CD1 . TYR A 1 110 ? -7.507  -12.014 10.143  1.00 20.54  ? 120 TYR A CD1 1 
ATOM   854  C CD2 . TYR A 1 110 ? -8.652  -9.910  10.181  1.00 19.18  ? 120 TYR A CD2 1 
ATOM   855  C CE1 . TYR A 1 110 ? -7.420  -11.997 11.538  1.00 22.05  ? 120 TYR A CE1 1 
ATOM   856  C CE2 . TYR A 1 110 ? -8.542  -9.866  11.549  1.00 20.16  ? 120 TYR A CE2 1 
ATOM   857  C CZ  . TYR A 1 110 ? -7.953  -10.911 12.211  1.00 21.51  ? 120 TYR A CZ  1 
ATOM   858  O OH  . TYR A 1 110 ? -7.862  -10.803 13.540  1.00 24.41  ? 120 TYR A OH  1 
ATOM   859  N N   . PRO A 1 111 ? -11.497 -12.034 8.453   1.00 20.22  ? 121 PRO A N   1 
ATOM   860  C CA  . PRO A 1 111 ? -12.907 -11.652 8.539   1.00 19.86  ? 121 PRO A CA  1 
ATOM   861  C C   . PRO A 1 111 ? -13.029 -10.201 8.983   1.00 19.79  ? 121 PRO A C   1 
ATOM   862  O O   . PRO A 1 111 ? -12.345 -9.799  9.922   1.00 22.76  ? 121 PRO A O   1 
ATOM   863  C CB  . PRO A 1 111 ? -13.458 -12.545 9.647   1.00 19.29  ? 121 PRO A CB  1 
ATOM   864  C CG  . PRO A 1 111 ? -12.498 -13.625 9.819   1.00 21.06  ? 121 PRO A CG  1 
ATOM   865  C CD  . PRO A 1 111 ? -11.160 -13.117 9.378   1.00 20.45  ? 121 PRO A CD  1 
ATOM   866  N N   . ASP A 1 112 ? -13.923 -9.422  8.428   1.00 18.82  ? 122 ASP A N   1 
ATOM   867  C CA  . ASP A 1 112 ? -14.239 -8.075  8.916   1.00 18.22  ? 122 ASP A CA  1 
ATOM   868  C C   . ASP A 1 112 ? -14.534 -7.844  10.431  1.00 19.44  ? 122 ASP A C   1 
ATOM   869  O O   . ASP A 1 112 ? -14.029 -6.940  10.992  1.00 19.79  ? 122 ASP A O   1 
ATOM   870  C CB  . ASP A 1 112 ? -15.361 -7.507  8.035   1.00 19.03  ? 122 ASP A CB  1 
ATOM   871  C CG  . ASP A 1 112 ? -15.797 -6.106  8.404   1.00 20.13  ? 122 ASP A CG  1 
ATOM   872  O OD1 . ASP A 1 112 ? -16.542 -5.909  9.314   1.00 20.07  ? 122 ASP A OD1 1 
ATOM   873  O OD2 . ASP A 1 112 ? -15.443 -5.207  7.711   1.00 22.91  ? 122 ASP A OD2 1 
ATOM   874  N N   . PHE A 1 113 ? -15.376 -8.675  11.048  1.00 25.72  ? 124 PHE A N   1 
ATOM   875  C CA  . PHE A 1 113 ? -15.818 -8.601  12.449  1.00 23.96  ? 124 PHE A CA  1 
ATOM   876  C C   . PHE A 1 113 ? -14.688 -8.602  13.447  1.00 24.94  ? 124 PHE A C   1 
ATOM   877  O O   . PHE A 1 113 ? -14.836 -8.207  14.548  1.00 26.87  ? 124 PHE A O   1 
ATOM   878  C CB  . PHE A 1 113 ? -16.862 -9.698  12.813  1.00 21.45  ? 124 PHE A CB  1 
ATOM   879  C CG  . PHE A 1 113 ? -16.285 -11.042 13.187  1.00 20.76  ? 124 PHE A CG  1 
ATOM   880  C CD1 . PHE A 1 113 ? -15.718 -11.851 12.262  1.00 19.61  ? 124 PHE A CD1 1 
ATOM   881  C CD2 . PHE A 1 113 ? -16.330 -11.490 14.461  1.00 21.65  ? 124 PHE A CD2 1 
ATOM   882  C CE1 . PHE A 1 113 ? -15.211 -13.066 12.598  1.00 20.05  ? 124 PHE A CE1 1 
ATOM   883  C CE2 . PHE A 1 113 ? -15.828 -12.698 14.812  1.00 21.26  ? 124 PHE A CE2 1 
ATOM   884  C CZ  . PHE A 1 113 ? -15.246 -13.486 13.880  1.00 22.54  ? 124 PHE A CZ  1 
ATOM   885  N N   . LEU A 1 114 ? -13.548 -9.039  13.011  1.00 23.80  ? 125 LEU A N   1 
ATOM   886  C CA  . LEU A 1 114 ? -12.347 -9.091  13.893  1.00 24.12  ? 125 LEU A CA  1 
ATOM   887  C C   . LEU A 1 114 ? -11.530 -7.769  13.871  1.00 25.50  ? 125 LEU A C   1 
ATOM   888  O O   . LEU A 1 114 ? -10.598 -7.577  14.668  1.00 26.14  ? 125 LEU A O   1 
ATOM   889  C CB  . LEU A 1 114 ? -11.448 -10.351 13.659  1.00 23.75  ? 125 LEU A CB  1 
ATOM   890  C CG  . LEU A 1 114 ? -12.022 -11.739 14.039  1.00 23.98  ? 125 LEU A CG  1 
ATOM   891  C CD1 . LEU A 1 114 ? -11.106 -12.836 13.479  1.00 26.35  ? 125 LEU A CD1 1 
ATOM   892  C CD2 . LEU A 1 114 ? -12.281 -11.970 15.517  1.00 22.01  ? 125 LEU A CD2 1 
ATOM   893  N N   . CYS A 1 115 ? -11.898 -6.864  12.975  1.00 24.90  ? 126 CYS A N   1 
ATOM   894  C CA  . CYS A 1 115 ? -11.290 -5.570  12.899  1.00 27.25  ? 126 CYS A CA  1 
ATOM   895  C C   . CYS A 1 115 ? -12.036 -4.617  13.873  1.00 34.98  ? 126 CYS A C   1 
ATOM   896  O O   . CYS A 1 115 ? -13.030 -3.950  13.489  1.00 38.69  ? 126 CYS A O   1 
ATOM   897  C CB  . CYS A 1 115 ? -11.299 -5.113  11.425  1.00 22.17  ? 126 CYS A CB  1 
ATOM   898  S SG  . CYS A 1 115 ? -10.248 -6.241  10.479  1.00 20.09  ? 126 CYS A SG  1 
ATOM   899  N N   . LYS A 1 116 ? -11.553 -4.612  15.128  1.00 39.89  ? 127 LYS A N   1 
ATOM   900  C CA  . LYS A 1 116 ? -12.123 -3.888  16.286  1.00 44.63  ? 127 LYS A CA  1 
ATOM   901  C C   . LYS A 1 116 ? -11.191 -2.768  16.779  1.00 50.18  ? 127 LYS A C   1 
ATOM   902  O O   . LYS A 1 116 ? -9.961  -2.978  16.926  1.00 44.15  ? 127 LYS A O   1 
ATOM   903  C CB  . LYS A 1 116 ? -12.319 -4.833  17.489  1.00 50.15  ? 127 LYS A CB  1 
ATOM   904  C CG  . LYS A 1 116 ? -13.353 -5.949  17.345  1.00 60.63  ? 127 LYS A CG  1 
ATOM   905  C CD  . LYS A 1 116 ? -13.318 -6.952  18.507  1.00 64.61  ? 127 LYS A CD  1 
ATOM   906  C CE  . LYS A 1 116 ? -14.191 -8.168  18.198  1.00 71.86  ? 127 LYS A CE  1 
ATOM   907  N NZ  . LYS A 1 116 ? -14.532 -9.026  19.370  1.00 77.17  ? 127 LYS A NZ  1 
ATOM   908  N N   . GLY A 1 117 ? -11.779 -1.595  17.059  1.00 50.70  ? 128 GLY A N   1 
ATOM   909  C CA  . GLY A 1 117 ? -11.071 -0.519  17.753  1.00 48.06  ? 128 GLY A CA  1 
ATOM   910  C C   . GLY A 1 117 ? -11.013 0.726   16.910  1.00 51.47  ? 128 GLY A C   1 
ATOM   911  O O   . GLY A 1 117 ? -11.542 0.776   15.800  1.00 47.70  ? 128 GLY A O   1 
ATOM   912  N N   . GLU A 1 118 ? -10.382 1.757   17.442  1.00 57.53  ? 129 GLU A N   1 
ATOM   913  C CA  . GLU A 1 118 ? -10.290 3.010   16.710  1.00 60.74  ? 129 GLU A CA  1 
ATOM   914  C C   . GLU A 1 118 ? -8.809  3.416   16.575  1.00 57.97  ? 129 GLU A C   1 
ATOM   915  O O   . GLU A 1 118 ? -8.079  3.401   17.570  1.00 62.47  ? 129 GLU A O   1 
ATOM   916  C CB  . GLU A 1 118 ? -11.120 4.083   17.424  1.00 62.30  ? 129 GLU A CB  1 
ATOM   917  C CG  . GLU A 1 118 ? -11.548 5.243   16.543  1.00 72.89  ? 129 GLU A CG  1 
ATOM   918  C CD  . GLU A 1 118 ? -11.789 6.517   17.340  1.00 80.46  ? 129 GLU A CD  1 
ATOM   919  O OE1 . GLU A 1 118 ? -12.314 6.433   18.479  1.00 79.01  ? 129 GLU A OE1 1 
ATOM   920  O OE2 . GLU A 1 118 ? -11.461 7.611   16.818  1.00 84.85  ? 129 GLU A OE2 1 
ATOM   921  N N   . LEU A 1 119 ? -8.359  3.721   15.352  1.00 48.10  ? 130 LEU A N   1 
ATOM   922  C CA  . LEU A 1 119 ? -7.044  4.367   15.132  1.00 43.56  ? 130 LEU A CA  1 
ATOM   923  C C   . LEU A 1 119 ? -7.245  5.543   14.136  1.00 42.70  ? 130 LEU A C   1 
ATOM   924  O O   . LEU A 1 119 ? -7.734  5.348   13.014  1.00 36.38  ? 130 LEU A O   1 
ATOM   925  C CB  . LEU A 1 119 ? -5.910  3.359   14.734  1.00 39.46  ? 130 LEU A CB  1 
ATOM   926  C CG  . LEU A 1 119 ? -4.421  3.816   14.655  1.00 41.46  ? 130 LEU A CG  1 
ATOM   927  C CD1 . LEU A 1 119 ? -3.848  4.257   15.999  1.00 38.85  ? 130 LEU A CD1 1 
ATOM   928  C CD2 . LEU A 1 119 ? -3.462  2.849   13.979  1.00 37.27  ? 130 LEU A CD2 1 
ATOM   929  N N   . LYS A 1 120 ? -6.817  6.746   14.514  1.00 44.26  ? 131 LYS A N   1 
ATOM   930  C CA  . LYS A 1 120 ? -6.800  7.935   13.671  1.00 39.91  ? 131 LYS A CA  1 
ATOM   931  C C   . LYS A 1 120 ? -5.534  8.030   12.849  1.00 33.37  ? 131 LYS A C   1 
ATOM   932  O O   . LYS A 1 120 ? -4.520  7.655   13.334  1.00 29.26  ? 131 LYS A O   1 
ATOM   933  C CB  . LYS A 1 120 ? -6.858  9.170   14.535  1.00 42.19  ? 131 LYS A CB  1 
ATOM   934  C CG  . LYS A 1 120 ? -8.224  9.617   14.928  1.00 51.05  ? 131 LYS A CG  1 
ATOM   935  C CD  . LYS A 1 120 ? -8.198  10.286  16.277  1.00 58.42  ? 131 LYS A CD  1 
ATOM   936  C CE  . LYS A 1 120 ? -9.309  9.798   17.170  1.00 62.57  ? 131 LYS A CE  1 
ATOM   937  N NZ  . LYS A 1 120 ? -8.926  9.969   18.589  1.00 66.06  ? 131 LYS A NZ  1 
ATOM   938  N N   . CYS A 1 121 ? -5.438  8.821   11.689  1.00 23.84  ? 133 CYS A N   1 
ATOM   939  C CA  . CYS A 1 121 ? -4.255  9.076   10.876  1.00 22.71  ? 133 CYS A CA  1 
ATOM   940  C C   . CYS A 1 121 ? -3.401  10.186  11.479  1.00 25.69  ? 133 CYS A C   1 
ATOM   941  O O   . CYS A 1 121 ? -3.921  11.124  12.083  1.00 26.85  ? 133 CYS A O   1 
ATOM   942  C CB  . CYS A 1 121 ? -4.654  9.438   9.445   1.00 20.89  ? 133 CYS A CB  1 
ATOM   943  S SG  . CYS A 1 121 ? -5.448  8.097   8.528   1.00 20.61  ? 133 CYS A SG  1 
ATOM   944  O OXT . CYS A 1 121 ? -2.194  10.088  11.492  1.00 27.12  ? 133 CYS A OXT 1 
ATOM   945  N N   . ALA B 2 1   ? -2.227  -5.721  -8.648  1.00 66.17  ? 3   ALA P N   1 
ATOM   946  C CA  . ALA B 2 1   ? -2.956  -4.469  -8.814  1.00 73.30  ? 3   ALA P CA  1 
ATOM   947  C C   . ALA B 2 1   ? -3.404  -3.767  -7.537  1.00 73.95  ? 3   ALA P C   1 
ATOM   948  O O   . ALA B 2 1   ? -2.821  -2.760  -7.133  1.00 70.54  ? 3   ALA P O   1 
ATOM   949  C CB  . ALA B 2 1   ? -4.204  -4.690  -9.654  1.00 66.17  ? 3   ALA P CB  1 
ATOM   950  N N   . TYR B 2 2   ? -4.442  -4.304  -6.905  1.00 71.34  ? 4   TYR P N   1 
ATOM   951  C CA  . TYR B 2 2   ? -4.917  -3.791  -5.581  1.00 68.94  ? 4   TYR P CA  1 
ATOM   952  C C   . TYR B 2 2   ? -3.933  -3.548  -4.391  1.00 69.47  ? 4   TYR P C   1 
ATOM   953  O O   . TYR B 2 2   ? -2.701  -3.739  -4.500  1.00 63.92  ? 4   TYR P O   1 
ATOM   954  C CB  . TYR B 2 2   ? -6.226  -4.504  -5.148  1.00 68.66  ? 4   TYR P CB  1 
ATOM   955  C CG  . TYR B 2 2   ? -7.433  -3.783  -5.688  1.00 71.09  ? 4   TYR P CG  1 
ATOM   956  C CD1 . TYR B 2 2   ? -8.042  -2.759  -4.937  1.00 72.05  ? 4   TYR P CD1 1 
ATOM   957  C CD2 . TYR B 2 2   ? -7.927  -4.067  -6.978  1.00 68.60  ? 4   TYR P CD2 1 
ATOM   958  C CE1 . TYR B 2 2   ? -9.124  -2.055  -5.442  1.00 74.96  ? 4   TYR P CE1 1 
ATOM   959  C CE2 . TYR B 2 2   ? -9.010  -3.372  -7.498  1.00 66.32  ? 4   TYR P CE2 1 
ATOM   960  C CZ  . TYR B 2 2   ? -9.604  -2.369  -6.729  1.00 77.75  ? 4   TYR P CZ  1 
ATOM   961  O OH  . TYR B 2 2   ? -10.683 -1.673  -7.223  1.00 77.46  ? 4   TYR P OH  1 
ATOM   962  N N   . LYS B 2 3   ? -4.519  -3.124  -3.265  1.00 70.02  ? 5   LYS P N   1 
ATOM   963  C CA  . LYS B 2 3   ? -3.846  -2.287  -2.240  1.00 69.68  ? 5   LYS P CA  1 
ATOM   964  C C   . LYS B 2 3   ? -3.740  -0.786  -2.679  1.00 75.41  ? 5   LYS P C   1 
ATOM   965  O O   . LYS B 2 3   ? -3.684  0.171   -1.882  1.00 72.04  ? 5   LYS P O   1 
ATOM   966  C CB  . LYS B 2 3   ? -2.469  -2.836  -1.833  1.00 58.49  ? 5   LYS P CB  1 
ATOM   967  C CG  . LYS B 2 3   ? -2.119  -2.643  -0.363  1.00 52.21  ? 5   LYS P CG  1 
ATOM   968  C CD  . LYS B 2 3   ? -3.123  -1.745  0.346   1.00 48.43  ? 5   LYS P CD  1 
ATOM   969  C CE  . LYS B 2 3   ? -2.571  -0.375  0.692   1.00 45.70  ? 5   LYS P CE  1 
ATOM   970  N NZ  . LYS B 2 3   ? -3.567  0.218   1.642   1.00 45.71  ? 5   LYS P NZ  1 
ATOM   971  O OXT . LYS B 2 3   ? -3.710  -0.459  -3.872  1.00 76.61  ? 5   LYS P OXT 1 
HETATM 972  O O   . HOH C 3 .   ? 0.127   19.719  -11.081 1.00 12.01  ? 201 HOH A O   1 
HETATM 973  O O   . HOH C 3 .   ? 3.609   -8.246  9.120   1.00 13.66  ? 202 HOH A O   1 
HETATM 974  O O   . HOH C 3 .   ? -1.306  4.596   -7.359  1.00 15.33  ? 203 HOH A O   1 
HETATM 975  O O   . HOH C 3 .   ? 2.887   2.699   3.988   1.00 6.87   ? 204 HOH A O   1 
HETATM 976  O O   . HOH C 3 .   ? 4.597   -7.685  13.133  1.00 20.44  ? 205 HOH A O   1 
HETATM 977  O O   . HOH C 3 .   ? -3.105  14.408  -12.193 1.00 12.21  ? 206 HOH A O   1 
HETATM 978  O O   . HOH C 3 .   ? -3.195  14.055  -15.153 1.00 16.66  ? 207 HOH A O   1 
HETATM 979  O O   . HOH C 3 .   ? 2.538   5.084   2.711   1.00 15.17  ? 208 HOH A O   1 
HETATM 980  O O   . HOH C 3 .   ? 2.729   12.193  -0.863  1.00 22.56  ? 209 HOH A O   1 
HETATM 981  O O   . HOH C 3 .   ? 7.576   -0.611  9.108   1.00 22.70  ? 210 HOH A O   1 
HETATM 982  O O   . HOH C 3 .   ? -0.743  12.222  11.841  1.00 16.81  ? 211 HOH A O   1 
HETATM 983  O O   . HOH C 3 .   ? -7.201  14.374  -9.916  1.00 17.24  ? 212 HOH A O   1 
HETATM 984  O O   . HOH C 3 .   ? 5.006   -7.564  4.101   1.00 16.79  ? 213 HOH A O   1 
HETATM 985  O O   . HOH C 3 .   ? 4.949   8.626   2.027   1.00 17.99  ? 214 HOH A O   1 
HETATM 986  O O   . HOH C 3 .   ? 11.324  -8.694  10.401  1.00 44.70  ? 215 HOH A O   1 
HETATM 987  O O   . HOH C 3 .   ? -5.641  16.956  -2.886  1.00 19.98  ? 216 HOH A O   1 
HETATM 988  O O   . HOH C 3 .   ? -4.953  12.384  -9.480  1.00 18.88  ? 217 HOH A O   1 
HETATM 989  O O   . HOH C 3 .   ? -5.155  -6.044  16.517  1.00 42.17  ? 218 HOH A O   1 
HETATM 990  O O   . HOH C 3 .   ? 8.060   7.899   0.145   1.00 20.26  ? 219 HOH A O   1 
HETATM 991  O O   . HOH C 3 .   ? 11.819  6.401   -16.600 1.00 42.59  ? 220 HOH A O   1 
HETATM 992  O O   . HOH C 3 .   ? 17.870  -1.124  -11.877 1.00 43.85  ? 221 HOH A O   1 
HETATM 993  O O   . HOH C 3 .   ? 11.240  9.571   -5.475  1.00 20.89  ? 222 HOH A O   1 
HETATM 994  O O   . HOH C 3 .   ? -3.224  8.972   -15.839 1.00 32.10  ? 223 HOH A O   1 
HETATM 995  O O   . HOH C 3 .   ? 11.231  9.625   -1.115  1.00 39.06  ? 224 HOH A O   1 
HETATM 996  O O   . HOH C 3 .   ? 8.010   13.307  -8.527  1.00 36.68  ? 225 HOH A O   1 
HETATM 997  O O   . HOH C 3 .   ? 11.375  13.537  -14.422 1.00 35.37  ? 226 HOH A O   1 
HETATM 998  O O   . HOH C 3 .   ? 8.412   0.865   7.321   1.00 15.32  ? 227 HOH A O   1 
HETATM 999  O O   . HOH C 3 .   ? 4.793   -0.858  9.710   1.00 23.61  ? 228 HOH A O   1 
HETATM 1000 O O   . HOH C 3 .   ? 8.747   -2.240  11.130  1.00 39.42  ? 229 HOH A O   1 
HETATM 1001 O O   . HOH C 3 .   ? 8.232   -6.900  10.881  1.00 18.49  ? 230 HOH A O   1 
HETATM 1002 O O   . HOH C 3 .   ? -19.070 -0.674  -1.703  1.00 56.19  ? 231 HOH A O   1 
HETATM 1003 O O   . HOH C 3 .   ? 2.457   -11.098 11.662  1.00 29.23  ? 232 HOH A O   1 
HETATM 1004 O O   . HOH C 3 .   ? -3.579  7.889   15.912  1.00 42.46  ? 233 HOH A O   1 
HETATM 1005 O O   . HOH C 3 .   ? -6.914  5.006   7.918   1.00 33.32  ? 234 HOH A O   1 
HETATM 1006 O O   . HOH C 3 .   ? -1.851  17.541  -5.518  1.00 30.98  ? 235 HOH A O   1 
HETATM 1007 O O   . HOH C 3 .   ? 15.398  -2.069  7.394   1.00 53.59  ? 236 HOH A O   1 
HETATM 1008 O O   . HOH C 3 .   ? -7.493  -16.061 11.187  1.00 46.29  ? 237 HOH A O   1 
HETATM 1009 O O   . HOH C 3 .   ? 5.482   19.354  -10.851 1.00 50.90  ? 238 HOH A O   1 
HETATM 1010 O O   . HOH C 3 .   ? 4.693   -0.933  12.273  1.00 23.63  ? 239 HOH A O   1 
HETATM 1011 O O   . HOH C 3 .   ? 13.863  -10.053 3.929   1.00 43.82  ? 240 HOH A O   1 
HETATM 1012 O O   . HOH C 3 .   ? 5.512   10.957  -9.996  1.00 34.33  ? 241 HOH A O   1 
HETATM 1013 O O   . HOH C 3 .   ? 1.169   -14.671 0.237   1.00 56.42  ? 242 HOH A O   1 
HETATM 1014 O O   . HOH C 3 .   ? 9.854   21.091  -15.043 1.00 39.59  ? 243 HOH A O   1 
HETATM 1015 O O   . HOH C 3 .   ? -2.571  17.657  -9.431  1.00 31.40  ? 244 HOH A O   1 
HETATM 1016 O O   . HOH C 3 .   ? -5.924  4.607   -16.364 1.00 52.60  ? 245 HOH A O   1 
HETATM 1017 O O   . HOH C 3 .   ? 13.369  -1.379  0.118   1.00 35.69  ? 246 HOH A O   1 
HETATM 1018 O O   . HOH C 3 .   ? 4.582   20.092  -13.102 1.00 49.79  ? 247 HOH A O   1 
HETATM 1019 O O   . HOH C 3 .   ? 19.645  0.916   -12.073 1.00 49.65  ? 248 HOH A O   1 
HETATM 1020 O O   . HOH C 3 .   ? 3.811   7.069   3.920   1.00 13.88  ? 249 HOH A O   1 
HETATM 1021 O O   . HOH C 3 .   ? -6.473  18.338  -7.761  1.00 26.29  ? 250 HOH A O   1 
HETATM 1022 O O   . HOH C 3 .   ? 14.591  9.831   -15.680 1.00 43.94  ? 251 HOH A O   1 
HETATM 1023 O O   . HOH C 3 .   ? 9.404   14.093  -16.070 1.00 38.16  ? 252 HOH A O   1 
HETATM 1024 O O   . HOH C 3 .   ? 20.013  -3.154  -11.703 1.00 66.56  ? 253 HOH A O   1 
HETATM 1025 O O   . HOH C 3 .   ? 13.603  2.979   -2.644  1.00 31.15  ? 254 HOH A O   1 
HETATM 1026 O O   . HOH C 3 .   ? 4.462   18.073  -6.300  1.00 49.80  ? 255 HOH A O   1 
HETATM 1027 O O   . HOH C 3 .   ? 9.430   5.353   -16.192 1.00 56.10  ? 256 HOH A O   1 
HETATM 1028 O O   . HOH C 3 .   ? 4.946   10.699  -12.841 1.00 26.74  ? 257 HOH A O   1 
HETATM 1029 O O   . HOH C 3 .   ? 23.520  1.286   -5.394  1.00 48.80  ? 258 HOH A O   1 
HETATM 1030 O O   . HOH C 3 .   ? 3.377   -9.786  13.819  1.00 35.02  ? 259 HOH A O   1 
HETATM 1031 O O   . HOH C 3 .   ? 2.642   -17.611 10.487  1.00 67.96  ? 260 HOH A O   1 
HETATM 1032 O O   . HOH C 3 .   ? 13.959  0.175   -2.905  1.00 32.29  ? 261 HOH A O   1 
HETATM 1033 O O   . HOH C 3 .   ? -6.219  7.135   17.192  1.00 43.02  ? 262 HOH A O   1 
HETATM 1034 O O   . HOH C 3 .   ? 12.602  15.398  -13.449 1.00 54.21  ? 263 HOH A O   1 
HETATM 1035 O O   . HOH C 3 .   ? 11.196  -0.975  -12.413 1.00 34.81  ? 264 HOH A O   1 
HETATM 1036 O O   . HOH C 3 .   ? -17.062 -0.758  0.697   1.00 44.42  ? 265 HOH A O   1 
HETATM 1037 O O   . HOH C 3 .   ? -11.808 -4.715  7.035   1.00 38.31  ? 266 HOH A O   1 
HETATM 1038 O O   . HOH C 3 .   ? -2.222  -12.078 -9.292  1.00 45.91  ? 267 HOH A O   1 
HETATM 1039 O O   . HOH C 3 .   ? -17.489 -5.006  13.434  1.00 62.22  ? 268 HOH A O   1 
HETATM 1040 O O   . HOH C 3 .   ? 12.510  3.852   -16.768 1.00 40.63  ? 269 HOH A O   1 
HETATM 1041 O O   . HOH C 3 .   ? -8.073  5.851   1.827   1.00 39.26  ? 270 HOH A O   1 
HETATM 1042 O O   . HOH C 3 .   ? 2.388   -2.088  -14.990 1.00 49.93  ? 271 HOH A O   1 
HETATM 1043 O O   . HOH C 3 .   ? -7.133  1.595   -11.906 1.00 49.80  ? 272 HOH A O   1 
HETATM 1044 O O   . HOH C 3 .   ? -12.098 9.015   -6.323  1.00 60.03  ? 273 HOH A O   1 
HETATM 1045 O O   . HOH C 3 .   ? -19.575 -3.154  12.991  1.00 62.11  ? 274 HOH A O   1 
HETATM 1046 O O   . HOH C 3 .   ? 9.149   0.797   10.913  1.00 45.62  ? 275 HOH A O   1 
HETATM 1047 O O   . HOH C 3 .   ? 12.218  12.102  -7.019  1.00 64.74  ? 276 HOH A O   1 
HETATM 1048 O O   . HOH C 3 .   ? 1.954   -7.315  -7.907  1.00 30.91  ? 277 HOH A O   1 
HETATM 1049 O O   . HOH C 3 .   ? -8.418  -5.170  15.043  1.00 26.19  ? 278 HOH A O   1 
HETATM 1050 O O   . HOH C 3 .   ? 10.331  14.309  -8.204  1.00 67.42  ? 279 HOH A O   1 
HETATM 1051 O O   . HOH C 3 .   ? -8.273  -6.020  4.586   1.00 22.39  ? 280 HOH A O   1 
HETATM 1052 O O   . HOH C 3 .   ? 8.393   -13.591 -8.156  1.00 57.38  ? 281 HOH A O   1 
HETATM 1053 O O   . HOH C 3 .   ? 12.200  -8.299  6.199   1.00 54.90  ? 282 HOH A O   1 
HETATM 1054 O O   . HOH C 3 .   ? -9.038  3.537   6.268   1.00 62.20  ? 283 HOH A O   1 
HETATM 1055 O O   . HOH C 3 .   ? -18.571 -7.214  11.133  1.00 48.00  ? 284 HOH A O   1 
HETATM 1056 O O   . HOH C 3 .   ? -14.738 -2.990  1.950   1.00 68.59  ? 285 HOH A O   1 
HETATM 1057 O O   . HOH C 3 .   ? 2.472   19.019  -2.557  1.00 44.98  ? 286 HOH A O   1 
HETATM 1058 O O   . HOH C 3 .   ? 2.561   -13.927 -4.528  1.00 49.74  ? 287 HOH A O   1 
HETATM 1059 O O   . HOH C 3 .   ? -10.144 11.052  -3.644  1.00 55.05  ? 288 HOH A O   1 
HETATM 1060 O O   . HOH C 3 .   ? -7.066  3.034   -14.264 1.00 49.29  ? 289 HOH A O   1 
HETATM 1061 O O   . HOH C 3 .   ? -10.087 4.209   3.221   1.00 50.79  ? 290 HOH A O   1 
HETATM 1062 O O   . HOH C 3 .   ? -15.023 9.190   -7.558  1.00 52.47  ? 291 HOH A O   1 
HETATM 1063 O O   . HOH C 3 .   ? -19.188 -0.102  -4.400  1.00 49.14  ? 292 HOH A O   1 
HETATM 1064 O O   . HOH C 3 .   ? 14.938  2.469   -14.602 1.00 46.20  ? 293 HOH A O   1 
HETATM 1065 O O   . HOH C 3 .   ? -4.904  11.517  6.449   1.00 37.13  ? 294 HOH A O   1 
HETATM 1066 O O   . HOH C 3 .   ? -7.166  -12.947 14.703  1.00 34.24  ? 295 HOH A O   1 
HETATM 1067 O O   . HOH C 3 .   ? -6.706  -2.863  20.181  1.00 53.36  ? 296 HOH A O   1 
HETATM 1068 O O   . HOH C 3 .   ? -8.603  7.502   -0.275  1.00 40.57  ? 297 HOH A O   1 
HETATM 1069 O O   . HOH D 3 .   ? -12.715 -3.021  -9.080  1.00 55.70  ? 101 HOH P O   1 
# 
